data_5BWE
#
_entry.id   5BWE
#
_cell.length_a   141.534
_cell.length_b   115.360
_cell.length_c   121.701
_cell.angle_alpha   90.00
_cell.angle_beta   90.00
_cell.angle_gamma   90.00
#
_symmetry.space_group_name_H-M   'P 21 21 2'
#
loop_
_entity.id
_entity.type
_entity.pdbx_description
1 polymer 'benzylsuccinate synthase alpha chain'
2 polymer 'benzylsuccinate synthase beta chain'
3 polymer 'benzylsuccinate synthase gamma chain'
4 non-polymer 'FUMARIC ACID'
5 non-polymer TOLUENE
6 non-polymer 'IRON/SULFUR CLUSTER'
#
loop_
_entity_poly.entity_id
_entity_poly.type
_entity_poly.pdbx_seq_one_letter_code
_entity_poly.pdbx_strand_id
1 'polypeptide(L)'
;MNDIVSAKVLEYKGKKLNFTPEDPAEETIPADELHEHLQKPSTARTKRLKERCRWKHASAGEFIEKSVTAGIERMRYLTE
AHKASEGKPEAIRRALGLANVLNKSTLVLQEDEFIVGYHAEDPNMFPLYPELSHMAVQDYLRSDYSPQPADEAAAINEYW
KPHSLQSKCQPYFDPADLGRMYQVSSMEAPSFASGYNSIVPPYETVLEDGLLARIKLAEKHIAEAQADMSTFPWNGTKGL
DNIAKIDNWKAMVIACKAVISWARRQGRLCKIVAENFETDPKRQAELLEIADICQRIPAEPCKGLKDAMQAKFFTFLICH
AIERYASGYAQKEDTLLWPYYKASVVDKKFQPMSHMDAVELVEMERLKISEHGAGKSRAYREIFPGSNDLFILTVGGTNA
KGEDACNDMTDAILEAAKRIRTAEPSIVFRYSKKNREKTLRWVFECIRDGLGYPSIKHDEIGTEQMKEYAKFSLNGNGAT
DEEAHNWVNVLCMSPGIHGRRKTQKTRSEGGGSIFPAKLLEISLNDGYDWSYADMQLGPKTGDLSSLKSFEDVWEAFRKQ
YQYAINLCISTKDVSRYFEQRFLQMPFVSAIDDGCMELGMDACALSEQPNGWHNPITTIVAANSLVAIKKLVFEEKKYTL
EQLSQALKANWEGFEEMRVDFKRAPKWGNDDDYADGIITRFYEEIIGGEMRKITNYSGGPVMPTGQAVGLYMEVGSRTGP
TPDGRFGGEAADDGGISPYMGTDKKGPTAVLRSVSKVQKNQKGNLLNQRLSVPIMRSKHGFEIWNSYIKTWHDLNIDHVQ
FNVVSTDEMRAAQREPEKHHDLIVRVSGYSARFVDIPTYGQNTIIARQEQDFSASDLEFLNVEISGTGSGSSHHHHHH
;
A,D
2 'polypeptide(L)'
;MEGSNMETGQNLQNQPHTEVGTARPCRSCKWQTPDPTDPHRGQCTANRHAMGGVWKRWLRDVENTTCSRHEEGKLSFRDH
V
;
B,F
3 'polypeptide(L)' MGTTTCKQCANFFPVPKDADDYEAGKADCVREKEDEKGKYWLSKPIFENSAQCEAFQTKR C,G
#
loop_
_chem_comp.id
_chem_comp.type
_chem_comp.name
_chem_comp.formula
FUM non-polymer 'FUMARIC ACID' 'C4 H4 O4'
MBN non-polymer TOLUENE 'C7 H8'
SF4 non-polymer 'IRON/SULFUR CLUSTER' 'Fe4 S4'
#
# COMPACT_ATOMS: atom_id res chain seq x y z
N LYS A 8 -33.64 48.41 33.26
CA LYS A 8 -34.57 49.49 32.93
C LYS A 8 -33.85 50.83 32.94
N VAL A 9 -33.35 51.25 34.10
CA VAL A 9 -32.65 52.52 34.21
C VAL A 9 -31.32 52.36 34.93
N LEU A 10 -30.29 53.01 34.41
CA LEU A 10 -28.96 52.97 35.02
C LEU A 10 -28.32 54.36 34.98
N GLU A 11 -27.68 54.76 36.06
CA GLU A 11 -26.94 56.02 36.09
C GLU A 11 -25.46 55.81 35.81
N TYR A 12 -24.93 56.56 34.85
CA TYR A 12 -23.57 56.38 34.36
C TYR A 12 -22.96 57.70 33.93
N LYS A 13 -21.90 58.11 34.64
CA LYS A 13 -21.18 59.34 34.35
C LYS A 13 -22.10 60.57 34.28
N GLY A 14 -23.01 60.65 35.24
CA GLY A 14 -23.93 61.78 35.34
C GLY A 14 -25.01 61.82 34.29
N LYS A 15 -25.31 60.65 33.71
CA LYS A 15 -26.47 60.51 32.84
C LYS A 15 -27.36 59.38 33.35
N LYS A 16 -28.65 59.43 33.01
CA LYS A 16 -29.54 58.32 33.32
C LYS A 16 -29.83 57.56 32.03
N LEU A 17 -29.30 56.35 31.92
CA LEU A 17 -29.50 55.55 30.72
C LEU A 17 -30.83 54.80 30.79
N ASN A 18 -31.59 54.89 29.70
CA ASN A 18 -32.89 54.26 29.61
C ASN A 18 -32.82 53.08 28.65
N PHE A 19 -33.13 51.88 29.15
CA PHE A 19 -32.96 50.68 28.36
C PHE A 19 -34.27 50.23 27.74
N THR A 20 -34.91 51.16 27.03
CA THR A 20 -36.16 50.87 26.34
C THR A 20 -35.80 50.37 24.93
N PRO A 21 -36.59 49.44 24.38
CA PRO A 21 -36.22 48.84 23.09
C PRO A 21 -36.23 49.85 21.95
N GLU A 22 -35.39 49.61 20.94
CA GLU A 22 -35.31 50.49 19.79
C GLU A 22 -36.62 50.54 19.00
N ASP A 23 -37.25 49.38 18.83
CA ASP A 23 -38.59 49.36 18.26
C ASP A 23 -39.63 49.48 19.36
N PRO A 24 -40.31 50.63 19.44
CA PRO A 24 -41.27 50.96 20.49
C PRO A 24 -42.36 49.90 20.65
N ALA A 25 -42.68 49.21 19.55
CA ALA A 25 -43.63 48.11 19.56
C ALA A 25 -43.25 47.04 20.57
N GLU A 26 -41.95 46.81 20.75
CA GLU A 26 -41.45 45.82 21.69
C GLU A 26 -41.70 46.17 23.15
N GLU A 27 -42.09 47.41 23.43
CA GLU A 27 -42.40 47.82 24.81
C GLU A 27 -43.50 46.94 25.41
N THR A 28 -44.41 46.47 24.56
CA THR A 28 -45.61 45.79 25.04
C THR A 28 -45.75 44.36 24.52
N ILE A 29 -44.90 43.97 23.58
CA ILE A 29 -44.83 42.56 23.17
C ILE A 29 -44.36 41.77 24.39
N PRO A 30 -45.12 40.73 24.77
CA PRO A 30 -44.69 39.90 25.92
C PRO A 30 -43.28 39.35 25.76
N ALA A 31 -42.51 39.38 26.85
CA ALA A 31 -41.12 38.94 26.84
C ALA A 31 -40.98 37.51 26.34
N ASP A 32 -41.98 36.69 26.67
CA ASP A 32 -41.93 35.27 26.39
C ASP A 32 -42.30 34.85 24.97
N GLU A 33 -42.45 35.81 24.06
CA GLU A 33 -42.68 35.47 22.66
C GLU A 33 -41.91 36.34 21.67
N LEU A 34 -40.96 37.13 22.16
CA LEU A 34 -40.27 38.13 21.35
C LEU A 34 -39.75 37.63 20.00
N HIS A 35 -39.10 36.48 19.99
CA HIS A 35 -38.37 36.03 18.81
C HIS A 35 -39.28 35.46 17.73
N GLU A 36 -40.55 35.28 18.05
CA GLU A 36 -41.51 34.84 17.06
C GLU A 36 -41.94 36.01 16.17
N HIS A 37 -41.44 37.20 16.48
CA HIS A 37 -41.77 38.41 15.72
C HIS A 37 -40.66 38.93 14.80
N LEU A 38 -39.52 38.25 14.74
CA LEU A 38 -38.34 38.91 14.16
C LEU A 38 -37.94 38.51 12.75
N GLN A 39 -38.38 37.35 12.25
CA GLN A 39 -37.96 36.96 10.92
C GLN A 39 -38.55 37.89 9.86
N LYS A 40 -37.81 38.10 8.79
CA LYS A 40 -38.30 38.84 7.63
C LYS A 40 -37.60 38.36 6.37
N PRO A 41 -38.01 37.20 5.84
CA PRO A 41 -37.39 36.71 4.60
C PRO A 41 -37.50 37.75 3.49
N SER A 42 -36.40 37.96 2.76
CA SER A 42 -36.33 39.05 1.80
C SER A 42 -37.28 38.91 0.62
N THR A 43 -37.74 37.68 0.35
CA THR A 43 -38.66 37.48 -0.76
C THR A 43 -39.75 36.48 -0.42
N ALA A 44 -40.81 36.48 -1.22
CA ALA A 44 -41.89 35.52 -1.10
C ALA A 44 -41.37 34.10 -1.25
N ARG A 45 -40.40 33.93 -2.15
CA ARG A 45 -39.80 32.63 -2.41
C ARG A 45 -39.09 32.08 -1.19
N THR A 46 -38.17 32.87 -0.62
CA THR A 46 -37.43 32.39 0.54
C THR A 46 -38.32 32.22 1.76
N LYS A 47 -39.43 32.97 1.81
CA LYS A 47 -40.43 32.75 2.85
C LYS A 47 -41.05 31.37 2.69
N ARG A 48 -41.43 31.05 1.46
CA ARG A 48 -41.97 29.75 1.11
C ARG A 48 -40.98 28.64 1.42
N LEU A 49 -39.73 28.85 1.01
CA LEU A 49 -38.68 27.86 1.20
C LEU A 49 -38.46 27.54 2.68
N LYS A 50 -38.51 28.57 3.52
CA LYS A 50 -38.36 28.36 4.96
C LYS A 50 -39.54 27.60 5.55
N GLU A 51 -40.75 28.01 5.18
CA GLU A 51 -41.95 27.37 5.71
C GLU A 51 -42.00 25.89 5.38
N ARG A 52 -41.52 25.51 4.20
CA ARG A 52 -41.53 24.10 3.83
C ARG A 52 -40.16 23.44 3.98
N CYS A 53 -39.31 24.01 4.85
CA CYS A 53 -37.92 23.58 4.93
C CYS A 53 -37.81 22.17 5.49
N ARG A 54 -37.02 21.33 4.86
CA ARG A 54 -36.90 19.95 5.31
C ARG A 54 -35.78 19.82 6.35
N TRP A 55 -36.01 20.42 7.53
CA TRP A 55 -35.08 20.31 8.65
C TRP A 55 -34.76 18.86 8.98
N LYS A 56 -33.50 18.60 9.34
CA LYS A 56 -33.13 17.25 9.71
C LYS A 56 -32.33 17.27 11.01
N HIS A 57 -32.85 18.01 11.99
CA HIS A 57 -32.20 18.14 13.30
C HIS A 57 -32.11 16.82 14.03
N ALA A 58 -31.01 16.62 14.75
CA ALA A 58 -30.86 15.45 15.60
C ALA A 58 -30.53 15.83 17.05
N SER A 59 -31.11 15.09 17.98
CA SER A 59 -30.79 15.25 19.40
C SER A 59 -30.83 13.88 20.08
N ALA A 60 -30.07 13.73 21.17
CA ALA A 60 -30.11 12.53 22.00
C ALA A 60 -29.81 11.26 21.21
N GLY A 61 -29.14 11.40 20.08
CA GLY A 61 -28.78 10.26 19.25
C GLY A 61 -29.79 9.87 18.18
N GLU A 62 -30.87 10.64 18.07
CA GLU A 62 -31.96 10.33 17.14
C GLU A 62 -32.30 11.55 16.30
N PHE A 63 -33.01 11.36 15.19
CA PHE A 63 -33.55 12.49 14.44
C PHE A 63 -34.88 12.93 15.05
N ILE A 64 -35.11 14.23 15.08
CA ILE A 64 -36.33 14.79 15.66
C ILE A 64 -37.58 14.31 14.92
N GLU A 65 -37.50 14.21 13.60
CA GLU A 65 -38.65 13.94 12.76
C GLU A 65 -38.65 12.52 12.21
N LYS A 66 -39.80 11.86 12.24
CA LYS A 66 -39.93 10.49 11.75
C LYS A 66 -39.63 10.34 10.26
N SER A 67 -39.74 11.43 9.51
CA SER A 67 -39.63 11.36 8.05
C SER A 67 -38.17 11.27 7.59
N VAL A 68 -37.25 11.67 8.46
CA VAL A 68 -35.83 11.64 8.12
C VAL A 68 -35.30 10.23 8.28
N THR A 69 -34.70 9.69 7.22
CA THR A 69 -34.31 8.29 7.22
C THR A 69 -33.13 8.08 6.27
N ALA A 70 -32.41 6.97 6.45
CA ALA A 70 -31.16 6.77 5.71
C ALA A 70 -31.41 6.30 4.28
N GLY A 71 -30.56 6.73 3.36
CA GLY A 71 -30.58 6.23 2.00
C GLY A 71 -29.69 5.00 1.85
N ILE A 72 -29.85 4.28 0.75
CA ILE A 72 -29.02 3.10 0.52
C ILE A 72 -28.22 3.20 -0.77
N GLU A 73 -28.57 4.14 -1.64
CA GLU A 73 -27.91 4.21 -2.96
C GLU A 73 -26.40 4.35 -2.84
N ARG A 74 -25.92 5.24 -1.97
CA ARG A 74 -24.49 5.47 -1.87
C ARG A 74 -23.80 4.18 -1.45
N MET A 75 -24.36 3.53 -0.43
CA MET A 75 -23.88 2.24 0.04
C MET A 75 -23.83 1.22 -1.11
N ARG A 76 -24.93 1.14 -1.84
CA ARG A 76 -25.07 0.16 -2.91
C ARG A 76 -24.05 0.37 -4.02
N TYR A 77 -23.91 1.59 -4.51
CA TYR A 77 -23.05 1.87 -5.65
C TYR A 77 -21.57 1.88 -5.29
N LEU A 78 -21.23 2.35 -4.09
CA LEU A 78 -19.85 2.22 -3.60
C LEU A 78 -19.40 0.76 -3.53
N THR A 79 -20.30 -0.11 -3.06
CA THR A 79 -20.01 -1.54 -2.95
C THR A 79 -19.80 -2.18 -4.32
N GLU A 80 -20.68 -1.84 -5.26
CA GLU A 80 -20.60 -2.40 -6.60
C GLU A 80 -19.27 -2.03 -7.25
N ALA A 81 -18.85 -0.79 -7.08
CA ALA A 81 -17.60 -0.31 -7.66
C ALA A 81 -16.39 -0.99 -7.01
N HIS A 82 -16.46 -1.18 -5.69
CA HIS A 82 -15.34 -1.76 -4.96
C HIS A 82 -15.08 -3.20 -5.37
N LYS A 83 -16.15 -3.96 -5.60
CA LYS A 83 -16.03 -5.34 -6.02
C LYS A 83 -15.43 -5.41 -7.43
N ALA A 84 -15.84 -4.47 -8.28
CA ALA A 84 -15.42 -4.45 -9.67
C ALA A 84 -13.98 -3.97 -9.86
N SER A 85 -13.48 -3.21 -8.88
CA SER A 85 -12.17 -2.57 -9.03
C SER A 85 -11.02 -3.27 -8.31
N GLU A 86 -11.28 -4.47 -7.78
CA GLU A 86 -10.24 -5.26 -7.11
C GLU A 86 -8.98 -5.35 -7.96
N GLY A 87 -7.82 -5.24 -7.31
CA GLY A 87 -6.54 -5.26 -8.01
C GLY A 87 -6.01 -3.91 -8.48
N LYS A 88 -6.91 -2.97 -8.74
CA LYS A 88 -6.50 -1.66 -9.25
C LYS A 88 -5.87 -0.84 -8.14
N PRO A 89 -5.09 0.20 -8.49
CA PRO A 89 -4.45 0.99 -7.42
C PRO A 89 -5.50 1.64 -6.55
N GLU A 90 -5.24 1.76 -5.24
CA GLU A 90 -6.28 2.17 -4.29
C GLU A 90 -6.84 3.54 -4.61
N ALA A 91 -6.00 4.45 -5.07
CA ALA A 91 -6.44 5.82 -5.34
C ALA A 91 -7.44 5.80 -6.49
N ILE A 92 -7.17 4.96 -7.49
CA ILE A 92 -8.05 4.80 -8.63
C ILE A 92 -9.34 4.10 -8.25
N ARG A 93 -9.24 3.08 -7.39
CA ARG A 93 -10.43 2.43 -6.83
C ARG A 93 -11.34 3.45 -6.16
N ARG A 94 -10.75 4.40 -5.44
CA ARG A 94 -11.55 5.40 -4.74
C ARG A 94 -12.23 6.33 -5.73
N ALA A 95 -11.51 6.72 -6.77
CA ALA A 95 -12.06 7.57 -7.81
C ALA A 95 -13.21 6.86 -8.54
N LEU A 96 -13.04 5.57 -8.77
CA LEU A 96 -14.05 4.76 -9.44
C LEU A 96 -15.29 4.62 -8.57
N GLY A 97 -15.09 4.52 -7.27
CA GLY A 97 -16.17 4.46 -6.32
C GLY A 97 -17.03 5.71 -6.36
N LEU A 98 -16.38 6.87 -6.24
CA LEU A 98 -17.07 8.15 -6.30
C LEU A 98 -17.82 8.28 -7.63
N ALA A 99 -17.16 7.89 -8.71
CA ALA A 99 -17.74 8.02 -10.05
C ALA A 99 -19.01 7.18 -10.19
N ASN A 100 -18.97 5.96 -9.67
CA ASN A 100 -20.13 5.07 -9.74
C ASN A 100 -21.29 5.65 -8.97
N VAL A 101 -21.00 6.15 -7.77
CA VAL A 101 -22.01 6.82 -6.96
C VAL A 101 -22.62 7.99 -7.72
N LEU A 102 -21.77 8.86 -8.27
CA LEU A 102 -22.27 10.04 -8.98
C LEU A 102 -23.02 9.65 -10.26
N ASN A 103 -22.50 8.66 -10.99
CA ASN A 103 -23.11 8.27 -12.25
C ASN A 103 -24.51 7.68 -12.10
N LYS A 104 -24.74 6.95 -11.00
CA LYS A 104 -25.96 6.17 -10.84
C LYS A 104 -26.96 6.76 -9.84
N SER A 105 -26.53 7.77 -9.09
CA SER A 105 -27.39 8.39 -8.07
C SER A 105 -28.67 9.00 -8.65
N THR A 106 -29.79 8.74 -7.98
CA THR A 106 -31.00 9.54 -8.19
C THR A 106 -30.70 10.98 -7.80
N LEU A 107 -31.08 11.93 -8.65
CA LEU A 107 -30.89 13.34 -8.33
C LEU A 107 -32.21 13.99 -7.96
N VAL A 108 -32.14 15.12 -7.27
CA VAL A 108 -33.33 15.72 -6.68
C VAL A 108 -33.45 17.18 -7.06
N LEU A 109 -34.66 17.58 -7.41
CA LEU A 109 -34.98 18.98 -7.66
C LEU A 109 -36.24 19.30 -6.86
N GLN A 110 -36.24 20.42 -6.14
CA GLN A 110 -37.38 20.76 -5.31
C GLN A 110 -38.01 22.04 -5.85
N GLU A 111 -39.29 22.26 -5.55
CA GLU A 111 -39.96 23.48 -5.95
C GLU A 111 -39.34 24.71 -5.26
N ASP A 112 -39.36 25.82 -5.99
CA ASP A 112 -38.87 27.13 -5.56
C ASP A 112 -37.33 27.24 -5.42
N GLU A 113 -36.61 26.12 -5.47
CA GLU A 113 -35.15 26.15 -5.41
C GLU A 113 -34.49 26.97 -6.54
N PHE A 114 -33.42 27.68 -6.22
CA PHE A 114 -32.54 28.19 -7.26
C PHE A 114 -31.17 27.51 -7.21
N ILE A 115 -30.58 27.47 -6.03
CA ILE A 115 -29.41 26.63 -5.81
C ILE A 115 -29.92 25.20 -5.71
N VAL A 116 -29.41 24.32 -6.57
CA VAL A 116 -29.97 22.97 -6.62
C VAL A 116 -28.91 21.94 -6.28
N GLY A 117 -29.38 20.76 -5.86
CA GLY A 117 -28.50 19.64 -5.66
C GLY A 117 -28.75 18.98 -4.33
N TYR A 118 -28.30 17.74 -4.20
CA TYR A 118 -28.50 16.97 -2.97
C TYR A 118 -27.50 15.82 -2.92
N HIS A 119 -27.50 15.09 -1.81
CA HIS A 119 -26.47 14.09 -1.54
C HIS A 119 -27.05 12.72 -1.20
N ALA A 120 -28.33 12.54 -1.47
CA ALA A 120 -28.98 11.24 -1.34
C ALA A 120 -30.16 11.15 -2.30
N GLU A 121 -30.85 10.01 -2.31
CA GLU A 121 -31.70 9.67 -3.43
C GLU A 121 -33.11 10.24 -3.26
N ASP A 122 -33.29 11.02 -2.20
CA ASP A 122 -34.60 11.54 -1.83
C ASP A 122 -34.37 12.69 -0.85
N PRO A 123 -35.15 13.77 -0.96
CA PRO A 123 -34.92 14.97 -0.13
C PRO A 123 -35.13 14.76 1.36
N ASN A 124 -35.77 13.67 1.77
CA ASN A 124 -35.89 13.35 3.18
C ASN A 124 -34.75 12.46 3.70
N MET A 125 -33.79 12.17 2.83
CA MET A 125 -32.78 11.17 3.16
C MET A 125 -31.37 11.74 3.26
N PHE A 126 -30.45 10.85 3.65
CA PHE A 126 -29.03 11.15 3.78
C PHE A 126 -28.24 9.87 3.50
N PRO A 127 -26.97 9.99 3.08
CA PRO A 127 -26.25 8.77 2.70
C PRO A 127 -25.50 8.17 3.90
N LEU A 128 -25.09 6.91 3.76
CA LEU A 128 -24.28 6.27 4.79
C LEU A 128 -22.89 5.89 4.27
N TYR A 129 -22.04 5.44 5.17
CA TYR A 129 -20.61 5.33 4.89
C TYR A 129 -20.00 4.02 5.38
N PRO A 130 -20.28 2.90 4.68
CA PRO A 130 -19.78 1.60 5.15
C PRO A 130 -18.26 1.47 5.07
N GLU A 131 -17.58 2.41 4.38
CA GLU A 131 -16.14 2.30 4.22
C GLU A 131 -15.43 2.83 5.46
N LEU A 132 -16.17 3.48 6.35
CA LEU A 132 -15.57 4.15 7.50
C LEU A 132 -15.67 3.26 8.75
N SER A 133 -16.82 3.35 9.42
CA SER A 133 -17.05 2.62 10.66
C SER A 133 -18.17 1.58 10.49
N HIS A 134 -17.83 0.30 10.62
CA HIS A 134 -18.84 -0.74 10.53
C HIS A 134 -19.81 -0.67 11.70
N MET A 135 -19.33 -0.23 12.86
CA MET A 135 -20.20 -0.04 14.02
C MET A 135 -21.27 1.03 13.78
N ALA A 136 -20.89 2.13 13.14
CA ALA A 136 -21.82 3.21 12.89
C ALA A 136 -22.95 2.76 11.97
N VAL A 137 -22.61 1.95 10.97
CA VAL A 137 -23.61 1.44 10.04
C VAL A 137 -24.54 0.48 10.77
N GLN A 138 -23.96 -0.38 11.59
CA GLN A 138 -24.74 -1.34 12.38
C GLN A 138 -25.74 -0.65 13.30
N ASP A 139 -25.30 0.46 13.90
CA ASP A 139 -26.19 1.27 14.73
C ASP A 139 -27.37 1.77 13.91
N TYR A 140 -27.12 2.20 12.68
CA TYR A 140 -28.20 2.62 11.79
C TYR A 140 -29.15 1.48 11.46
N LEU A 141 -28.61 0.27 11.30
CA LEU A 141 -29.43 -0.89 10.96
C LEU A 141 -30.35 -1.27 12.10
N ARG A 142 -29.93 -0.94 13.31
CA ARG A 142 -30.72 -1.21 14.51
C ARG A 142 -31.68 -0.06 14.84
N SER A 143 -31.70 0.97 14.00
CA SER A 143 -32.52 2.15 14.28
C SER A 143 -33.81 2.16 13.46
N ASP A 144 -34.72 3.05 13.83
CA ASP A 144 -35.97 3.22 13.09
C ASP A 144 -35.75 3.85 11.72
N TYR A 145 -34.58 4.43 11.52
CA TYR A 145 -34.27 5.12 10.28
C TYR A 145 -33.21 4.38 9.46
N SER A 146 -33.23 3.05 9.60
CA SER A 146 -32.32 2.17 8.87
C SER A 146 -32.46 2.38 7.37
N PRO A 147 -31.34 2.24 6.64
CA PRO A 147 -31.49 2.14 5.18
C PRO A 147 -32.35 0.94 4.81
N GLN A 148 -33.00 0.98 3.65
CA GLN A 148 -33.83 -0.13 3.21
C GLN A 148 -33.54 -0.48 1.76
N PRO A 149 -33.65 -1.77 1.39
CA PRO A 149 -34.02 -2.94 2.21
C PRO A 149 -32.95 -3.32 3.23
N ALA A 150 -33.38 -3.63 4.45
CA ALA A 150 -32.48 -3.92 5.56
C ALA A 150 -31.52 -5.08 5.29
N ASP A 151 -31.98 -6.07 4.53
CA ASP A 151 -31.16 -7.26 4.30
C ASP A 151 -29.97 -6.95 3.40
N GLU A 152 -30.21 -6.16 2.34
CA GLU A 152 -29.15 -5.70 1.46
C GLU A 152 -28.15 -4.84 2.21
N ALA A 153 -28.66 -3.90 3.00
CA ALA A 153 -27.81 -2.99 3.77
C ALA A 153 -26.92 -3.77 4.74
N ALA A 154 -27.50 -4.79 5.36
CA ALA A 154 -26.75 -5.64 6.28
C ALA A 154 -25.66 -6.41 5.55
N ALA A 155 -26.01 -6.91 4.37
CA ALA A 155 -25.06 -7.63 3.52
C ALA A 155 -23.92 -6.70 3.08
N ILE A 156 -24.27 -5.46 2.75
CA ILE A 156 -23.28 -4.45 2.40
C ILE A 156 -22.29 -4.20 3.53
N ASN A 157 -22.80 -4.04 4.75
CA ASN A 157 -21.93 -3.72 5.87
C ASN A 157 -20.98 -4.86 6.20
N GLU A 158 -21.45 -6.09 5.98
CA GLU A 158 -20.63 -7.26 6.24
C GLU A 158 -19.52 -7.34 5.21
N TYR A 159 -19.82 -6.92 3.98
CA TYR A 159 -18.81 -6.90 2.94
C TYR A 159 -17.69 -5.92 3.29
N TRP A 160 -18.07 -4.74 3.78
CA TRP A 160 -17.10 -3.69 4.01
C TRP A 160 -16.29 -3.84 5.29
N LYS A 161 -16.82 -4.58 6.26
CA LYS A 161 -16.23 -4.60 7.60
C LYS A 161 -14.71 -4.88 7.57
N PRO A 162 -14.28 -5.93 6.85
CA PRO A 162 -12.82 -6.16 6.85
C PRO A 162 -12.03 -5.06 6.14
N HIS A 163 -12.71 -4.28 5.31
CA HIS A 163 -12.07 -3.22 4.53
C HIS A 163 -12.22 -1.84 5.16
N SER A 164 -13.00 -1.75 6.24
CA SER A 164 -13.38 -0.47 6.79
C SER A 164 -12.18 0.22 7.42
N LEU A 165 -12.22 1.55 7.46
CA LEU A 165 -11.17 2.32 8.13
C LEU A 165 -11.01 1.88 9.57
N GLN A 166 -12.13 1.64 10.24
CA GLN A 166 -12.13 1.15 11.60
C GLN A 166 -11.33 -0.15 11.76
N SER A 167 -11.57 -1.11 10.87
CA SER A 167 -10.90 -2.40 10.96
C SER A 167 -9.42 -2.30 10.67
N LYS A 168 -9.04 -1.35 9.83
CA LYS A 168 -7.62 -1.12 9.52
C LYS A 168 -6.82 -0.57 10.71
N CYS A 169 -7.44 0.30 11.52
CA CYS A 169 -6.69 1.02 12.53
C CYS A 169 -6.62 0.32 13.90
N GLN A 170 -7.70 -0.36 14.26
CA GLN A 170 -7.80 -1.02 15.56
C GLN A 170 -6.66 -1.98 15.95
N PRO A 171 -6.08 -2.72 14.98
CA PRO A 171 -5.04 -3.67 15.42
C PRO A 171 -3.77 -3.04 16.00
N TYR A 172 -3.62 -1.72 15.89
CA TYR A 172 -2.39 -1.08 16.36
C TYR A 172 -2.48 -0.46 17.76
N PHE A 173 -3.53 -0.79 18.50
CA PHE A 173 -3.74 -0.24 19.84
C PHE A 173 -4.14 -1.33 20.81
N ASP A 174 -3.72 -1.18 22.08
CA ASP A 174 -4.22 -2.09 23.10
C ASP A 174 -5.74 -1.99 23.14
N PRO A 175 -6.40 -3.13 23.03
CA PRO A 175 -7.84 -3.27 23.02
C PRO A 175 -8.50 -2.65 24.24
N ALA A 176 -7.82 -2.73 25.37
CA ALA A 176 -8.32 -2.15 26.61
C ALA A 176 -8.38 -0.63 26.44
N ASP A 177 -7.38 -0.08 25.76
CA ASP A 177 -7.35 1.34 25.48
C ASP A 177 -8.49 1.79 24.57
N LEU A 178 -8.74 1.03 23.51
CA LEU A 178 -9.86 1.32 22.61
C LEU A 178 -11.18 1.25 23.37
N GLY A 179 -11.36 0.22 24.19
CA GLY A 179 -12.56 0.09 25.00
C GLY A 179 -12.80 1.33 25.84
N ARG A 180 -11.73 1.85 26.43
CA ARG A 180 -11.80 3.07 27.23
C ARG A 180 -12.24 4.27 26.41
N MET A 181 -11.60 4.47 25.25
CA MET A 181 -11.96 5.58 24.37
C MET A 181 -13.39 5.47 23.87
N TYR A 182 -13.82 4.26 23.53
CA TYR A 182 -15.09 4.06 22.85
C TYR A 182 -16.27 4.41 23.74
N GLN A 183 -16.03 4.50 25.04
CA GLN A 183 -17.06 4.87 25.99
C GLN A 183 -17.43 6.35 25.93
N VAL A 184 -16.52 7.17 25.39
CA VAL A 184 -16.74 8.61 25.29
C VAL A 184 -17.06 9.17 26.67
N SER A 185 -16.15 8.91 27.61
CA SER A 185 -16.32 9.42 28.96
C SER A 185 -15.11 10.25 29.37
N SER A 186 -13.91 9.71 29.20
CA SER A 186 -12.71 10.49 29.45
C SER A 186 -12.06 10.92 28.14
N MET A 187 -12.34 10.17 27.08
CA MET A 187 -11.78 10.48 25.77
C MET A 187 -12.85 10.37 24.70
N GLU A 188 -12.83 11.29 23.73
CA GLU A 188 -13.68 11.12 22.57
C GLU A 188 -13.19 9.90 21.80
N ALA A 189 -14.11 9.15 21.24
CA ALA A 189 -13.74 8.01 20.41
C ALA A 189 -12.93 8.49 19.22
N PRO A 190 -11.93 7.71 18.80
CA PRO A 190 -11.13 8.12 17.64
C PRO A 190 -12.02 8.19 16.41
N SER A 191 -11.72 9.09 15.48
CA SER A 191 -12.47 9.21 14.24
C SER A 191 -12.56 7.91 13.44
N PHE A 192 -11.55 7.05 13.52
CA PHE A 192 -11.61 5.83 12.72
C PHE A 192 -12.70 4.90 13.23
N ALA A 193 -13.19 5.14 14.44
CA ALA A 193 -14.19 4.26 15.04
C ALA A 193 -15.62 4.79 14.86
N SER A 194 -15.74 6.06 14.51
CA SER A 194 -17.06 6.70 14.39
C SER A 194 -17.35 7.12 12.96
N GLY A 195 -16.28 7.37 12.20
CA GLY A 195 -16.40 7.92 10.86
C GLY A 195 -16.55 9.44 10.81
N TYR A 196 -16.54 10.09 11.97
CA TYR A 196 -16.73 11.54 12.02
C TYR A 196 -15.47 12.20 11.50
N ASN A 197 -15.59 13.42 10.99
CA ASN A 197 -14.51 13.98 10.20
C ASN A 197 -14.78 15.45 9.88
N SER A 198 -13.81 16.13 9.29
CA SER A 198 -13.96 17.52 8.88
C SER A 198 -13.03 17.84 7.73
N ILE A 199 -13.23 19.00 7.09
CA ILE A 199 -12.41 19.38 5.95
C ILE A 199 -12.55 20.87 5.65
N VAL A 200 -11.48 21.46 5.12
CA VAL A 200 -11.52 22.80 4.56
C VAL A 200 -11.28 22.69 3.05
N PRO A 201 -12.36 22.67 2.26
CA PRO A 201 -12.23 22.54 0.81
C PRO A 201 -11.58 23.75 0.17
N PRO A 202 -10.67 23.51 -0.79
CA PRO A 202 -10.12 24.61 -1.59
C PRO A 202 -11.13 25.12 -2.60
N TYR A 203 -12.22 25.73 -2.12
CA TYR A 203 -13.25 26.28 -2.99
C TYR A 203 -12.69 27.23 -4.04
N GLU A 204 -11.67 27.99 -3.65
CA GLU A 204 -11.11 29.04 -4.52
C GLU A 204 -10.67 28.47 -5.86
N THR A 205 -10.10 27.27 -5.83
CA THR A 205 -9.62 26.63 -7.04
C THR A 205 -10.75 26.29 -8.00
N VAL A 206 -11.83 25.71 -7.48
CA VAL A 206 -12.96 25.34 -8.32
C VAL A 206 -13.59 26.55 -8.98
N LEU A 207 -13.86 27.58 -8.18
CA LEU A 207 -14.56 28.76 -8.66
C LEU A 207 -13.72 29.49 -9.72
N GLU A 208 -12.43 29.63 -9.46
CA GLU A 208 -11.54 30.35 -10.35
C GLU A 208 -11.20 29.58 -11.63
N ASP A 209 -10.84 28.30 -11.49
CA ASP A 209 -10.31 27.54 -12.62
C ASP A 209 -11.32 26.66 -13.33
N GLY A 210 -12.31 26.15 -12.59
CA GLY A 210 -13.19 25.13 -13.14
C GLY A 210 -12.51 23.79 -13.21
N LEU A 211 -13.29 22.73 -13.33
CA LEU A 211 -12.76 21.37 -13.24
C LEU A 211 -12.14 20.90 -14.54
N LEU A 212 -12.61 21.44 -15.67
CA LEU A 212 -12.07 21.04 -16.97
C LEU A 212 -10.58 21.35 -17.02
N ALA A 213 -10.21 22.52 -16.50
CA ALA A 213 -8.82 22.92 -16.41
C ALA A 213 -7.98 21.99 -15.52
N ARG A 214 -8.59 21.49 -14.45
CA ARG A 214 -7.87 20.61 -13.53
C ARG A 214 -7.59 19.28 -14.21
N ILE A 215 -8.57 18.79 -14.96
CA ILE A 215 -8.46 17.56 -15.74
C ILE A 215 -7.33 17.66 -16.74
N LYS A 216 -7.33 18.73 -17.51
CA LYS A 216 -6.36 18.97 -18.55
C LYS A 216 -4.96 19.05 -17.94
N LEU A 217 -4.89 19.63 -16.75
CA LEU A 217 -3.64 19.74 -16.00
C LEU A 217 -3.09 18.39 -15.51
N ALA A 218 -3.96 17.55 -14.93
CA ALA A 218 -3.54 16.23 -14.47
C ALA A 218 -3.07 15.36 -15.63
N GLU A 219 -3.79 15.46 -16.75
CA GLU A 219 -3.48 14.71 -17.96
C GLU A 219 -2.09 15.08 -18.46
N LYS A 220 -1.76 16.36 -18.35
CA LYS A 220 -0.45 16.87 -18.73
C LYS A 220 0.64 16.30 -17.82
N HIS A 221 0.39 16.31 -16.52
CA HIS A 221 1.31 15.69 -15.56
C HIS A 221 1.56 14.21 -15.86
N ILE A 222 0.49 13.50 -16.20
CA ILE A 222 0.58 12.07 -16.49
C ILE A 222 1.46 11.84 -17.71
N ALA A 223 1.19 12.58 -18.79
CA ALA A 223 1.96 12.47 -20.02
C ALA A 223 3.45 12.74 -19.80
N GLU A 224 3.74 13.78 -19.04
CA GLU A 224 5.13 14.11 -18.70
C GLU A 224 5.78 13.03 -17.85
N ALA A 225 5.05 12.49 -16.89
CA ALA A 225 5.55 11.42 -16.04
C ALA A 225 5.84 10.14 -16.84
N GLN A 226 4.94 9.78 -17.74
CA GLN A 226 5.14 8.61 -18.58
C GLN A 226 6.34 8.82 -19.51
N ALA A 227 6.49 10.04 -19.99
CA ALA A 227 7.65 10.41 -20.81
C ALA A 227 8.94 10.28 -20.00
N ASP A 228 8.90 10.72 -18.75
CA ASP A 228 10.05 10.64 -17.86
C ASP A 228 10.52 9.21 -17.69
N MET A 229 9.56 8.29 -17.62
CA MET A 229 9.84 6.88 -17.34
C MET A 229 10.43 6.15 -18.54
N SER A 230 10.24 6.69 -19.74
CA SER A 230 10.79 6.04 -20.93
C SER A 230 12.05 6.73 -21.44
N THR A 231 12.58 7.68 -20.66
CA THR A 231 13.78 8.40 -21.05
C THR A 231 15.08 7.67 -20.70
N PHE A 232 15.96 7.49 -21.68
CA PHE A 232 17.28 6.91 -21.44
C PHE A 232 18.21 8.00 -20.92
N PRO A 233 18.99 7.71 -19.86
CA PRO A 233 19.07 6.47 -19.08
C PRO A 233 18.16 6.48 -17.85
N TRP A 234 17.43 5.38 -17.66
CA TRP A 234 16.58 5.18 -16.50
C TRP A 234 17.36 5.27 -15.19
N ASN A 235 16.72 5.80 -14.16
CA ASN A 235 17.27 5.82 -12.82
C ASN A 235 16.21 5.29 -11.86
N GLY A 236 16.37 4.07 -11.38
CA GLY A 236 15.37 3.43 -10.55
C GLY A 236 15.16 4.02 -9.16
N THR A 237 16.08 4.87 -8.72
CA THR A 237 15.91 5.57 -7.46
C THR A 237 15.04 6.82 -7.61
N LYS A 238 14.72 7.16 -8.85
CA LYS A 238 13.88 8.33 -9.13
C LYS A 238 12.62 7.97 -9.88
N GLY A 239 12.74 7.10 -10.89
CA GLY A 239 11.69 6.93 -11.87
C GLY A 239 10.47 6.25 -11.27
N LEU A 240 10.67 5.52 -10.19
CA LEU A 240 9.58 4.80 -9.56
C LEU A 240 8.63 5.75 -8.83
N ASP A 241 9.12 6.95 -8.51
CA ASP A 241 8.27 7.96 -7.87
C ASP A 241 7.07 8.31 -8.73
N ASN A 242 7.18 8.05 -10.03
CA ASN A 242 6.12 8.39 -10.98
C ASN A 242 4.88 7.52 -10.83
N ILE A 243 5.05 6.32 -10.28
CA ILE A 243 3.95 5.36 -10.16
C ILE A 243 2.84 5.92 -9.31
N ALA A 244 3.17 6.33 -8.09
CA ALA A 244 2.16 6.86 -7.17
C ALA A 244 1.56 8.16 -7.72
N LYS A 245 2.40 8.97 -8.36
CA LYS A 245 1.93 10.21 -8.98
C LYS A 245 0.91 9.97 -10.09
N ILE A 246 1.26 9.10 -11.04
CA ILE A 246 0.36 8.74 -12.13
C ILE A 246 -0.95 8.17 -11.61
N ASP A 247 -0.87 7.28 -10.62
CA ASP A 247 -2.08 6.74 -9.99
C ASP A 247 -2.98 7.87 -9.46
N ASN A 248 -2.37 8.81 -8.73
CA ASN A 248 -3.11 9.91 -8.14
C ASN A 248 -3.75 10.84 -9.19
N TRP A 249 -2.96 11.22 -10.19
CA TRP A 249 -3.45 12.06 -11.27
C TRP A 249 -4.57 11.39 -12.07
N LYS A 250 -4.38 10.12 -12.42
CA LYS A 250 -5.43 9.39 -13.13
C LYS A 250 -6.70 9.35 -12.28
N ALA A 251 -6.53 9.16 -10.98
CA ALA A 251 -7.66 9.21 -10.06
C ALA A 251 -8.34 10.58 -10.04
N MET A 252 -7.56 11.65 -10.07
CA MET A 252 -8.14 12.99 -10.13
C MET A 252 -9.01 13.20 -11.37
N VAL A 253 -8.53 12.71 -12.50
CA VAL A 253 -9.24 12.88 -13.77
C VAL A 253 -10.58 12.16 -13.72
N ILE A 254 -10.56 10.90 -13.29
CA ILE A 254 -11.78 10.11 -13.12
C ILE A 254 -12.78 10.81 -12.20
N ALA A 255 -12.29 11.37 -11.11
CA ALA A 255 -13.15 12.02 -10.13
C ALA A 255 -13.76 13.30 -10.68
N CYS A 256 -12.93 14.15 -11.26
CA CYS A 256 -13.38 15.42 -11.82
C CYS A 256 -14.36 15.23 -12.98
N LYS A 257 -14.07 14.28 -13.87
CA LYS A 257 -14.99 14.01 -14.97
C LYS A 257 -16.35 13.56 -14.46
N ALA A 258 -16.35 12.76 -13.40
CA ALA A 258 -17.60 12.28 -12.83
C ALA A 258 -18.40 13.41 -12.19
N VAL A 259 -17.70 14.33 -11.53
CA VAL A 259 -18.37 15.46 -10.89
C VAL A 259 -19.04 16.36 -11.93
N ILE A 260 -18.32 16.65 -13.02
CA ILE A 260 -18.87 17.45 -14.11
C ILE A 260 -20.11 16.78 -14.69
N SER A 261 -20.01 15.47 -14.95
CA SER A 261 -21.10 14.71 -15.53
C SER A 261 -22.31 14.74 -14.59
N TRP A 262 -22.04 14.64 -13.30
CA TRP A 262 -23.07 14.67 -12.27
C TRP A 262 -23.73 16.04 -12.18
N ALA A 263 -22.92 17.10 -12.23
CA ALA A 263 -23.46 18.45 -12.23
C ALA A 263 -24.38 18.70 -13.43
N ARG A 264 -23.94 18.24 -14.60
CA ARG A 264 -24.65 18.47 -15.85
C ARG A 264 -25.93 17.66 -15.92
N ARG A 265 -25.93 16.50 -15.27
CA ARG A 265 -27.13 15.68 -15.20
C ARG A 265 -28.15 16.32 -14.27
N GLN A 266 -27.65 17.01 -13.25
CA GLN A 266 -28.52 17.81 -12.39
C GLN A 266 -29.18 18.92 -13.21
N GLY A 267 -28.37 19.60 -14.02
CA GLY A 267 -28.84 20.62 -14.94
C GLY A 267 -29.93 20.11 -15.88
N ARG A 268 -29.75 18.89 -16.36
CA ARG A 268 -30.67 18.30 -17.33
C ARG A 268 -32.01 18.00 -16.67
N LEU A 269 -32.00 17.69 -15.38
CA LEU A 269 -33.24 17.51 -14.63
C LEU A 269 -34.03 18.82 -14.56
N CYS A 270 -33.32 19.94 -14.36
CA CYS A 270 -33.95 21.25 -14.43
C CYS A 270 -34.60 21.50 -15.78
N LYS A 271 -33.88 21.19 -16.84
CA LYS A 271 -34.40 21.31 -18.20
C LYS A 271 -35.65 20.45 -18.41
N ILE A 272 -35.56 19.16 -18.08
CA ILE A 272 -36.70 18.26 -18.16
C ILE A 272 -37.94 18.70 -17.38
N VAL A 273 -37.75 19.16 -16.15
CA VAL A 273 -38.89 19.65 -15.37
C VAL A 273 -39.51 20.91 -15.99
N ALA A 274 -38.66 21.83 -16.47
CA ALA A 274 -39.14 23.04 -17.12
C ALA A 274 -39.99 22.74 -18.36
N GLU A 275 -39.59 21.72 -19.11
CA GLU A 275 -40.20 21.44 -20.41
C GLU A 275 -41.38 20.46 -20.33
N ASN A 276 -41.41 19.65 -19.27
CA ASN A 276 -42.39 18.56 -19.17
C ASN A 276 -43.27 18.57 -17.93
N PHE A 277 -42.88 19.32 -16.90
CA PHE A 277 -43.58 19.24 -15.62
C PHE A 277 -44.06 20.60 -15.12
N GLU A 278 -43.23 21.62 -15.30
CA GLU A 278 -43.54 22.95 -14.77
C GLU A 278 -44.46 23.69 -15.73
N THR A 279 -45.58 24.19 -15.22
CA THR A 279 -46.58 24.84 -16.06
C THR A 279 -46.50 26.37 -16.08
N ASP A 280 -45.83 26.97 -15.10
CA ASP A 280 -45.67 28.42 -15.05
C ASP A 280 -44.44 28.90 -15.83
N PRO A 281 -44.66 29.75 -16.85
CA PRO A 281 -43.61 30.26 -17.74
C PRO A 281 -42.51 31.01 -16.98
N LYS A 282 -42.85 31.57 -15.82
CA LYS A 282 -41.88 32.27 -14.98
C LYS A 282 -40.85 31.29 -14.42
N ARG A 283 -41.35 30.23 -13.80
CA ARG A 283 -40.51 29.17 -13.24
C ARG A 283 -39.77 28.40 -14.34
N GLN A 284 -40.44 28.18 -15.47
CA GLN A 284 -39.83 27.54 -16.64
C GLN A 284 -38.56 28.27 -17.09
N ALA A 285 -38.65 29.58 -17.21
CA ALA A 285 -37.50 30.40 -17.58
C ALA A 285 -36.39 30.27 -16.55
N GLU A 286 -36.76 30.33 -15.27
CA GLU A 286 -35.79 30.22 -14.19
C GLU A 286 -35.09 28.86 -14.19
N LEU A 287 -35.87 27.79 -14.38
CA LEU A 287 -35.32 26.44 -14.42
C LEU A 287 -34.30 26.30 -15.54
N LEU A 288 -34.57 26.93 -16.69
CA LEU A 288 -33.63 26.90 -17.80
C LEU A 288 -32.39 27.73 -17.49
N GLU A 289 -32.56 28.81 -16.73
CA GLU A 289 -31.43 29.61 -16.27
C GLU A 289 -30.52 28.77 -15.39
N ILE A 290 -31.13 28.01 -14.48
CA ILE A 290 -30.39 27.11 -13.59
C ILE A 290 -29.72 25.99 -14.36
N ALA A 291 -30.46 25.41 -15.30
CA ALA A 291 -29.93 24.35 -16.16
C ALA A 291 -28.66 24.77 -16.89
N ASP A 292 -28.65 26.00 -17.39
CA ASP A 292 -27.48 26.54 -18.08
C ASP A 292 -26.29 26.73 -17.16
N ILE A 293 -26.54 27.22 -15.95
CA ILE A 293 -25.49 27.38 -14.96
C ILE A 293 -24.85 26.03 -14.66
N CYS A 294 -25.69 25.02 -14.45
CA CYS A 294 -25.20 23.69 -14.14
C CYS A 294 -24.43 23.05 -15.31
N GLN A 295 -24.77 23.44 -16.54
CA GLN A 295 -24.01 22.96 -17.69
C GLN A 295 -22.58 23.50 -17.72
N ARG A 296 -22.44 24.79 -17.40
CA ARG A 296 -21.15 25.45 -17.44
C ARG A 296 -20.34 25.19 -16.16
N ILE A 297 -21.05 25.03 -15.05
CA ILE A 297 -20.44 25.06 -13.73
C ILE A 297 -20.70 23.74 -13.01
N PRO A 298 -19.64 23.13 -12.46
CA PRO A 298 -18.29 23.68 -12.26
C PRO A 298 -17.25 23.30 -13.31
N ALA A 299 -17.69 22.90 -14.50
CA ALA A 299 -16.78 22.57 -15.58
C ALA A 299 -15.90 23.77 -15.92
N GLU A 300 -16.53 24.93 -16.06
CA GLU A 300 -15.81 26.15 -16.43
C GLU A 300 -15.59 27.05 -15.21
N PRO A 301 -14.65 28.01 -15.32
CA PRO A 301 -14.53 29.07 -14.32
C PRO A 301 -15.86 29.78 -14.10
N CYS A 302 -16.14 30.16 -12.85
CA CYS A 302 -17.30 30.97 -12.55
C CYS A 302 -17.12 32.39 -13.10
N LYS A 303 -18.21 32.96 -13.59
CA LYS A 303 -18.21 34.33 -14.11
C LYS A 303 -19.02 35.29 -13.25
N GLY A 304 -20.06 34.78 -12.60
CA GLY A 304 -20.87 35.62 -11.74
C GLY A 304 -21.22 35.01 -10.41
N LEU A 305 -22.02 35.73 -9.63
CA LEU A 305 -22.35 35.32 -8.27
C LEU A 305 -23.23 34.06 -8.25
N LYS A 306 -24.14 33.93 -9.22
CA LYS A 306 -24.99 32.75 -9.30
C LYS A 306 -24.14 31.52 -9.64
N ASP A 307 -23.21 31.67 -10.57
CA ASP A 307 -22.23 30.64 -10.87
C ASP A 307 -21.51 30.22 -9.60
N ALA A 308 -20.92 31.19 -8.91
CA ALA A 308 -20.09 30.92 -7.74
C ALA A 308 -20.87 30.17 -6.66
N MET A 309 -22.10 30.60 -6.40
CA MET A 309 -22.91 29.96 -5.36
C MET A 309 -23.22 28.52 -5.67
N GLN A 310 -23.48 28.22 -6.93
CA GLN A 310 -23.84 26.87 -7.31
C GLN A 310 -22.57 26.01 -7.34
N ALA A 311 -21.48 26.61 -7.80
CA ALA A 311 -20.17 25.93 -7.78
C ALA A 311 -19.80 25.55 -6.36
N LYS A 312 -20.00 26.49 -5.45
CA LYS A 312 -19.67 26.30 -4.04
C LYS A 312 -20.51 25.18 -3.43
N PHE A 313 -21.80 25.16 -3.75
CA PHE A 313 -22.69 24.16 -3.18
C PHE A 313 -22.31 22.77 -3.70
N PHE A 314 -22.06 22.68 -5.01
CA PHE A 314 -21.65 21.39 -5.60
C PHE A 314 -20.39 20.85 -4.96
N THR A 315 -19.41 21.73 -4.78
CA THR A 315 -18.13 21.39 -4.16
C THR A 315 -18.32 20.92 -2.73
N PHE A 316 -19.18 21.64 -2.00
CA PHE A 316 -19.56 21.27 -0.65
C PHE A 316 -20.13 19.86 -0.57
N LEU A 317 -21.02 19.53 -1.50
CA LEU A 317 -21.66 18.22 -1.48
C LEU A 317 -20.64 17.09 -1.67
N ILE A 318 -19.74 17.26 -2.63
CA ILE A 318 -18.72 16.23 -2.87
C ILE A 318 -17.79 16.07 -1.68
N CYS A 319 -17.27 17.19 -1.19
CA CYS A 319 -16.27 17.21 -0.12
C CYS A 319 -16.82 16.85 1.26
N HIS A 320 -18.08 17.17 1.52
CA HIS A 320 -18.65 16.98 2.86
C HIS A 320 -19.63 15.82 2.96
N ALA A 321 -20.10 15.31 1.83
CA ALA A 321 -21.13 14.28 1.88
C ALA A 321 -20.89 13.08 0.96
N ILE A 322 -20.43 13.32 -0.27
CA ILE A 322 -20.47 12.25 -1.26
C ILE A 322 -19.15 11.49 -1.38
N GLU A 323 -18.03 12.19 -1.56
CA GLU A 323 -16.75 11.49 -1.65
C GLU A 323 -16.45 10.87 -0.30
N ARG A 324 -16.74 11.63 0.75
CA ARG A 324 -16.54 11.21 2.13
C ARG A 324 -17.42 12.03 3.04
N TYR A 325 -17.76 11.49 4.21
CA TYR A 325 -18.43 12.33 5.20
C TYR A 325 -17.44 13.30 5.80
N ALA A 326 -17.84 14.57 5.88
CA ALA A 326 -17.13 15.52 6.70
C ALA A 326 -18.08 16.53 7.29
N SER A 327 -18.03 16.68 8.61
CA SER A 327 -18.74 17.74 9.29
C SER A 327 -18.19 19.08 8.81
N GLY A 328 -18.90 20.16 9.11
CA GLY A 328 -18.39 21.47 8.78
C GLY A 328 -18.92 22.16 7.54
N TYR A 329 -18.51 23.41 7.42
CA TYR A 329 -18.84 24.26 6.29
C TYR A 329 -17.76 25.32 6.18
N ALA A 330 -16.55 24.95 6.60
CA ALA A 330 -15.45 25.89 6.67
C ALA A 330 -15.17 26.53 5.33
N GLN A 331 -14.96 27.85 5.37
CA GLN A 331 -14.77 28.68 4.19
C GLN A 331 -14.75 30.14 4.61
N LYS A 332 -14.11 30.99 3.81
CA LYS A 332 -14.08 32.41 4.09
C LYS A 332 -15.05 33.04 3.11
N GLU A 333 -16.34 33.07 3.45
CA GLU A 333 -17.36 33.23 2.40
C GLU A 333 -17.41 34.61 1.75
N ASP A 334 -17.14 35.65 2.53
CA ASP A 334 -17.17 36.99 1.96
C ASP A 334 -15.99 37.19 1.03
N THR A 335 -14.81 36.72 1.45
CA THR A 335 -13.61 36.87 0.63
C THR A 335 -13.67 35.97 -0.60
N LEU A 336 -14.17 34.75 -0.41
CA LEU A 336 -14.40 33.82 -1.50
C LEU A 336 -15.34 34.33 -2.59
N LEU A 337 -16.48 34.87 -2.17
CA LEU A 337 -17.50 35.30 -3.12
C LEU A 337 -17.34 36.72 -3.65
N TRP A 338 -16.52 37.52 -2.98
CA TRP A 338 -16.37 38.94 -3.35
C TRP A 338 -16.11 39.21 -4.84
N PRO A 339 -15.16 38.49 -5.46
CA PRO A 339 -14.92 38.78 -6.87
C PRO A 339 -16.16 38.58 -7.74
N TYR A 340 -17.03 37.68 -7.31
CA TYR A 340 -18.20 37.29 -8.08
C TYR A 340 -19.38 38.21 -7.75
N TYR A 341 -19.48 38.60 -6.48
CA TYR A 341 -20.40 39.66 -6.07
C TYR A 341 -20.10 40.92 -6.89
N LYS A 342 -18.82 41.27 -6.96
CA LYS A 342 -18.36 42.48 -7.63
C LYS A 342 -18.74 42.45 -9.12
N ALA A 343 -18.60 41.29 -9.74
CA ALA A 343 -18.85 41.14 -11.16
C ALA A 343 -20.35 41.24 -11.45
N SER A 344 -21.16 40.69 -10.55
CA SER A 344 -22.60 40.62 -10.73
C SER A 344 -23.33 41.88 -10.26
N VAL A 345 -22.97 42.37 -9.06
CA VAL A 345 -23.76 43.38 -8.38
C VAL A 345 -23.21 44.76 -8.66
N VAL A 346 -21.88 44.90 -8.62
CA VAL A 346 -21.26 46.20 -8.76
C VAL A 346 -21.02 46.54 -10.23
N ASP A 347 -20.33 45.67 -10.95
CA ASP A 347 -19.98 45.93 -12.34
C ASP A 347 -21.06 45.48 -13.32
N LYS A 348 -21.94 44.59 -12.88
CA LYS A 348 -23.04 44.08 -13.71
C LYS A 348 -22.54 43.41 -14.99
N LYS A 349 -21.32 42.89 -14.97
CA LYS A 349 -20.72 42.33 -16.17
C LYS A 349 -21.28 40.96 -16.57
N PHE A 350 -21.73 40.19 -15.59
CA PHE A 350 -22.33 38.90 -15.88
C PHE A 350 -23.26 38.53 -14.74
N GLN A 351 -24.39 37.92 -15.09
CA GLN A 351 -25.46 37.65 -14.13
C GLN A 351 -25.75 38.87 -13.27
N PRO A 352 -26.16 39.99 -13.91
CA PRO A 352 -26.39 41.23 -13.18
C PRO A 352 -27.42 41.05 -12.07
N MET A 353 -27.16 41.68 -10.92
CA MET A 353 -27.95 41.47 -9.72
C MET A 353 -27.91 42.70 -8.82
N SER A 354 -28.97 42.89 -8.03
CA SER A 354 -28.99 43.92 -6.99
C SER A 354 -28.36 43.34 -5.74
N HIS A 355 -27.99 44.21 -4.80
CA HIS A 355 -27.50 43.75 -3.51
C HIS A 355 -28.54 42.87 -2.82
N MET A 356 -29.81 43.24 -2.92
CA MET A 356 -30.89 42.46 -2.32
C MET A 356 -31.05 41.11 -3.02
N ASP A 357 -30.73 41.06 -4.31
CA ASP A 357 -30.71 39.79 -5.03
C ASP A 357 -29.65 38.88 -4.43
N ALA A 358 -28.50 39.45 -4.10
CA ALA A 358 -27.43 38.72 -3.43
C ALA A 358 -27.88 38.22 -2.06
N VAL A 359 -28.57 39.09 -1.33
CA VAL A 359 -29.08 38.72 -0.01
C VAL A 359 -30.01 37.53 -0.13
N GLU A 360 -30.85 37.52 -1.16
CA GLU A 360 -31.79 36.42 -1.37
C GLU A 360 -31.08 35.11 -1.67
N LEU A 361 -30.02 35.21 -2.47
CA LEU A 361 -29.24 34.03 -2.86
C LEU A 361 -28.57 33.40 -1.64
N VAL A 362 -28.05 34.22 -0.75
CA VAL A 362 -27.47 33.73 0.51
C VAL A 362 -28.54 33.07 1.39
N GLU A 363 -29.73 33.67 1.46
CA GLU A 363 -30.83 33.05 2.19
C GLU A 363 -31.14 31.64 1.68
N MET A 364 -31.15 31.49 0.36
CA MET A 364 -31.42 30.19 -0.24
C MET A 364 -30.32 29.18 0.11
N GLU A 365 -29.07 29.65 0.11
CA GLU A 365 -27.95 28.84 0.54
C GLU A 365 -28.14 28.35 1.97
N ARG A 366 -28.55 29.26 2.86
CA ARG A 366 -28.78 28.92 4.26
C ARG A 366 -29.87 27.87 4.41
N LEU A 367 -30.89 27.98 3.58
CA LEU A 367 -31.99 27.02 3.58
C LEU A 367 -31.59 25.64 3.03
N LYS A 368 -30.71 25.62 2.04
CA LYS A 368 -30.23 24.34 1.51
C LYS A 368 -29.42 23.62 2.56
N ILE A 369 -28.58 24.39 3.26
CA ILE A 369 -27.74 23.83 4.32
C ILE A 369 -28.63 23.34 5.45
N SER A 370 -29.70 24.09 5.72
CA SER A 370 -30.69 23.69 6.71
C SER A 370 -31.38 22.37 6.37
N GLU A 371 -31.39 22.02 5.10
CA GLU A 371 -31.94 20.74 4.67
C GLU A 371 -30.91 19.63 4.55
N HIS A 372 -29.63 19.96 4.78
CA HIS A 372 -28.57 18.96 4.62
C HIS A 372 -28.49 18.00 5.80
N GLY A 373 -29.11 16.83 5.67
CA GLY A 373 -29.05 15.83 6.73
C GLY A 373 -27.72 15.09 6.71
N ALA A 374 -27.22 14.73 7.90
CA ALA A 374 -25.89 14.17 8.01
C ALA A 374 -25.93 12.70 8.44
N GLY A 375 -25.29 11.84 7.64
CA GLY A 375 -25.20 10.42 7.95
C GLY A 375 -24.10 10.11 8.94
N LYS A 376 -24.13 10.77 10.09
CA LYS A 376 -23.10 10.59 11.12
C LYS A 376 -23.56 9.65 12.22
N SER A 377 -22.62 9.18 13.01
CA SER A 377 -22.86 8.06 13.91
C SER A 377 -23.59 8.53 15.15
N ARG A 378 -23.94 7.58 16.01
CA ARG A 378 -24.86 7.86 17.11
C ARG A 378 -24.32 8.95 18.04
N ALA A 379 -23.07 8.81 18.45
CA ALA A 379 -22.41 9.83 19.26
C ALA A 379 -22.62 11.24 18.72
N TYR A 380 -22.51 11.37 17.40
CA TYR A 380 -22.55 12.68 16.77
C TYR A 380 -23.96 13.09 16.39
N ARG A 381 -24.92 12.21 16.69
CA ARG A 381 -26.33 12.59 16.70
C ARG A 381 -26.72 12.95 18.13
N GLU A 382 -25.80 12.72 19.06
CA GLU A 382 -26.02 13.10 20.46
C GLU A 382 -25.54 14.51 20.79
N ILE A 383 -24.38 14.90 20.24
CA ILE A 383 -23.66 16.04 20.79
C ILE A 383 -23.82 17.33 20.02
N PHE A 384 -24.73 17.35 19.04
CA PHE A 384 -25.11 18.62 18.43
C PHE A 384 -26.62 18.85 18.49
N PRO A 385 -27.22 18.77 19.69
CA PRO A 385 -28.69 18.78 19.77
C PRO A 385 -29.29 20.02 19.13
N GLY A 386 -30.45 19.87 18.47
CA GLY A 386 -31.10 20.99 17.83
C GLY A 386 -30.53 21.45 16.51
N SER A 387 -29.61 20.67 15.93
CA SER A 387 -29.08 21.01 14.62
C SER A 387 -28.93 19.79 13.71
N ASN A 388 -28.67 20.04 12.43
CA ASN A 388 -28.39 18.95 11.50
C ASN A 388 -27.00 18.39 11.73
N ASP A 389 -26.08 19.31 11.95
CA ASP A 389 -24.66 19.03 11.97
C ASP A 389 -23.98 20.34 12.27
N LEU A 390 -22.65 20.33 12.37
CA LEU A 390 -21.91 21.57 12.46
C LEU A 390 -21.67 22.16 11.08
N PHE A 391 -22.06 23.43 10.92
CA PHE A 391 -21.81 24.16 9.69
C PHE A 391 -21.32 25.54 10.08
N ILE A 392 -20.00 25.74 10.00
CA ILE A 392 -19.42 26.98 10.50
C ILE A 392 -18.61 27.68 9.42
N LEU A 393 -19.08 28.86 9.01
CA LEU A 393 -18.42 29.64 7.98
C LEU A 393 -17.80 30.87 8.63
N THR A 394 -16.81 31.46 7.97
CA THR A 394 -16.08 32.57 8.56
C THR A 394 -16.10 33.81 7.67
N VAL A 395 -16.23 34.99 8.28
CA VAL A 395 -16.21 36.25 7.55
C VAL A 395 -15.36 37.27 8.31
N GLY A 396 -15.13 38.42 7.69
CA GLY A 396 -14.45 39.53 8.35
C GLY A 396 -12.95 39.42 8.31
N GLY A 397 -12.30 39.86 9.38
CA GLY A 397 -10.86 39.74 9.50
C GLY A 397 -10.09 40.73 8.65
N THR A 398 -8.89 40.32 8.25
CA THR A 398 -7.97 41.20 7.54
C THR A 398 -7.41 40.52 6.29
N ASN A 399 -6.97 41.33 5.34
CA ASN A 399 -6.39 40.79 4.11
C ASN A 399 -4.87 40.66 4.22
N ALA A 400 -4.23 40.30 3.12
CA ALA A 400 -2.79 40.01 3.11
C ALA A 400 -1.95 41.18 3.61
N LYS A 401 -2.45 42.41 3.41
CA LYS A 401 -1.74 43.60 3.89
C LYS A 401 -2.15 44.01 5.31
N GLY A 402 -2.97 43.21 5.97
CA GLY A 402 -3.44 43.55 7.31
C GLY A 402 -4.51 44.61 7.37
N GLU A 403 -5.11 44.94 6.22
CA GLU A 403 -6.21 45.89 6.21
C GLU A 403 -7.56 45.18 6.29
N ASP A 404 -8.62 45.95 6.50
CA ASP A 404 -9.98 45.42 6.63
C ASP A 404 -10.38 44.51 5.48
N ALA A 405 -10.85 43.30 5.81
CA ALA A 405 -11.32 42.37 4.79
C ALA A 405 -12.84 42.43 4.61
N CYS A 406 -13.51 43.18 5.47
CA CYS A 406 -14.96 43.35 5.40
C CYS A 406 -15.37 44.03 4.10
N ASN A 407 -16.53 43.65 3.56
CA ASN A 407 -17.04 44.27 2.33
C ASN A 407 -18.55 44.10 2.22
N ASP A 408 -19.12 44.53 1.10
CA ASP A 408 -20.57 44.48 0.92
C ASP A 408 -21.10 43.06 0.81
N MET A 409 -20.23 42.11 0.45
CA MET A 409 -20.62 40.70 0.46
C MET A 409 -20.75 40.19 1.90
N THR A 410 -19.84 40.63 2.78
CA THR A 410 -19.95 40.31 4.20
C THR A 410 -21.31 40.72 4.73
N ASP A 411 -21.71 41.93 4.35
CA ASP A 411 -22.94 42.53 4.85
C ASP A 411 -24.16 41.79 4.30
N ALA A 412 -24.05 41.33 3.06
CA ALA A 412 -25.11 40.56 2.43
C ALA A 412 -25.30 39.24 3.16
N ILE A 413 -24.18 38.64 3.58
CA ILE A 413 -24.19 37.37 4.30
C ILE A 413 -24.84 37.55 5.67
N LEU A 414 -24.45 38.62 6.36
CA LEU A 414 -24.99 38.89 7.68
C LEU A 414 -26.48 39.23 7.63
N GLU A 415 -26.89 40.09 6.70
CA GLU A 415 -28.30 40.46 6.59
C GLU A 415 -29.20 39.27 6.28
N ALA A 416 -28.74 38.39 5.40
CA ALA A 416 -29.45 37.16 5.07
C ALA A 416 -29.67 36.32 6.32
N ALA A 417 -28.63 36.19 7.13
CA ALA A 417 -28.75 35.48 8.40
C ALA A 417 -29.82 36.12 9.30
N LYS A 418 -29.73 37.43 9.49
CA LYS A 418 -30.68 38.17 10.31
C LYS A 418 -32.12 37.99 9.82
N ARG A 419 -32.30 38.03 8.50
CA ARG A 419 -33.63 37.95 7.92
C ARG A 419 -34.28 36.56 8.01
N ILE A 420 -33.52 35.52 7.66
CA ILE A 420 -34.12 34.22 7.43
C ILE A 420 -34.20 33.39 8.71
N ARG A 421 -33.35 33.71 9.68
CA ARG A 421 -33.37 33.10 11.00
C ARG A 421 -33.35 31.56 10.96
N THR A 422 -32.25 31.01 10.48
CA THR A 422 -32.01 29.57 10.53
C THR A 422 -30.89 29.31 11.53
N ALA A 423 -30.96 28.18 12.24
CA ALA A 423 -29.94 27.88 13.24
C ALA A 423 -28.60 27.56 12.58
N GLU A 424 -28.65 27.01 11.36
CA GLU A 424 -27.44 26.74 10.61
C GLU A 424 -27.54 27.37 9.22
N PRO A 425 -26.40 27.72 8.61
CA PRO A 425 -25.03 27.65 9.15
C PRO A 425 -24.74 28.74 10.18
N SER A 426 -23.85 28.44 11.12
CA SER A 426 -23.37 29.43 12.09
C SER A 426 -22.25 30.26 11.47
N ILE A 427 -21.97 31.41 12.05
CA ILE A 427 -20.98 32.31 11.48
C ILE A 427 -19.92 32.67 12.51
N VAL A 428 -18.66 32.71 12.07
CA VAL A 428 -17.59 33.27 12.87
C VAL A 428 -17.10 34.59 12.28
N PHE A 429 -16.97 35.61 13.12
CA PHE A 429 -16.48 36.90 12.67
C PHE A 429 -15.10 37.14 13.26
N ARG A 430 -14.13 37.31 12.38
CA ARG A 430 -12.75 37.55 12.81
C ARG A 430 -12.63 39.05 13.10
N TYR A 431 -12.45 39.40 14.37
CA TYR A 431 -12.47 40.82 14.74
C TYR A 431 -11.11 41.47 14.84
N SER A 432 -11.01 42.61 14.17
CA SER A 432 -9.81 43.43 14.15
C SER A 432 -10.26 44.86 14.38
N LYS A 433 -9.40 45.69 14.96
CA LYS A 433 -9.69 47.11 15.07
C LYS A 433 -9.83 47.76 13.68
N LYS A 434 -9.37 47.06 12.64
CA LYS A 434 -9.49 47.53 11.27
C LYS A 434 -10.93 47.50 10.75
N ASN A 435 -11.80 46.72 11.38
CA ASN A 435 -13.09 46.37 10.78
C ASN A 435 -14.04 47.56 10.76
N ARG A 436 -14.64 47.82 9.60
CA ARG A 436 -15.53 48.97 9.40
C ARG A 436 -16.79 48.88 10.26
N GLU A 437 -17.23 50.02 10.77
CA GLU A 437 -18.37 50.07 11.70
C GLU A 437 -19.65 49.61 11.01
N LYS A 438 -19.77 49.92 9.73
CA LYS A 438 -20.93 49.54 8.94
C LYS A 438 -21.20 48.04 9.02
N THR A 439 -20.13 47.26 8.95
CA THR A 439 -20.23 45.80 9.04
C THR A 439 -20.37 45.25 10.47
N LEU A 440 -19.66 45.85 11.42
CA LEU A 440 -19.87 45.56 12.84
C LEU A 440 -21.34 45.68 13.25
N ARG A 441 -22.02 46.69 12.73
CA ARG A 441 -23.42 46.92 13.06
C ARG A 441 -24.28 45.76 12.60
N TRP A 442 -23.97 45.21 11.42
CA TRP A 442 -24.67 44.02 10.94
C TRP A 442 -24.39 42.80 11.81
N VAL A 443 -23.14 42.67 12.27
CA VAL A 443 -22.80 41.58 13.18
C VAL A 443 -23.67 41.68 14.44
N PHE A 444 -23.82 42.89 14.96
CA PHE A 444 -24.59 43.11 16.18
C PHE A 444 -26.08 42.88 15.97
N GLU A 445 -26.57 43.16 14.77
CA GLU A 445 -27.98 42.96 14.46
C GLU A 445 -28.33 41.49 14.61
N CYS A 446 -27.43 40.64 14.15
CA CYS A 446 -27.59 39.20 14.31
C CYS A 446 -27.54 38.80 15.79
N ILE A 447 -26.55 39.31 16.53
CA ILE A 447 -26.39 38.93 17.93
C ILE A 447 -27.55 39.43 18.80
N ARG A 448 -27.99 40.67 18.57
CA ARG A 448 -29.02 41.27 19.42
C ARG A 448 -30.36 40.56 19.22
N ASP A 449 -30.51 39.93 18.06
CA ASP A 449 -31.68 39.12 17.74
C ASP A 449 -31.59 37.71 18.32
N GLY A 450 -30.55 37.44 19.09
CA GLY A 450 -30.46 36.19 19.83
C GLY A 450 -30.04 34.97 19.01
N LEU A 451 -29.59 35.19 17.78
CA LEU A 451 -29.16 34.09 16.91
C LEU A 451 -27.99 33.30 17.47
N GLY A 452 -27.16 33.95 18.29
CA GLY A 452 -26.00 33.28 18.87
C GLY A 452 -24.74 33.46 18.04
N TYR A 453 -24.90 33.97 16.83
CA TYR A 453 -23.78 34.20 15.95
C TYR A 453 -23.95 35.55 15.25
N PRO A 454 -22.87 36.11 14.67
CA PRO A 454 -21.48 35.64 14.62
C PRO A 454 -20.85 35.51 15.99
N SER A 455 -20.12 34.41 16.22
CA SER A 455 -19.20 34.36 17.34
C SER A 455 -18.03 35.24 16.98
N ILE A 456 -17.20 35.59 17.95
CA ILE A 456 -16.14 36.53 17.68
C ILE A 456 -14.79 35.89 17.96
N LYS A 457 -13.91 35.91 16.96
CA LYS A 457 -12.56 35.43 17.15
C LYS A 457 -11.55 36.56 17.05
N HIS A 458 -10.50 36.45 17.84
CA HIS A 458 -9.46 37.47 17.88
C HIS A 458 -8.59 37.32 16.62
N ASP A 459 -8.62 38.34 15.76
CA ASP A 459 -8.02 38.20 14.43
C ASP A 459 -6.51 38.02 14.50
N GLU A 460 -5.86 38.86 15.30
CA GLU A 460 -4.41 38.84 15.41
C GLU A 460 -3.89 37.54 16.03
N ILE A 461 -4.57 37.06 17.07
CA ILE A 461 -4.18 35.79 17.69
C ILE A 461 -4.17 34.66 16.67
N GLY A 462 -5.20 34.61 15.83
CA GLY A 462 -5.34 33.55 14.86
C GLY A 462 -4.28 33.65 13.77
N THR A 463 -4.02 34.87 13.32
CA THR A 463 -3.07 35.10 12.24
C THR A 463 -1.66 34.77 12.73
N GLU A 464 -1.35 35.19 13.96
CA GLU A 464 -0.06 34.88 14.57
C GLU A 464 0.10 33.37 14.66
N GLN A 465 -0.99 32.71 15.05
CA GLN A 465 -1.01 31.26 15.20
C GLN A 465 -0.64 30.57 13.89
N MET A 466 -1.22 31.03 12.80
CA MET A 466 -0.92 30.48 11.47
C MET A 466 0.55 30.62 11.13
N LYS A 467 1.15 31.76 11.48
CA LYS A 467 2.57 31.98 11.24
C LYS A 467 3.42 31.01 12.05
N GLU A 468 3.04 30.78 13.31
CA GLU A 468 3.80 29.91 14.18
C GLU A 468 3.77 28.45 13.70
N TYR A 469 2.59 27.97 13.31
CA TYR A 469 2.47 26.60 12.83
C TYR A 469 3.21 26.41 11.51
N ALA A 470 3.23 27.45 10.69
CA ALA A 470 3.82 27.41 9.36
C ALA A 470 5.30 27.02 9.43
N LYS A 471 5.94 27.37 10.54
CA LYS A 471 7.36 27.12 10.75
C LYS A 471 7.70 25.64 10.83
N PHE A 472 6.70 24.81 11.11
CA PHE A 472 6.94 23.38 11.26
C PHE A 472 6.66 22.59 10.00
N SER A 473 6.35 23.29 8.91
CA SER A 473 6.00 22.63 7.65
C SER A 473 7.06 21.64 7.23
N LEU A 474 6.66 20.43 6.86
CA LEU A 474 7.61 19.36 6.59
C LEU A 474 8.32 19.54 5.25
N ASN A 475 7.73 20.32 4.35
CA ASN A 475 8.38 20.62 3.08
C ASN A 475 8.67 22.10 2.94
N GLY A 476 8.77 22.78 4.08
CA GLY A 476 9.05 24.21 4.13
C GLY A 476 8.14 25.08 3.29
N ASN A 477 6.89 24.66 3.13
CA ASN A 477 5.91 25.43 2.37
C ASN A 477 4.66 25.71 3.21
N GLY A 478 4.86 26.07 4.47
CA GLY A 478 3.76 26.49 5.32
C GLY A 478 3.24 27.84 4.85
N ALA A 479 2.22 28.36 5.54
CA ALA A 479 1.66 29.66 5.19
C ALA A 479 2.75 30.73 5.17
N THR A 480 2.80 31.53 4.10
CA THR A 480 3.60 32.74 4.11
C THR A 480 2.99 33.72 5.10
N ASP A 481 3.74 34.76 5.46
CA ASP A 481 3.21 35.78 6.36
C ASP A 481 1.91 36.40 5.84
N GLU A 482 1.84 36.62 4.53
CA GLU A 482 0.64 37.14 3.92
C GLU A 482 -0.50 36.11 3.92
N GLU A 483 -0.17 34.87 3.56
CA GLU A 483 -1.14 33.77 3.60
C GLU A 483 -1.73 33.51 4.98
N ALA A 484 -0.96 33.80 6.02
CA ALA A 484 -1.39 33.59 7.40
C ALA A 484 -2.62 34.41 7.78
N HIS A 485 -2.88 35.48 7.04
CA HIS A 485 -4.11 36.24 7.21
C HIS A 485 -5.33 35.53 6.61
N ASN A 486 -5.10 34.52 5.78
CA ASN A 486 -6.20 33.81 5.14
C ASN A 486 -6.65 32.64 6.00
N TRP A 487 -7.41 32.90 7.05
CA TRP A 487 -7.82 31.78 7.88
C TRP A 487 -9.30 31.78 8.27
N VAL A 488 -9.76 30.59 8.61
CA VAL A 488 -11.15 30.32 8.94
C VAL A 488 -11.17 29.34 10.10
N ASN A 489 -12.30 29.21 10.78
CA ASN A 489 -12.44 28.15 11.75
C ASN A 489 -12.77 26.86 10.99
N VAL A 490 -12.16 25.75 11.39
CA VAL A 490 -12.35 24.49 10.67
C VAL A 490 -13.73 23.93 10.99
N LEU A 491 -13.98 23.68 12.27
CA LEU A 491 -15.33 23.53 12.76
C LEU A 491 -15.65 24.73 13.65
N CYS A 492 -16.05 24.46 14.89
CA CYS A 492 -16.50 25.53 15.77
C CYS A 492 -15.44 26.58 16.11
N MET A 493 -14.18 26.17 16.32
CA MET A 493 -13.32 27.01 17.14
C MET A 493 -11.87 27.20 16.65
N SER A 494 -11.33 26.23 15.92
CA SER A 494 -9.89 26.22 15.64
C SER A 494 -9.57 26.85 14.27
N PRO A 495 -8.67 27.84 14.26
CA PRO A 495 -8.24 28.46 13.00
C PRO A 495 -7.56 27.49 12.03
N GLY A 496 -7.74 27.71 10.73
CA GLY A 496 -7.02 26.99 9.71
C GLY A 496 -6.93 27.83 8.45
N ILE A 497 -5.91 27.61 7.63
CA ILE A 497 -5.76 28.31 6.36
C ILE A 497 -6.93 27.97 5.40
N HIS A 498 -7.41 28.97 4.67
CA HIS A 498 -8.25 28.74 3.50
C HIS A 498 -7.53 29.20 2.23
N GLY A 499 -7.93 28.64 1.09
CA GLY A 499 -7.40 29.08 -0.19
C GLY A 499 -7.23 27.92 -1.15
N ARG A 500 -6.35 28.07 -2.12
CA ARG A 500 -6.23 27.11 -3.22
C ARG A 500 -5.30 25.97 -2.82
N ARG A 501 -4.63 26.16 -1.68
CA ARG A 501 -3.54 25.30 -1.26
C ARG A 501 -3.36 25.38 0.25
N LYS A 502 -2.79 24.32 0.84
CA LYS A 502 -2.40 24.27 2.24
C LYS A 502 -3.56 24.21 3.24
N THR A 503 -4.76 23.91 2.77
CA THR A 503 -5.90 23.81 3.68
C THR A 503 -5.92 22.45 4.39
N GLN A 504 -6.55 22.38 5.55
CA GLN A 504 -6.69 21.14 6.30
C GLN A 504 -7.65 20.18 5.63
N LYS A 505 -7.21 18.94 5.39
CA LYS A 505 -7.98 18.03 4.56
C LYS A 505 -8.78 17.00 5.38
N THR A 506 -8.45 16.86 6.66
CA THR A 506 -9.02 15.79 7.47
C THR A 506 -9.00 16.14 8.95
N ARG A 507 -9.95 15.59 9.70
CA ARG A 507 -9.99 15.82 11.15
C ARG A 507 -8.84 15.10 11.88
N SER A 508 -8.20 14.17 11.19
CA SER A 508 -7.02 13.50 11.73
C SER A 508 -5.85 14.45 12.01
N GLU A 509 -5.80 15.55 11.26
CA GLU A 509 -4.82 16.59 11.52
C GLU A 509 -5.02 17.30 12.85
N GLY A 510 -6.28 17.54 13.19
CA GLY A 510 -6.62 18.33 14.35
C GLY A 510 -8.12 18.29 14.59
N GLY A 511 -8.51 18.09 15.84
CA GLY A 511 -9.91 17.92 16.19
C GLY A 511 -10.04 16.69 17.07
N GLY A 512 -11.21 16.47 17.65
CA GLY A 512 -11.34 15.39 18.60
C GLY A 512 -11.13 15.93 20.01
N SER A 513 -11.71 15.28 21.00
CA SER A 513 -11.80 15.88 22.32
C SER A 513 -11.24 15.00 23.43
N ILE A 514 -11.01 15.62 24.58
CA ILE A 514 -10.54 14.94 25.78
C ILE A 514 -11.25 15.60 26.96
N PHE A 515 -11.52 14.83 28.01
CA PHE A 515 -12.49 15.26 29.01
C PHE A 515 -11.93 15.31 30.44
N PRO A 516 -11.35 16.45 30.83
CA PRO A 516 -10.74 16.64 32.15
C PRO A 516 -11.62 16.27 33.35
N ALA A 517 -12.93 16.52 33.27
CA ALA A 517 -13.79 16.25 34.43
C ALA A 517 -13.77 14.77 34.82
N LYS A 518 -13.82 13.90 33.80
CA LYS A 518 -13.84 12.47 34.02
C LYS A 518 -12.47 12.00 34.49
N LEU A 519 -11.43 12.56 33.87
CA LEU A 519 -10.05 12.30 34.26
C LEU A 519 -9.82 12.67 35.71
N LEU A 520 -10.36 13.81 36.13
CA LEU A 520 -10.33 14.22 37.53
C LEU A 520 -11.02 13.19 38.42
N GLU A 521 -12.26 12.83 38.09
CA GLU A 521 -12.99 11.83 38.88
C GLU A 521 -12.19 10.56 39.13
N ILE A 522 -11.63 9.97 38.08
CA ILE A 522 -10.91 8.71 38.24
C ILE A 522 -9.53 8.90 38.88
N SER A 523 -9.01 10.12 38.80
CA SER A 523 -7.81 10.49 39.55
C SER A 523 -7.96 10.22 41.05
N LEU A 524 -9.18 10.38 41.55
CA LEU A 524 -9.48 10.20 42.95
C LEU A 524 -9.90 8.77 43.27
N ASN A 525 -9.75 7.89 42.29
CA ASN A 525 -10.13 6.49 42.47
C ASN A 525 -9.15 5.53 41.80
N ASP A 526 -7.89 5.94 41.73
CA ASP A 526 -6.80 5.11 41.20
C ASP A 526 -7.07 4.66 39.76
N GLY A 527 -7.66 5.56 38.97
CA GLY A 527 -7.92 5.28 37.57
C GLY A 527 -9.17 4.46 37.30
N TYR A 528 -9.93 4.15 38.34
CA TYR A 528 -11.10 3.30 38.20
C TYR A 528 -12.38 4.13 38.10
N ASP A 529 -13.19 3.86 37.08
CA ASP A 529 -14.46 4.54 36.90
C ASP A 529 -15.56 3.72 37.57
N TRP A 530 -15.90 4.08 38.80
CA TRP A 530 -16.91 3.31 39.54
C TRP A 530 -18.32 3.75 39.17
N SER A 531 -18.43 4.98 38.66
CA SER A 531 -19.73 5.65 38.57
C SER A 531 -20.45 5.42 37.23
N TYR A 532 -19.71 5.32 36.14
CA TYR A 532 -20.36 5.10 34.85
C TYR A 532 -20.18 3.67 34.37
N ALA A 533 -18.94 3.29 34.05
CA ALA A 533 -18.70 2.01 33.38
C ALA A 533 -18.35 0.86 34.32
N ASP A 534 -18.02 1.16 35.57
CA ASP A 534 -17.58 0.16 36.54
C ASP A 534 -16.39 -0.63 36.00
N MET A 535 -15.29 0.06 35.69
CA MET A 535 -14.09 -0.59 35.16
C MET A 535 -12.90 0.35 35.19
N GLN A 536 -11.72 -0.20 35.01
CA GLN A 536 -10.49 0.59 34.96
C GLN A 536 -10.52 1.44 33.69
N LEU A 537 -10.39 2.75 33.84
CA LEU A 537 -10.57 3.68 32.73
C LEU A 537 -9.24 4.37 32.37
N GLY A 538 -8.34 4.44 33.35
CA GLY A 538 -7.04 5.05 33.14
C GLY A 538 -5.96 4.25 33.83
N PRO A 539 -4.73 4.77 33.88
CA PRO A 539 -3.63 4.13 34.60
C PRO A 539 -3.87 4.13 36.11
N LYS A 540 -3.26 3.18 36.83
CA LYS A 540 -3.35 3.15 38.28
C LYS A 540 -2.39 4.17 38.86
N THR A 541 -2.84 5.41 39.02
CA THR A 541 -1.97 6.52 39.40
C THR A 541 -1.84 6.69 40.90
N GLY A 542 -2.52 5.85 41.67
CA GLY A 542 -2.34 5.86 43.12
C GLY A 542 -3.66 5.86 43.84
N ASP A 543 -3.78 5.03 44.88
CA ASP A 543 -5.01 5.00 45.66
C ASP A 543 -5.12 6.26 46.52
N LEU A 544 -6.28 6.44 47.13
CA LEU A 544 -6.55 7.61 47.96
C LEU A 544 -5.51 7.90 49.03
N SER A 545 -5.04 6.85 49.71
CA SER A 545 -4.09 7.03 50.81
C SER A 545 -2.74 7.54 50.31
N SER A 546 -2.43 7.25 49.05
CA SER A 546 -1.15 7.67 48.48
C SER A 546 -1.18 9.15 48.12
N LEU A 547 -2.37 9.74 48.13
CA LEU A 547 -2.54 11.14 47.77
C LEU A 547 -2.46 12.02 49.01
N LYS A 548 -1.24 12.28 49.46
CA LYS A 548 -1.03 12.84 50.79
C LYS A 548 -0.93 14.36 50.78
N SER A 549 -0.78 14.93 49.58
CA SER A 549 -0.74 16.38 49.41
C SER A 549 -1.52 16.79 48.16
N PHE A 550 -1.77 18.09 48.02
CA PHE A 550 -2.43 18.62 46.83
C PHE A 550 -1.58 18.35 45.59
N GLU A 551 -0.27 18.43 45.75
CA GLU A 551 0.67 18.10 44.69
C GLU A 551 0.53 16.65 44.20
N ASP A 552 0.22 15.72 45.11
CA ASP A 552 -0.03 14.34 44.71
C ASP A 552 -1.27 14.23 43.84
N VAL A 553 -2.31 14.97 44.22
CA VAL A 553 -3.55 15.03 43.44
C VAL A 553 -3.30 15.63 42.06
N TRP A 554 -2.53 16.72 42.04
CA TRP A 554 -2.14 17.41 40.80
C TRP A 554 -1.41 16.47 39.84
N GLU A 555 -0.46 15.70 40.38
CA GLU A 555 0.34 14.77 39.59
C GLU A 555 -0.45 13.57 39.09
N ALA A 556 -1.38 13.09 39.91
CA ALA A 556 -2.26 12.01 39.48
C ALA A 556 -3.09 12.43 38.27
N PHE A 557 -3.62 13.64 38.29
CA PHE A 557 -4.37 14.11 37.13
C PHE A 557 -3.47 14.20 35.91
N ARG A 558 -2.28 14.78 36.10
CA ARG A 558 -1.30 14.91 35.02
C ARG A 558 -1.07 13.58 34.30
N LYS A 559 -0.86 12.51 35.08
CA LYS A 559 -0.59 11.21 34.49
C LYS A 559 -1.81 10.67 33.77
N GLN A 560 -2.99 10.90 34.35
CA GLN A 560 -4.24 10.52 33.71
C GLN A 560 -4.37 11.23 32.37
N TYR A 561 -4.01 12.51 32.39
CA TYR A 561 -4.13 13.38 31.23
C TYR A 561 -3.12 12.98 30.17
N GLN A 562 -1.90 12.67 30.60
CA GLN A 562 -0.85 12.26 29.69
C GLN A 562 -1.19 10.96 29.00
N TYR A 563 -1.69 9.99 29.77
CA TYR A 563 -2.11 8.71 29.20
C TYR A 563 -3.20 8.91 28.16
N ALA A 564 -4.17 9.74 28.50
CA ALA A 564 -5.32 9.96 27.63
C ALA A 564 -4.97 10.72 26.35
N ILE A 565 -4.24 11.82 26.48
CA ILE A 565 -3.96 12.67 25.34
C ILE A 565 -3.04 11.96 24.35
N ASN A 566 -2.18 11.06 24.85
CA ASN A 566 -1.31 10.28 23.96
C ASN A 566 -2.11 9.39 23.04
N LEU A 567 -3.13 8.75 23.60
CA LEU A 567 -4.04 7.90 22.85
C LEU A 567 -4.83 8.74 21.86
N CYS A 568 -5.27 9.92 22.32
CA CYS A 568 -6.03 10.84 21.49
C CYS A 568 -5.34 11.24 20.19
N ILE A 569 -4.05 11.55 20.27
CA ILE A 569 -3.34 11.99 19.06
C ILE A 569 -2.85 10.81 18.22
N SER A 570 -2.38 9.76 18.89
CA SER A 570 -1.80 8.63 18.16
C SER A 570 -2.85 7.91 17.33
N THR A 571 -4.07 7.84 17.84
CA THR A 571 -5.17 7.22 17.11
C THR A 571 -5.55 8.05 15.88
N LYS A 572 -5.41 9.37 15.99
CA LYS A 572 -5.59 10.25 14.85
C LYS A 572 -4.50 10.10 13.79
N ASP A 573 -3.25 9.98 14.22
CA ASP A 573 -2.13 9.85 13.30
C ASP A 573 -2.12 8.49 12.59
N VAL A 574 -2.60 7.47 13.27
CA VAL A 574 -2.68 6.15 12.66
C VAL A 574 -3.77 6.18 11.59
N SER A 575 -4.87 6.87 11.90
CA SER A 575 -5.96 7.02 10.95
C SER A 575 -5.46 7.71 9.69
N ARG A 576 -4.67 8.75 9.89
CA ARG A 576 -4.04 9.51 8.81
C ARG A 576 -3.22 8.60 7.91
N TYR A 577 -2.46 7.71 8.53
CA TYR A 577 -1.63 6.75 7.81
C TYR A 577 -2.45 5.91 6.83
N PHE A 578 -3.58 5.40 7.30
CA PHE A 578 -4.43 4.57 6.46
C PHE A 578 -5.39 5.34 5.55
N GLU A 579 -5.83 6.53 5.96
CA GLU A 579 -6.70 7.34 5.10
C GLU A 579 -6.03 7.60 3.76
N GLN A 580 -4.76 7.98 3.78
CA GLN A 580 -4.07 8.34 2.55
C GLN A 580 -3.73 7.10 1.73
N ARG A 581 -3.83 5.93 2.36
CA ARG A 581 -3.50 4.68 1.69
C ARG A 581 -4.72 3.93 1.15
N PHE A 582 -5.87 4.12 1.77
CA PHE A 582 -7.08 3.37 1.39
C PHE A 582 -8.34 4.23 1.29
N LEU A 583 -8.28 5.45 1.80
CA LEU A 583 -9.40 6.39 1.71
C LEU A 583 -9.02 7.63 0.93
N GLN A 584 -8.29 7.44 -0.17
CA GLN A 584 -7.86 8.57 -0.98
C GLN A 584 -9.05 9.45 -1.33
N MET A 585 -8.80 10.76 -1.43
CA MET A 585 -9.83 11.69 -1.88
C MET A 585 -9.35 12.39 -3.13
N PRO A 586 -9.46 11.70 -4.28
CA PRO A 586 -8.94 12.24 -5.54
C PRO A 586 -9.61 13.53 -6.00
N PHE A 587 -10.89 13.74 -5.70
CA PHE A 587 -11.48 15.04 -6.04
C PHE A 587 -10.86 16.19 -5.25
N VAL A 588 -10.75 16.03 -3.93
CA VAL A 588 -10.16 17.06 -3.09
C VAL A 588 -8.71 17.28 -3.50
N SER A 589 -8.03 16.19 -3.83
CA SER A 589 -6.65 16.28 -4.29
C SER A 589 -6.57 17.12 -5.56
N ALA A 590 -7.53 16.91 -6.46
CA ALA A 590 -7.50 17.57 -7.76
C ALA A 590 -7.66 19.07 -7.66
N ILE A 591 -8.34 19.53 -6.62
CA ILE A 591 -8.58 20.97 -6.45
C ILE A 591 -7.64 21.61 -5.45
N ASP A 592 -6.67 20.85 -4.95
CA ASP A 592 -5.59 21.44 -4.15
C ASP A 592 -4.38 21.64 -5.07
N ASP A 593 -3.88 22.88 -5.13
CA ASP A 593 -2.77 23.19 -6.02
C ASP A 593 -1.52 22.38 -5.68
N GLY A 594 -1.33 22.09 -4.39
CA GLY A 594 -0.14 21.39 -3.97
C GLY A 594 -0.20 19.92 -4.33
N CYS A 595 -1.35 19.31 -4.05
CA CYS A 595 -1.61 17.93 -4.42
C CYS A 595 -1.46 17.70 -5.91
N MET A 596 -2.07 18.58 -6.70
CA MET A 596 -1.99 18.51 -8.15
C MET A 596 -0.55 18.59 -8.62
N GLU A 597 0.19 19.55 -8.07
CA GLU A 597 1.56 19.80 -8.48
C GLU A 597 2.48 18.63 -8.15
N LEU A 598 2.28 18.05 -6.98
CA LEU A 598 3.16 17.00 -6.47
C LEU A 598 2.68 15.57 -6.73
N GLY A 599 1.49 15.43 -7.31
CA GLY A 599 0.93 14.12 -7.58
C GLY A 599 0.69 13.33 -6.30
N MET A 600 0.19 14.02 -5.28
CA MET A 600 -0.04 13.42 -3.98
C MET A 600 -1.51 13.46 -3.55
N ASP A 601 -1.91 12.50 -2.73
CA ASP A 601 -3.27 12.48 -2.19
C ASP A 601 -3.44 13.57 -1.15
N ALA A 602 -4.65 14.11 -1.05
CA ALA A 602 -4.99 15.13 -0.07
C ALA A 602 -4.62 14.79 1.38
N CYS A 603 -4.70 13.51 1.75
CA CYS A 603 -4.34 13.15 3.12
C CYS A 603 -2.86 12.86 3.32
N ALA A 604 -2.12 12.66 2.24
CA ALA A 604 -0.70 12.35 2.35
C ALA A 604 0.08 13.65 2.50
N LEU A 605 -0.20 14.60 1.61
CA LEU A 605 0.48 15.89 1.61
C LEU A 605 -0.04 16.77 2.73
N SER A 606 0.86 17.31 3.54
CA SER A 606 0.46 18.20 4.62
C SER A 606 1.43 19.37 4.70
N GLU A 607 1.11 20.46 4.02
CA GLU A 607 2.04 21.58 3.93
C GLU A 607 1.90 22.54 5.10
N GLN A 608 0.71 22.65 5.68
CA GLN A 608 0.52 23.51 6.85
C GLN A 608 0.04 22.71 8.06
N PRO A 609 0.94 22.48 9.03
CA PRO A 609 0.52 21.78 10.26
C PRO A 609 -0.56 22.56 10.99
N ASN A 610 -1.43 21.86 11.71
CA ASN A 610 -2.52 22.52 12.42
C ASN A 610 -3.04 21.64 13.55
N GLY A 611 -2.12 20.96 14.24
CA GLY A 611 -2.49 19.98 15.24
C GLY A 611 -3.21 20.59 16.43
N TRP A 612 -4.35 20.02 16.79
CA TRP A 612 -5.04 20.39 18.03
C TRP A 612 -5.93 19.29 18.57
N HIS A 613 -6.26 19.38 19.86
CA HIS A 613 -7.28 18.51 20.44
C HIS A 613 -8.14 19.36 21.37
N ASN A 614 -9.38 18.93 21.62
CA ASN A 614 -10.34 19.75 22.35
C ASN A 614 -10.53 19.35 23.81
N PRO A 615 -10.01 20.15 24.75
CA PRO A 615 -10.42 19.89 26.12
C PRO A 615 -11.85 20.34 26.35
N ILE A 616 -12.69 19.41 26.80
CA ILE A 616 -14.08 19.70 27.11
C ILE A 616 -14.37 19.23 28.52
N THR A 617 -15.11 20.04 29.29
CA THR A 617 -15.39 19.82 30.71
C THR A 617 -14.18 20.20 31.56
N THR A 618 -13.35 21.10 31.03
CA THR A 618 -12.16 21.60 31.74
C THR A 618 -12.46 22.30 33.07
N ILE A 619 -13.43 23.21 33.07
CA ILE A 619 -13.68 24.05 34.24
C ILE A 619 -14.30 23.28 35.42
N VAL A 620 -15.07 22.24 35.14
CA VAL A 620 -15.49 21.32 36.19
C VAL A 620 -14.26 20.75 36.89
N ALA A 621 -13.32 20.24 36.10
CA ALA A 621 -12.06 19.73 36.64
C ALA A 621 -11.35 20.81 37.43
N ALA A 622 -11.25 22.00 36.86
CA ALA A 622 -10.53 23.11 37.46
C ALA A 622 -11.13 23.58 38.78
N ASN A 623 -12.46 23.76 38.80
CA ASN A 623 -13.15 24.13 40.03
C ASN A 623 -13.04 23.06 41.10
N SER A 624 -13.03 21.79 40.68
CA SER A 624 -12.90 20.69 41.60
C SER A 624 -11.56 20.72 42.31
N LEU A 625 -10.51 20.99 41.55
CA LEU A 625 -9.16 21.06 42.09
C LEU A 625 -9.01 22.23 43.07
N VAL A 626 -9.59 23.37 42.72
CA VAL A 626 -9.57 24.54 43.59
C VAL A 626 -10.21 24.21 44.93
N ALA A 627 -11.33 23.50 44.88
CA ALA A 627 -12.09 23.20 46.08
C ALA A 627 -11.37 22.16 46.93
N ILE A 628 -10.74 21.19 46.26
CA ILE A 628 -9.94 20.19 46.96
C ILE A 628 -8.80 20.85 47.73
N LYS A 629 -8.10 21.78 47.08
CA LYS A 629 -6.97 22.45 47.71
C LYS A 629 -7.38 23.19 48.97
N LYS A 630 -8.43 24.00 48.85
CA LYS A 630 -8.87 24.87 49.93
C LYS A 630 -9.43 24.11 51.14
N LEU A 631 -10.29 23.14 50.88
CA LEU A 631 -11.02 22.48 51.95
C LEU A 631 -10.37 21.20 52.51
N VAL A 632 -9.67 20.46 51.65
CA VAL A 632 -9.03 19.24 52.12
C VAL A 632 -7.60 19.47 52.62
N PHE A 633 -6.84 20.29 51.90
CA PHE A 633 -5.41 20.39 52.21
C PHE A 633 -5.00 21.69 52.89
N GLU A 634 -5.63 22.80 52.54
CA GLU A 634 -5.27 24.07 53.17
C GLU A 634 -5.95 24.21 54.53
N GLU A 635 -7.27 24.10 54.54
CA GLU A 635 -8.05 24.23 55.77
C GLU A 635 -8.22 22.92 56.52
N LYS A 636 -8.00 21.80 55.83
CA LYS A 636 -8.12 20.47 56.42
C LYS A 636 -9.49 20.29 57.10
N LYS A 637 -10.52 20.87 56.51
CA LYS A 637 -11.88 20.71 57.02
C LYS A 637 -12.41 19.31 56.75
N TYR A 638 -12.02 18.73 55.62
CA TYR A 638 -12.37 17.36 55.29
C TYR A 638 -11.14 16.58 54.83
N THR A 639 -11.09 15.29 55.17
CA THR A 639 -10.05 14.41 54.61
C THR A 639 -10.48 13.94 53.23
N LEU A 640 -9.56 13.36 52.48
CA LEU A 640 -9.89 12.91 51.12
C LEU A 640 -10.83 11.71 51.20
N GLU A 641 -10.67 10.92 52.27
CA GLU A 641 -11.53 9.78 52.52
C GLU A 641 -12.97 10.22 52.82
N GLN A 642 -13.08 11.37 53.46
CA GLN A 642 -14.39 11.95 53.77
C GLN A 642 -15.06 12.45 52.51
N LEU A 643 -14.32 13.20 51.71
CA LEU A 643 -14.75 13.60 50.38
C LEU A 643 -15.16 12.40 49.52
N SER A 644 -14.28 11.40 49.45
CA SER A 644 -14.52 10.25 48.58
C SER A 644 -15.75 9.45 49.01
N GLN A 645 -15.96 9.33 50.32
CA GLN A 645 -17.15 8.67 50.84
C GLN A 645 -18.40 9.45 50.45
N ALA A 646 -18.32 10.77 50.58
CA ALA A 646 -19.41 11.66 50.17
C ALA A 646 -19.70 11.50 48.68
N LEU A 647 -18.66 11.48 47.86
CA LEU A 647 -18.85 11.37 46.42
C LEU A 647 -19.53 10.04 46.08
N LYS A 648 -19.06 8.97 46.69
CA LYS A 648 -19.59 7.64 46.37
C LYS A 648 -21.05 7.54 46.81
N ALA A 649 -21.46 8.42 47.72
CA ALA A 649 -22.84 8.50 48.16
C ALA A 649 -23.72 9.45 47.31
N ASN A 650 -23.16 10.00 46.24
CA ASN A 650 -23.80 11.10 45.51
C ASN A 650 -24.23 12.24 46.44
N TRP A 651 -23.41 12.49 47.46
CA TRP A 651 -23.59 13.54 48.46
C TRP A 651 -24.78 13.29 49.37
N GLU A 652 -25.46 12.15 49.21
CA GLU A 652 -26.64 11.87 50.01
C GLU A 652 -26.23 11.67 51.47
N GLY A 653 -26.70 12.56 52.34
CA GLY A 653 -26.36 12.48 53.74
C GLY A 653 -25.23 13.45 54.05
N PHE A 654 -24.74 14.10 53.00
CA PHE A 654 -23.55 14.94 53.10
C PHE A 654 -23.79 16.28 52.44
N GLU A 655 -25.00 16.81 52.61
CA GLU A 655 -25.38 18.04 51.92
C GLU A 655 -24.59 19.25 52.40
N GLU A 656 -24.31 19.30 53.70
CA GLU A 656 -23.48 20.37 54.24
C GLU A 656 -22.07 20.36 53.64
N MET A 657 -21.50 19.18 53.44
CA MET A 657 -20.21 19.09 52.77
C MET A 657 -20.31 19.59 51.33
N ARG A 658 -21.29 19.10 50.59
CA ARG A 658 -21.52 19.52 49.21
C ARG A 658 -21.57 21.04 49.06
N VAL A 659 -22.35 21.68 49.92
CA VAL A 659 -22.52 23.13 49.90
C VAL A 659 -21.21 23.85 50.18
N ASP A 660 -20.38 23.29 51.06
CA ASP A 660 -19.05 23.83 51.30
C ASP A 660 -18.21 23.83 50.03
N PHE A 661 -18.12 22.67 49.38
CA PHE A 661 -17.37 22.54 48.13
C PHE A 661 -17.94 23.40 47.01
N LYS A 662 -19.27 23.48 46.94
CA LYS A 662 -19.94 24.33 45.96
C LYS A 662 -19.55 25.80 46.12
N ARG A 663 -19.45 26.27 47.37
CA ARG A 663 -19.21 27.69 47.62
C ARG A 663 -17.71 28.03 47.64
N ALA A 664 -16.86 27.02 47.51
CA ALA A 664 -15.41 27.24 47.36
C ALA A 664 -15.19 28.15 46.16
N PRO A 665 -14.04 28.86 46.11
CA PRO A 665 -13.82 29.81 45.00
C PRO A 665 -13.98 29.19 43.61
N LYS A 666 -14.57 29.95 42.69
CA LYS A 666 -14.93 29.46 41.37
C LYS A 666 -14.33 30.32 40.26
N TRP A 667 -13.98 29.68 39.15
CA TRP A 667 -13.60 30.38 37.92
C TRP A 667 -14.63 31.43 37.52
N GLY A 668 -14.15 32.58 37.04
CA GLY A 668 -15.01 33.58 36.45
C GLY A 668 -15.43 34.70 37.38
N ASN A 669 -14.83 34.75 38.56
CA ASN A 669 -15.14 35.80 39.52
C ASN A 669 -14.01 36.79 39.76
N ASP A 670 -13.01 36.75 38.88
CA ASP A 670 -11.75 37.48 39.08
C ASP A 670 -11.23 37.28 40.51
N ASP A 671 -11.35 36.04 41.01
CA ASP A 671 -10.90 35.72 42.35
C ASP A 671 -9.49 35.14 42.26
N ASP A 672 -8.56 35.78 42.96
CA ASP A 672 -7.15 35.37 42.97
C ASP A 672 -6.92 33.89 43.32
N TYR A 673 -7.61 33.38 44.34
CA TYR A 673 -7.34 32.03 44.83
C TYR A 673 -7.68 31.02 43.74
N ALA A 674 -8.89 31.13 43.20
CA ALA A 674 -9.34 30.24 42.14
C ALA A 674 -8.48 30.42 40.89
N ASP A 675 -8.29 31.67 40.48
CA ASP A 675 -7.71 31.96 39.17
C ASP A 675 -6.22 31.61 39.11
N GLY A 676 -5.54 31.68 40.25
CA GLY A 676 -4.12 31.37 40.29
C GLY A 676 -3.90 29.90 40.01
N ILE A 677 -4.75 29.06 40.59
CA ILE A 677 -4.65 27.62 40.43
C ILE A 677 -5.07 27.21 39.03
N ILE A 678 -6.17 27.80 38.56
CA ILE A 678 -6.78 27.41 37.30
C ILE A 678 -5.95 27.89 36.10
N THR A 679 -5.35 29.09 36.22
CA THR A 679 -4.45 29.58 35.17
C THR A 679 -3.30 28.60 34.96
N ARG A 680 -2.70 28.16 36.06
CA ARG A 680 -1.63 27.16 36.00
C ARG A 680 -2.15 25.88 35.36
N PHE A 681 -3.39 25.52 35.69
CA PHE A 681 -4.00 24.29 35.18
C PHE A 681 -4.10 24.32 33.66
N TYR A 682 -4.61 25.43 33.12
CA TYR A 682 -4.67 25.62 31.66
C TYR A 682 -3.30 25.60 31.00
N GLU A 683 -2.37 26.34 31.59
CA GLU A 683 -1.09 26.64 30.93
C GLU A 683 -0.07 25.52 31.11
N GLU A 684 -0.02 24.93 32.30
CA GLU A 684 0.99 23.93 32.60
C GLU A 684 0.54 22.52 32.20
N ILE A 685 -0.71 22.17 32.50
CA ILE A 685 -1.18 20.82 32.21
C ILE A 685 -1.97 20.72 30.91
N ILE A 686 -3.09 21.43 30.82
CA ILE A 686 -4.00 21.29 29.68
C ILE A 686 -3.28 21.58 28.37
N GLY A 687 -2.59 22.72 28.33
CA GLY A 687 -1.82 23.11 27.17
C GLY A 687 -0.41 22.58 27.18
N GLY A 688 0.27 22.74 28.32
CA GLY A 688 1.66 22.39 28.45
C GLY A 688 2.00 20.95 28.13
N GLU A 689 1.20 20.01 28.64
CA GLU A 689 1.47 18.60 28.40
C GLU A 689 1.10 18.21 26.98
N MET A 690 0.02 18.77 26.46
CA MET A 690 -0.47 18.39 25.14
C MET A 690 0.58 18.81 24.11
N ARG A 691 1.17 19.98 24.34
CA ARG A 691 2.09 20.61 23.41
C ARG A 691 3.40 19.83 23.25
N LYS A 692 3.66 18.91 24.18
CA LYS A 692 4.80 18.01 24.07
C LYS A 692 4.65 17.01 22.93
N ILE A 693 3.42 16.80 22.47
CA ILE A 693 3.16 15.84 21.41
C ILE A 693 3.29 16.48 20.02
N THR A 694 3.90 15.75 19.11
CA THR A 694 4.01 16.16 17.71
C THR A 694 3.15 15.23 16.86
N ASN A 695 2.37 15.79 15.95
CA ASN A 695 1.51 14.97 15.10
C ASN A 695 2.14 14.61 13.75
N TYR A 696 1.35 13.96 12.90
CA TYR A 696 1.78 13.53 11.57
C TYR A 696 2.46 14.63 10.77
N SER A 697 1.99 15.86 10.96
CA SER A 697 2.41 16.99 10.14
C SER A 697 3.68 17.64 10.66
N GLY A 698 4.17 17.15 11.80
CA GLY A 698 5.43 17.63 12.36
C GLY A 698 5.33 18.88 13.19
N GLY A 699 4.11 19.31 13.49
CA GLY A 699 3.92 20.43 14.39
C GLY A 699 3.43 20.00 15.76
N PRO A 700 3.38 20.95 16.70
CA PRO A 700 2.83 20.64 18.02
C PRO A 700 1.32 20.42 18.01
N VAL A 701 0.81 19.85 19.10
CA VAL A 701 -0.61 19.74 19.31
C VAL A 701 -0.98 20.63 20.49
N MET A 702 -1.87 21.59 20.27
CA MET A 702 -2.27 22.48 21.36
C MET A 702 -3.78 22.45 21.57
N PRO A 703 -4.23 22.88 22.75
CA PRO A 703 -5.65 22.63 23.05
C PRO A 703 -6.57 23.69 22.46
N THR A 704 -7.72 23.26 21.93
CA THR A 704 -8.79 24.19 21.61
C THR A 704 -10.00 23.97 22.52
N GLY A 705 -10.09 24.73 23.60
CA GLY A 705 -11.15 24.50 24.56
C GLY A 705 -12.51 24.82 23.96
N GLN A 706 -13.45 23.89 24.09
CA GLN A 706 -14.82 24.11 23.66
C GLN A 706 -15.73 23.11 24.38
N ALA A 707 -16.87 22.76 23.78
CA ALA A 707 -17.85 21.95 24.50
C ALA A 707 -18.92 21.29 23.63
N VAL A 708 -19.28 21.92 22.51
CA VAL A 708 -20.49 21.59 21.76
C VAL A 708 -21.58 20.99 22.67
N GLY A 709 -22.07 19.79 22.37
CA GLY A 709 -23.04 19.18 23.26
C GLY A 709 -22.40 18.10 24.14
N LEU A 710 -21.08 17.96 24.01
CA LEU A 710 -20.37 16.97 24.83
C LEU A 710 -20.40 17.32 26.31
N TYR A 711 -20.53 18.60 26.65
CA TYR A 711 -20.56 19.00 28.06
C TYR A 711 -21.82 18.43 28.72
N MET A 712 -22.84 18.19 27.91
CA MET A 712 -24.04 17.51 28.37
C MET A 712 -23.85 16.00 28.45
N GLU A 713 -23.34 15.39 27.39
CA GLU A 713 -23.23 13.93 27.32
C GLU A 713 -22.18 13.39 28.30
N VAL A 714 -21.04 14.04 28.36
CA VAL A 714 -19.98 13.63 29.28
C VAL A 714 -20.41 13.85 30.72
N GLY A 715 -21.14 14.95 30.95
CA GLY A 715 -21.69 15.23 32.26
C GLY A 715 -22.51 14.07 32.78
N SER A 716 -23.37 13.56 31.90
CA SER A 716 -24.25 12.44 32.22
C SER A 716 -23.48 11.13 32.46
N ARG A 717 -22.22 11.10 32.05
CA ARG A 717 -21.40 9.91 32.23
C ARG A 717 -20.35 10.10 33.32
N THR A 718 -20.42 11.26 33.98
CA THR A 718 -19.45 11.61 35.01
C THR A 718 -20.14 11.61 36.37
N GLY A 719 -19.50 11.01 37.37
CA GLY A 719 -20.07 10.96 38.70
C GLY A 719 -20.00 12.31 39.38
N PRO A 720 -20.41 12.38 40.65
CA PRO A 720 -20.31 13.63 41.40
C PRO A 720 -18.86 14.07 41.54
N THR A 721 -18.64 15.38 41.57
CA THR A 721 -17.30 15.93 41.60
C THR A 721 -17.18 17.00 42.68
N PRO A 722 -15.96 17.26 43.18
CA PRO A 722 -15.77 18.20 44.29
C PRO A 722 -16.11 19.67 43.99
N ASP A 723 -16.56 19.99 42.79
CA ASP A 723 -17.09 21.33 42.52
C ASP A 723 -18.53 21.49 42.98
N GLY A 724 -19.14 20.39 43.41
CA GLY A 724 -20.51 20.42 43.90
C GLY A 724 -21.56 19.74 43.04
N ARG A 725 -21.19 19.30 41.84
CA ARG A 725 -22.09 18.52 40.99
C ARG A 725 -22.60 17.24 41.66
N PHE A 726 -23.88 16.93 41.45
CA PHE A 726 -24.35 15.56 41.64
C PHE A 726 -23.94 14.74 40.41
N GLY A 727 -23.94 13.42 40.55
CA GLY A 727 -23.65 12.55 39.44
C GLY A 727 -24.59 12.80 38.28
N GLY A 728 -24.05 12.84 37.06
CA GLY A 728 -24.89 12.98 35.89
C GLY A 728 -25.36 14.39 35.56
N GLU A 729 -24.92 15.39 36.32
CA GLU A 729 -25.26 16.76 36.00
C GLU A 729 -24.34 17.30 34.92
N ALA A 730 -24.78 18.34 34.22
CA ALA A 730 -24.00 18.90 33.11
C ALA A 730 -22.65 19.45 33.57
N ALA A 731 -21.68 19.40 32.68
CA ALA A 731 -20.40 20.08 32.88
C ALA A 731 -20.46 21.55 32.47
N ASP A 732 -19.32 22.23 32.51
CA ASP A 732 -19.24 23.61 32.06
C ASP A 732 -19.49 23.68 30.56
N ASP A 733 -20.03 24.80 30.11
CA ASP A 733 -20.57 24.90 28.76
C ASP A 733 -19.56 25.31 27.70
N GLY A 734 -18.33 25.61 28.11
CA GLY A 734 -17.37 26.15 27.17
C GLY A 734 -15.97 25.57 27.33
N GLY A 735 -15.00 26.24 26.70
CA GLY A 735 -13.61 25.93 26.91
C GLY A 735 -13.06 26.65 28.13
N ILE A 736 -13.70 27.77 28.46
CA ILE A 736 -13.17 28.66 29.49
C ILE A 736 -14.31 29.49 30.11
N SER A 737 -15.54 29.05 29.91
CA SER A 737 -16.69 29.67 30.57
C SER A 737 -16.72 29.32 32.04
N PRO A 738 -17.18 30.27 32.88
CA PRO A 738 -17.54 29.94 34.26
C PRO A 738 -18.60 28.83 34.25
N TYR A 739 -18.57 27.95 35.24
CA TYR A 739 -19.62 26.94 35.33
C TYR A 739 -20.93 27.68 35.57
N MET A 740 -21.99 27.22 34.93
CA MET A 740 -23.28 27.90 34.97
C MET A 740 -23.72 28.21 36.40
N GLY A 741 -24.08 29.47 36.62
CA GLY A 741 -24.55 29.92 37.92
C GLY A 741 -23.50 30.09 39.01
N THR A 742 -22.22 30.13 38.64
CA THR A 742 -21.18 30.27 39.65
C THR A 742 -20.42 31.59 39.51
N ASP A 743 -20.68 32.32 38.43
CA ASP A 743 -20.10 33.65 38.24
C ASP A 743 -21.01 34.69 38.89
N LYS A 744 -20.58 35.20 40.04
CA LYS A 744 -21.42 36.09 40.84
C LYS A 744 -20.95 37.55 40.84
N LYS A 745 -19.96 37.87 40.02
CA LYS A 745 -19.34 39.20 40.06
C LYS A 745 -19.56 40.00 38.79
N GLY A 746 -20.46 39.55 37.92
CA GLY A 746 -20.75 40.31 36.72
C GLY A 746 -19.87 39.99 35.54
N PRO A 747 -20.21 40.57 34.37
CA PRO A 747 -19.61 40.27 33.07
C PRO A 747 -18.14 40.68 32.93
N THR A 748 -17.72 41.79 33.54
CA THR A 748 -16.33 42.20 33.37
C THR A 748 -15.39 41.46 34.31
N ALA A 749 -15.93 40.99 35.43
CA ALA A 749 -15.19 40.07 36.28
C ALA A 749 -14.83 38.80 35.50
N VAL A 750 -15.78 38.33 34.70
CA VAL A 750 -15.57 37.16 33.85
C VAL A 750 -14.42 37.40 32.87
N LEU A 751 -14.44 38.55 32.19
CA LEU A 751 -13.40 38.89 31.24
C LEU A 751 -12.02 38.89 31.89
N ARG A 752 -11.96 39.40 33.12
CA ARG A 752 -10.69 39.52 33.83
C ARG A 752 -10.13 38.14 34.19
N SER A 753 -10.99 37.26 34.68
CA SER A 753 -10.59 35.87 34.88
C SER A 753 -10.05 35.27 33.58
N VAL A 754 -10.86 35.35 32.52
CA VAL A 754 -10.58 34.64 31.28
C VAL A 754 -9.26 35.11 30.65
N SER A 755 -9.03 36.42 30.71
CA SER A 755 -7.84 37.04 30.14
C SER A 755 -6.52 36.53 30.74
N LYS A 756 -6.60 35.84 31.88
CA LYS A 756 -5.40 35.39 32.57
C LYS A 756 -4.75 34.20 31.88
N VAL A 757 -5.53 33.45 31.11
CA VAL A 757 -5.00 32.29 30.40
C VAL A 757 -4.40 32.75 29.07
N GLN A 758 -3.07 32.75 28.98
CA GLN A 758 -2.40 33.28 27.80
C GLN A 758 -1.38 32.36 27.12
N LYS A 759 -0.95 31.29 27.79
CA LYS A 759 0.10 30.46 27.21
C LYS A 759 -0.41 29.07 26.82
N ASN A 760 0.14 28.55 25.71
CA ASN A 760 -0.02 27.14 25.34
C ASN A 760 -1.43 26.78 24.88
N GLN A 761 -2.21 27.77 24.47
CA GLN A 761 -3.56 27.50 23.97
C GLN A 761 -3.62 27.70 22.45
N LYS A 762 -4.48 26.94 21.78
CA LYS A 762 -4.81 27.23 20.38
C LYS A 762 -6.06 28.09 20.29
N GLY A 763 -6.97 27.86 21.22
CA GLY A 763 -8.18 28.66 21.33
C GLY A 763 -8.96 28.22 22.55
N ASN A 764 -9.97 29.01 22.91
CA ASN A 764 -10.85 28.66 24.03
C ASN A 764 -12.22 29.31 23.89
N LEU A 765 -13.26 28.50 23.97
CA LEU A 765 -14.61 28.97 23.72
C LEU A 765 -15.16 29.62 24.98
N LEU A 766 -15.56 30.88 24.86
CA LEU A 766 -16.25 31.55 25.95
C LEU A 766 -17.71 31.83 25.62
N ASN A 767 -18.62 31.22 26.37
CA ASN A 767 -20.03 31.57 26.27
C ASN A 767 -20.40 32.65 27.29
N GLN A 768 -21.07 33.68 26.83
CA GLN A 768 -21.64 34.68 27.72
C GLN A 768 -23.08 34.99 27.32
N ARG A 769 -23.87 35.45 28.27
CA ARG A 769 -25.28 35.71 28.03
C ARG A 769 -25.58 37.12 28.52
N LEU A 770 -26.10 37.96 27.63
CA LEU A 770 -26.31 39.36 27.96
C LEU A 770 -27.79 39.71 28.10
N SER A 771 -28.07 40.60 29.04
CA SER A 771 -29.41 41.13 29.24
C SER A 771 -30.08 41.61 27.95
N VAL A 772 -31.28 41.09 27.71
CA VAL A 772 -32.06 41.43 26.53
C VAL A 772 -32.39 42.94 26.44
N PRO A 773 -32.89 43.55 27.54
CA PRO A 773 -33.26 44.96 27.42
C PRO A 773 -32.10 45.87 27.03
N ILE A 774 -30.94 45.70 27.65
CA ILE A 774 -29.77 46.49 27.30
C ILE A 774 -29.38 46.30 25.84
N MET A 775 -29.28 45.06 25.39
CA MET A 775 -28.81 44.78 24.03
C MET A 775 -29.77 45.27 22.95
N ARG A 776 -31.07 45.18 23.23
CA ARG A 776 -32.07 45.65 22.27
C ARG A 776 -32.41 47.14 22.43
N SER A 777 -31.76 47.82 23.36
CA SER A 777 -31.95 49.27 23.53
C SER A 777 -31.11 50.05 22.52
N LYS A 778 -31.29 51.37 22.45
CA LYS A 778 -30.49 52.18 21.53
C LYS A 778 -29.03 52.31 21.97
N HIS A 779 -28.76 51.93 23.22
CA HIS A 779 -27.40 51.90 23.75
C HIS A 779 -26.72 50.55 23.51
N GLY A 780 -27.45 49.59 22.93
CA GLY A 780 -26.92 48.26 22.76
C GLY A 780 -25.61 48.20 21.99
N PHE A 781 -25.54 48.87 20.86
CA PHE A 781 -24.38 48.72 19.97
C PHE A 781 -23.12 49.29 20.62
N GLU A 782 -23.25 50.46 21.23
CA GLU A 782 -22.14 51.13 21.88
C GLU A 782 -21.55 50.30 23.01
N ILE A 783 -22.42 49.71 23.83
CA ILE A 783 -21.96 48.90 24.94
C ILE A 783 -21.29 47.63 24.41
N TRP A 784 -21.91 47.02 23.40
CA TRP A 784 -21.36 45.80 22.80
C TRP A 784 -20.04 46.06 22.10
N ASN A 785 -19.98 47.16 21.36
CA ASN A 785 -18.76 47.55 20.66
C ASN A 785 -17.63 47.84 21.65
N SER A 786 -17.98 48.44 22.78
CA SER A 786 -17.03 48.69 23.85
C SER A 786 -16.59 47.38 24.52
N TYR A 787 -17.54 46.49 24.76
CA TYR A 787 -17.23 45.15 25.26
C TYR A 787 -16.20 44.44 24.37
N ILE A 788 -16.44 44.42 23.07
CA ILE A 788 -15.56 43.74 22.13
C ILE A 788 -14.17 44.38 22.06
N LYS A 789 -14.13 45.71 22.05
CA LYS A 789 -12.85 46.42 22.05
C LYS A 789 -12.04 46.03 23.29
N THR A 790 -12.71 45.93 24.43
CA THR A 790 -12.04 45.64 25.69
C THR A 790 -11.57 44.18 25.68
N TRP A 791 -12.47 43.29 25.24
CA TRP A 791 -12.18 41.88 25.10
C TRP A 791 -10.94 41.67 24.21
N HIS A 792 -10.87 42.45 23.14
CA HIS A 792 -9.74 42.41 22.21
C HIS A 792 -8.43 42.86 22.85
N ASP A 793 -8.46 43.98 23.56
CA ASP A 793 -7.29 44.49 24.27
C ASP A 793 -6.79 43.52 25.33
N LEU A 794 -7.70 42.76 25.94
CA LEU A 794 -7.32 41.79 26.94
C LEU A 794 -6.74 40.52 26.33
N ASN A 795 -6.67 40.49 25.00
CA ASN A 795 -6.09 39.38 24.25
C ASN A 795 -6.81 38.06 24.52
N ILE A 796 -8.13 38.11 24.54
CA ILE A 796 -8.95 36.92 24.72
C ILE A 796 -9.26 36.32 23.35
N ASP A 797 -9.23 34.99 23.26
CA ASP A 797 -9.30 34.32 21.96
C ASP A 797 -10.68 34.43 21.33
N HIS A 798 -11.71 34.26 22.15
CA HIS A 798 -13.05 34.07 21.60
C HIS A 798 -14.13 34.57 22.57
N VAL A 799 -15.27 34.97 22.03
CA VAL A 799 -16.49 35.14 22.81
C VAL A 799 -17.71 35.00 21.90
N GLN A 800 -18.80 34.47 22.43
CA GLN A 800 -20.05 34.38 21.71
C GLN A 800 -21.23 34.57 22.67
N PHE A 801 -22.35 35.07 22.15
CA PHE A 801 -23.40 35.59 23.02
C PHE A 801 -24.78 34.97 22.82
N ASN A 802 -25.39 34.57 23.92
CA ASN A 802 -26.83 34.40 23.96
C ASN A 802 -27.51 35.71 24.34
N VAL A 803 -28.64 36.00 23.70
CA VAL A 803 -29.44 37.17 24.03
C VAL A 803 -30.89 36.72 24.01
N VAL A 804 -31.34 36.20 25.14
CA VAL A 804 -32.61 35.50 25.21
C VAL A 804 -33.11 35.49 26.65
N SER A 805 -34.37 35.85 26.84
CA SER A 805 -34.95 35.88 28.18
C SER A 805 -35.28 34.47 28.65
N THR A 806 -35.15 34.25 29.96
CA THR A 806 -35.54 32.99 30.57
C THR A 806 -37.03 32.73 30.41
N ASP A 807 -37.83 33.79 30.52
CA ASP A 807 -39.27 33.70 30.32
C ASP A 807 -39.62 33.00 29.01
N GLU A 808 -38.96 33.42 27.94
CA GLU A 808 -39.26 32.91 26.61
C GLU A 808 -38.89 31.44 26.45
N MET A 809 -37.73 31.07 27.00
CA MET A 809 -37.28 29.70 26.97
C MET A 809 -38.22 28.78 27.75
N ARG A 810 -38.67 29.24 28.92
CA ARG A 810 -39.61 28.44 29.72
C ARG A 810 -40.94 28.27 28.99
N ALA A 811 -41.40 29.34 28.35
CA ALA A 811 -42.61 29.29 27.54
C ALA A 811 -42.47 28.28 26.41
N ALA A 812 -41.27 28.22 25.83
CA ALA A 812 -40.99 27.30 24.75
C ALA A 812 -40.90 25.86 25.22
N GLN A 813 -40.58 25.66 26.50
CA GLN A 813 -40.66 24.33 27.09
C GLN A 813 -42.10 23.87 27.29
N ARG A 814 -42.95 24.77 27.79
CA ARG A 814 -44.36 24.46 28.03
C ARG A 814 -45.11 24.20 26.74
N GLU A 815 -44.80 25.00 25.72
CA GLU A 815 -45.58 25.04 24.49
C GLU A 815 -44.66 25.14 23.29
N PRO A 816 -43.91 24.08 23.00
CA PRO A 816 -42.91 24.12 21.93
C PRO A 816 -43.49 24.50 20.57
N GLU A 817 -44.74 24.13 20.33
CA GLU A 817 -45.34 24.36 19.01
C GLU A 817 -45.58 25.85 18.73
N LYS A 818 -45.52 26.67 19.77
CA LYS A 818 -45.71 28.11 19.62
C LYS A 818 -44.39 28.88 19.55
N HIS A 819 -43.27 28.17 19.55
CA HIS A 819 -41.95 28.81 19.64
C HIS A 819 -40.94 28.22 18.66
N HIS A 820 -41.41 27.95 17.44
CA HIS A 820 -40.59 27.31 16.42
C HIS A 820 -39.38 28.13 15.98
N ASP A 821 -39.50 29.46 16.03
CA ASP A 821 -38.42 30.31 15.55
C ASP A 821 -37.49 30.79 16.65
N LEU A 822 -37.59 30.19 17.84
CA LEU A 822 -36.66 30.54 18.90
C LEU A 822 -35.32 29.84 18.66
N ILE A 823 -34.29 30.65 18.43
CA ILE A 823 -32.94 30.12 18.24
C ILE A 823 -32.05 30.54 19.42
N VAL A 824 -31.23 29.63 19.92
CA VAL A 824 -30.29 29.97 20.98
C VAL A 824 -28.89 29.46 20.68
N ARG A 825 -27.90 30.03 21.35
CA ARG A 825 -26.53 29.54 21.30
C ARG A 825 -26.35 28.37 22.27
N VAL A 826 -25.80 27.28 21.77
CA VAL A 826 -25.34 26.21 22.65
C VAL A 826 -23.86 26.48 22.90
N SER A 827 -22.98 25.77 22.21
CA SER A 827 -21.55 25.99 22.37
C SER A 827 -20.78 25.77 21.06
N GLY A 828 -20.47 26.88 20.37
CA GLY A 828 -19.80 26.81 19.09
C GLY A 828 -20.74 26.67 17.90
N TYR A 829 -22.02 26.50 18.21
CA TYR A 829 -23.07 26.40 17.19
C TYR A 829 -24.40 26.87 17.76
N SER A 830 -25.34 27.22 16.89
CA SER A 830 -26.67 27.61 17.34
C SER A 830 -27.70 26.53 17.02
N ALA A 831 -28.81 26.52 17.75
CA ALA A 831 -29.81 25.48 17.61
C ALA A 831 -31.25 25.99 17.71
N ARG A 832 -32.19 25.21 17.17
CA ARG A 832 -33.61 25.46 17.42
C ARG A 832 -33.93 24.96 18.82
N PHE A 833 -34.29 25.89 19.70
CA PHE A 833 -34.42 25.59 21.13
C PHE A 833 -35.38 24.44 21.42
N VAL A 834 -36.52 24.42 20.74
CA VAL A 834 -37.52 23.38 20.97
C VAL A 834 -37.06 22.02 20.47
N ASP A 835 -35.96 21.98 19.74
CA ASP A 835 -35.40 20.72 19.27
C ASP A 835 -34.28 20.20 20.17
N ILE A 836 -34.01 20.93 21.25
CA ILE A 836 -33.03 20.51 22.25
C ILE A 836 -33.74 19.72 23.35
N PRO A 837 -33.13 18.63 23.83
CA PRO A 837 -33.79 17.92 24.94
C PRO A 837 -33.88 18.81 26.17
N THR A 838 -34.81 18.50 27.06
CA THR A 838 -35.08 19.31 28.24
C THR A 838 -33.82 19.49 29.07
N TYR A 839 -33.05 18.41 29.20
CA TYR A 839 -31.80 18.41 29.96
C TYR A 839 -30.89 19.50 29.45
N GLY A 840 -30.70 19.55 28.14
CA GLY A 840 -29.86 20.54 27.51
C GLY A 840 -30.44 21.94 27.59
N GLN A 841 -31.77 22.05 27.45
CA GLN A 841 -32.44 23.34 27.53
C GLN A 841 -32.18 24.00 28.88
N ASN A 842 -32.26 23.20 29.94
CA ASN A 842 -32.09 23.71 31.29
C ASN A 842 -30.69 24.24 31.56
N THR A 843 -29.70 23.63 30.93
CA THR A 843 -28.32 24.10 31.07
C THR A 843 -28.12 25.48 30.44
N ILE A 844 -28.88 25.77 29.39
CA ILE A 844 -28.78 27.06 28.75
C ILE A 844 -29.51 28.13 29.54
N ILE A 845 -30.67 27.77 30.09
CA ILE A 845 -31.42 28.66 30.97
C ILE A 845 -30.60 29.01 32.21
N ALA A 846 -29.83 28.05 32.70
CA ALA A 846 -29.04 28.25 33.91
C ALA A 846 -27.83 29.17 33.72
N ARG A 847 -27.46 29.42 32.46
CA ARG A 847 -26.38 30.35 32.18
C ARG A 847 -26.74 31.76 32.63
N GLN A 848 -25.83 32.42 33.36
CA GLN A 848 -26.13 33.72 33.94
C GLN A 848 -26.37 34.82 32.92
N GLU A 849 -27.53 35.46 32.99
CA GLU A 849 -27.82 36.60 32.13
C GLU A 849 -27.13 37.82 32.74
N GLN A 850 -26.16 38.38 32.02
CA GLN A 850 -25.32 39.42 32.59
C GLN A 850 -25.92 40.81 32.43
N ASP A 851 -25.97 41.55 33.53
CA ASP A 851 -26.30 42.98 33.51
C ASP A 851 -25.03 43.77 33.68
N PHE A 852 -25.05 45.01 33.20
CA PHE A 852 -23.87 45.85 33.34
C PHE A 852 -24.09 46.94 34.40
N SER A 853 -23.22 46.95 35.40
CA SER A 853 -23.22 48.01 36.40
C SER A 853 -22.48 49.21 35.81
N ALA A 854 -22.53 50.34 36.49
CA ALA A 854 -21.86 51.52 35.98
C ALA A 854 -20.35 51.32 36.02
N SER A 855 -19.88 50.55 37.00
CA SER A 855 -18.47 50.20 37.07
C SER A 855 -18.05 49.27 35.92
N ASP A 856 -18.92 48.32 35.57
CA ASP A 856 -18.73 47.51 34.37
C ASP A 856 -18.52 48.38 33.13
N LEU A 857 -19.40 49.36 32.95
CA LEU A 857 -19.38 50.22 31.77
C LEU A 857 -18.13 51.09 31.73
N GLU A 858 -17.71 51.57 32.90
CA GLU A 858 -16.47 52.32 33.03
C GLU A 858 -15.26 51.46 32.66
N PHE A 859 -15.25 50.22 33.16
CA PHE A 859 -14.20 49.28 32.82
C PHE A 859 -14.09 49.08 31.31
N LEU A 860 -15.26 49.03 30.65
CA LEU A 860 -15.29 48.85 29.20
C LEU A 860 -15.02 50.16 28.45
N ASN A 861 -14.83 51.24 29.21
CA ASN A 861 -14.66 52.58 28.63
C ASN A 861 -15.79 52.97 27.68
N VAL A 862 -17.01 52.61 28.05
CA VAL A 862 -18.20 53.00 27.29
C VAL A 862 -18.39 54.51 27.24
N GLU A 863 -18.71 55.02 26.06
CA GLU A 863 -19.09 56.42 25.91
C GLU A 863 -20.49 56.52 25.33
N ILE A 864 -21.37 57.22 26.02
CA ILE A 864 -22.73 57.45 25.53
C ILE A 864 -22.92 58.88 25.06
N GLN B 13 -31.37 -5.42 43.39
CA GLN B 13 -31.87 -5.87 42.10
C GLN B 13 -32.46 -4.72 41.29
N ASN B 14 -32.38 -3.51 41.86
CA ASN B 14 -32.77 -2.30 41.15
C ASN B 14 -31.57 -1.66 40.44
N GLN B 15 -30.49 -2.43 40.36
CA GLN B 15 -29.32 -2.04 39.58
C GLN B 15 -29.08 -3.08 38.50
N PRO B 16 -28.50 -2.66 37.35
CA PRO B 16 -28.32 -3.58 36.23
C PRO B 16 -27.56 -4.84 36.64
N HIS B 17 -28.07 -6.00 36.25
CA HIS B 17 -27.45 -7.28 36.54
C HIS B 17 -27.68 -8.28 35.41
N THR B 18 -26.72 -9.18 35.24
CA THR B 18 -26.81 -10.22 34.21
C THR B 18 -27.99 -11.16 34.46
N GLU B 19 -28.66 -11.54 33.38
CA GLU B 19 -29.78 -12.47 33.44
C GLU B 19 -29.95 -13.08 32.07
N VAL B 20 -29.21 -14.16 31.80
CA VAL B 20 -29.11 -14.74 30.47
C VAL B 20 -30.47 -15.04 29.87
N GLY B 21 -30.65 -14.64 28.60
CA GLY B 21 -31.93 -14.79 27.91
C GLY B 21 -33.10 -14.25 28.71
N THR B 22 -33.01 -12.98 29.12
CA THR B 22 -34.10 -12.37 29.87
C THR B 22 -35.24 -11.92 28.96
N ALA B 23 -36.45 -12.00 29.48
CA ALA B 23 -37.63 -11.52 28.76
C ALA B 23 -37.67 -10.01 28.76
N ARG B 24 -36.85 -9.41 29.63
CA ARG B 24 -36.83 -7.96 29.81
C ARG B 24 -35.42 -7.39 29.68
N PRO B 25 -34.85 -7.47 28.46
CA PRO B 25 -33.51 -6.94 28.19
C PRO B 25 -33.48 -5.42 28.24
N CYS B 26 -32.35 -4.86 28.67
CA CYS B 26 -32.08 -3.44 28.57
C CYS B 26 -32.46 -2.85 27.22
N ARG B 27 -32.21 -3.62 26.17
CA ARG B 27 -32.46 -3.20 24.79
C ARG B 27 -33.87 -2.68 24.52
N SER B 28 -34.86 -3.25 25.22
CA SER B 28 -36.24 -2.85 24.98
C SER B 28 -36.73 -1.83 26.01
N CYS B 29 -35.87 -1.49 26.96
CA CYS B 29 -36.27 -0.61 28.05
C CYS B 29 -36.25 0.86 27.65
N LYS B 30 -37.26 1.61 28.08
CA LYS B 30 -37.36 3.02 27.76
C LYS B 30 -36.23 3.85 28.36
N TRP B 31 -35.59 3.33 29.42
CA TRP B 31 -34.54 4.07 30.09
C TRP B 31 -33.21 3.93 29.35
N GLN B 32 -33.11 2.91 28.51
CA GLN B 32 -31.91 2.65 27.74
C GLN B 32 -31.83 3.48 26.45
N THR B 33 -30.63 3.94 26.14
CA THR B 33 -30.31 4.47 24.82
C THR B 33 -28.95 3.88 24.45
N PRO B 34 -28.75 3.55 23.16
CA PRO B 34 -27.51 2.87 22.78
C PRO B 34 -26.24 3.67 23.07
N ASP B 35 -25.15 2.96 23.34
CA ASP B 35 -23.82 3.55 23.47
C ASP B 35 -23.46 4.40 22.26
N PRO B 36 -22.73 5.51 22.48
CA PRO B 36 -22.42 6.44 21.38
C PRO B 36 -21.53 5.84 20.29
N THR B 37 -20.74 4.82 20.62
CA THR B 37 -19.80 4.26 19.65
C THR B 37 -20.19 2.86 19.15
N ASP B 38 -20.50 1.99 20.10
CA ASP B 38 -20.74 0.58 19.84
C ASP B 38 -22.18 0.19 20.19
N PRO B 39 -23.01 -0.10 19.17
CA PRO B 39 -24.45 -0.33 19.40
C PRO B 39 -24.75 -1.65 20.15
N HIS B 40 -23.72 -2.45 20.40
CA HIS B 40 -23.83 -3.62 21.26
C HIS B 40 -23.91 -3.22 22.73
N ARG B 41 -23.42 -2.02 23.03
CA ARG B 41 -23.44 -1.50 24.39
C ARG B 41 -24.62 -0.56 24.57
N GLY B 42 -24.91 -0.23 25.82
CA GLY B 42 -26.03 0.65 26.10
C GLY B 42 -25.76 1.66 27.19
N GLN B 43 -26.67 2.61 27.33
CA GLN B 43 -26.64 3.60 28.40
C GLN B 43 -27.91 3.55 29.23
N CYS B 44 -27.78 3.26 30.52
CA CYS B 44 -28.94 3.32 31.41
C CYS B 44 -29.15 4.71 31.99
N THR B 45 -30.31 5.28 31.73
CA THR B 45 -30.59 6.64 32.17
C THR B 45 -31.60 6.65 33.31
N ALA B 46 -31.78 5.49 33.95
CA ALA B 46 -32.85 5.35 34.93
C ALA B 46 -32.62 6.17 36.20
N ASN B 47 -31.35 6.33 36.57
CA ASN B 47 -31.01 7.04 37.79
C ASN B 47 -31.15 8.56 37.62
N ARG B 48 -32.37 9.06 37.73
CA ARG B 48 -32.58 10.49 37.55
C ARG B 48 -32.76 11.22 38.88
N HIS B 49 -31.92 12.23 39.10
CA HIS B 49 -31.85 12.96 40.36
C HIS B 49 -32.86 14.10 40.36
N ALA B 50 -33.30 14.49 41.56
CA ALA B 50 -34.25 15.59 41.72
C ALA B 50 -33.71 16.95 41.26
N MET B 51 -32.39 17.10 41.25
CA MET B 51 -31.79 18.37 40.86
C MET B 51 -31.47 18.41 39.37
N GLY B 52 -31.94 17.39 38.64
CA GLY B 52 -31.83 17.39 37.20
C GLY B 52 -30.81 16.46 36.58
N GLY B 53 -29.86 15.99 37.40
CA GLY B 53 -28.88 15.03 36.92
C GLY B 53 -29.49 13.80 36.27
N VAL B 54 -28.88 13.36 35.18
CA VAL B 54 -29.19 12.05 34.60
C VAL B 54 -27.95 11.19 34.74
N TRP B 55 -27.91 10.41 35.81
CA TRP B 55 -26.68 9.73 36.21
C TRP B 55 -26.59 8.36 35.57
N LYS B 56 -26.01 8.33 34.37
CA LYS B 56 -26.05 7.14 33.53
C LYS B 56 -25.20 5.99 34.06
N ARG B 57 -25.55 4.78 33.65
CA ARG B 57 -24.73 3.61 33.90
C ARG B 57 -24.46 2.92 32.57
N TRP B 58 -23.20 2.55 32.36
CA TRP B 58 -22.80 1.91 31.12
C TRP B 58 -23.23 0.44 31.09
N LEU B 59 -23.78 0.00 29.96
CA LEU B 59 -24.25 -1.38 29.82
C LEU B 59 -23.37 -2.17 28.86
N ARG B 60 -22.66 -3.16 29.40
CA ARG B 60 -21.79 -4.01 28.60
C ARG B 60 -22.56 -4.84 27.58
N ASP B 61 -23.78 -5.21 27.93
CA ASP B 61 -24.59 -6.06 27.07
C ASP B 61 -26.06 -5.77 27.32
N VAL B 62 -26.78 -5.44 26.26
CA VAL B 62 -28.19 -5.05 26.38
C VAL B 62 -29.17 -6.17 26.06
N GLU B 63 -28.64 -7.35 25.77
CA GLU B 63 -29.49 -8.50 25.48
C GLU B 63 -29.68 -9.39 26.71
N ASN B 64 -28.70 -9.36 27.61
CA ASN B 64 -28.70 -10.26 28.75
C ASN B 64 -28.59 -9.54 30.09
N THR B 65 -28.97 -8.26 30.10
CA THR B 65 -28.98 -7.50 31.34
C THR B 65 -30.38 -6.95 31.60
N THR B 66 -30.70 -6.74 32.87
CA THR B 66 -32.00 -6.25 33.29
C THR B 66 -31.93 -5.75 34.73
N CYS B 67 -32.98 -5.07 35.19
CA CYS B 67 -33.15 -4.82 36.62
C CYS B 67 -34.66 -4.68 36.86
N SER B 68 -35.04 -4.42 38.10
CA SER B 68 -36.45 -4.37 38.46
C SER B 68 -37.17 -3.13 37.90
N ARG B 69 -36.41 -2.09 37.56
CA ARG B 69 -37.02 -0.87 37.04
C ARG B 69 -37.38 -0.98 35.56
N HIS B 70 -37.10 -2.13 34.96
CA HIS B 70 -37.35 -2.33 33.53
C HIS B 70 -38.77 -1.96 33.15
N GLU B 71 -38.90 -1.13 32.12
CA GLU B 71 -40.20 -0.76 31.59
C GLU B 71 -40.11 -0.65 30.08
N GLU B 72 -40.83 -1.50 29.37
CA GLU B 72 -40.79 -1.51 27.91
C GLU B 72 -41.31 -0.18 27.37
N GLY B 73 -40.73 0.29 26.27
CA GLY B 73 -41.11 1.58 25.72
C GLY B 73 -39.95 2.38 25.17
N LYS B 74 -40.23 3.63 24.83
CA LYS B 74 -39.23 4.53 24.26
C LYS B 74 -39.52 5.97 24.64
N LEU B 75 -38.52 6.64 25.21
CA LEU B 75 -38.68 8.04 25.58
C LEU B 75 -38.45 8.88 24.34
N SER B 76 -39.07 10.06 24.27
CA SER B 76 -38.78 10.95 23.16
C SER B 76 -37.44 11.62 23.43
N PHE B 77 -36.90 12.33 22.44
CA PHE B 77 -35.63 13.01 22.61
C PHE B 77 -35.65 13.99 23.78
N ARG B 78 -36.83 14.57 24.04
CA ARG B 78 -36.98 15.58 25.08
C ARG B 78 -36.55 15.07 26.45
N ASP B 79 -36.73 13.77 26.68
CA ASP B 79 -36.46 13.20 27.99
C ASP B 79 -35.11 12.51 28.09
N HIS B 80 -34.29 12.61 27.05
CA HIS B 80 -32.95 12.03 27.06
C HIS B 80 -31.91 13.13 27.12
N VAL B 81 -30.64 12.75 27.25
CA VAL B 81 -29.56 13.73 27.24
C VAL B 81 -29.08 13.97 25.81
N ASN C 11 -41.85 8.30 -16.10
CA ASN C 11 -41.55 9.12 -17.26
C ASN C 11 -40.11 8.94 -17.74
N PHE C 12 -39.97 8.73 -19.04
CA PHE C 12 -38.76 8.19 -19.64
C PHE C 12 -38.15 9.22 -20.60
N PHE C 13 -36.97 9.73 -20.30
CA PHE C 13 -36.29 10.71 -21.17
C PHE C 13 -34.90 10.27 -21.60
N PRO C 14 -34.74 9.84 -22.86
CA PRO C 14 -33.45 9.44 -23.43
C PRO C 14 -32.35 10.47 -23.19
N VAL C 15 -31.16 10.01 -22.79
CA VAL C 15 -30.04 10.91 -22.57
C VAL C 15 -29.56 11.48 -23.89
N PRO C 16 -29.47 12.82 -23.98
CA PRO C 16 -28.90 13.48 -25.17
C PRO C 16 -27.60 12.82 -25.56
N LYS C 17 -27.41 12.52 -26.83
CA LYS C 17 -26.31 11.67 -27.25
C LYS C 17 -24.96 12.41 -27.15
N ASP C 18 -25.02 13.73 -27.03
CA ASP C 18 -23.81 14.53 -26.80
C ASP C 18 -23.52 14.82 -25.32
N ALA C 19 -24.28 14.19 -24.42
CA ALA C 19 -24.06 14.39 -22.98
C ALA C 19 -22.81 13.66 -22.51
N ASP C 20 -22.15 14.21 -21.49
CA ASP C 20 -21.00 13.56 -20.87
C ASP C 20 -21.30 12.13 -20.39
N ASP C 21 -22.53 11.88 -19.97
CA ASP C 21 -22.88 10.59 -19.41
C ASP C 21 -23.67 9.73 -20.39
N TYR C 22 -23.66 10.10 -21.66
CA TYR C 22 -24.37 9.29 -22.65
C TYR C 22 -23.75 7.92 -22.81
N GLU C 23 -24.62 6.91 -22.78
CA GLU C 23 -24.28 5.56 -23.19
C GLU C 23 -25.50 5.04 -23.95
N ALA C 24 -25.29 4.11 -24.86
CA ALA C 24 -26.40 3.64 -25.70
C ALA C 24 -27.50 3.03 -24.83
N GLY C 25 -28.74 3.45 -25.08
CA GLY C 25 -29.89 2.96 -24.33
C GLY C 25 -30.15 3.66 -23.00
N LYS C 26 -29.30 4.59 -22.63
CA LYS C 26 -29.40 5.26 -21.33
C LYS C 26 -30.49 6.34 -21.36
N ALA C 27 -31.26 6.44 -20.27
CA ALA C 27 -32.27 7.49 -20.15
C ALA C 27 -32.45 7.97 -18.71
N ASP C 28 -32.98 9.18 -18.55
CA ASP C 28 -33.39 9.66 -17.23
C ASP C 28 -34.84 9.25 -16.94
N CYS C 29 -35.04 8.54 -15.85
CA CYS C 29 -36.40 8.29 -15.37
C CYS C 29 -36.76 9.39 -14.38
N VAL C 30 -37.77 10.16 -14.72
CA VAL C 30 -38.10 11.35 -13.95
C VAL C 30 -39.51 11.20 -13.42
N ARG C 31 -39.68 11.39 -12.13
CA ARG C 31 -41.02 11.35 -11.55
C ARG C 31 -41.21 12.49 -10.57
N GLU C 32 -42.44 12.96 -10.47
CA GLU C 32 -42.79 14.02 -9.56
C GLU C 32 -43.32 13.40 -8.27
N LYS C 33 -42.91 13.93 -7.13
CA LYS C 33 -43.48 13.49 -5.87
C LYS C 33 -43.92 14.70 -5.06
N GLU C 34 -44.84 14.49 -4.13
CA GLU C 34 -45.24 15.54 -3.20
C GLU C 34 -45.63 14.95 -1.85
N ASP C 35 -45.10 15.55 -0.78
CA ASP C 35 -45.44 15.15 0.57
C ASP C 35 -45.86 16.36 1.40
N GLU C 36 -45.91 16.19 2.72
CA GLU C 36 -46.37 17.27 3.62
C GLU C 36 -45.60 18.57 3.42
N LYS C 37 -44.30 18.45 3.13
CA LYS C 37 -43.46 19.63 2.96
C LYS C 37 -43.67 20.32 1.63
N GLY C 38 -43.64 19.56 0.53
CA GLY C 38 -43.82 20.15 -0.78
C GLY C 38 -43.55 19.24 -1.96
N LYS C 39 -43.47 19.86 -3.14
CA LYS C 39 -43.34 19.16 -4.40
C LYS C 39 -41.86 19.01 -4.77
N TYR C 40 -41.49 17.88 -5.35
CA TYR C 40 -40.14 17.70 -5.88
C TYR C 40 -40.08 16.68 -7.02
N TRP C 41 -38.94 16.66 -7.70
CA TRP C 41 -38.70 15.74 -8.81
C TRP C 41 -37.45 14.90 -8.62
N LEU C 42 -37.55 13.61 -8.94
CA LEU C 42 -36.41 12.70 -8.87
C LEU C 42 -35.94 12.26 -10.25
N SER C 43 -34.62 12.28 -10.48
CA SER C 43 -34.09 11.85 -11.77
C SER C 43 -33.04 10.74 -11.59
N LYS C 44 -33.43 9.53 -11.99
CA LYS C 44 -32.58 8.35 -11.88
C LYS C 44 -32.21 7.79 -13.25
N PRO C 45 -30.93 7.50 -13.47
CA PRO C 45 -30.54 6.99 -14.80
C PRO C 45 -30.93 5.51 -14.94
N ILE C 46 -31.49 5.13 -16.09
CA ILE C 46 -31.88 3.74 -16.34
C ILE C 46 -31.45 3.29 -17.74
N PHE C 47 -31.63 2.00 -18.02
CA PHE C 47 -31.44 1.50 -19.38
C PHE C 47 -32.67 0.79 -19.92
N LYS D 8 47.44 -37.79 -30.04
CA LYS D 8 48.15 -39.02 -29.73
C LYS D 8 49.56 -38.72 -29.24
N VAL D 9 50.38 -38.13 -30.10
CA VAL D 9 51.76 -37.80 -29.75
C VAL D 9 52.08 -36.35 -30.10
N LEU D 10 52.78 -35.66 -29.20
CA LEU D 10 53.19 -34.28 -29.42
C LEU D 10 54.61 -34.06 -28.92
N GLU D 11 55.42 -33.34 -29.69
CA GLU D 11 56.76 -32.98 -29.23
C GLU D 11 56.80 -31.59 -28.62
N TYR D 12 57.36 -31.52 -27.41
CA TYR D 12 57.35 -30.29 -26.62
C TYR D 12 58.60 -30.16 -25.77
N LYS D 13 59.40 -29.14 -26.05
CA LYS D 13 60.63 -28.86 -25.32
C LYS D 13 61.57 -30.07 -25.27
N GLY D 14 61.70 -30.76 -26.40
CA GLY D 14 62.59 -31.90 -26.50
C GLY D 14 62.11 -33.14 -25.78
N LYS D 15 60.81 -33.23 -25.57
CA LYS D 15 60.20 -34.47 -25.10
C LYS D 15 59.09 -34.88 -26.06
N LYS D 16 58.77 -36.17 -26.09
CA LYS D 16 57.62 -36.63 -26.85
C LYS D 16 56.50 -36.98 -25.89
N LEU D 17 55.45 -36.17 -25.90
CA LEU D 17 54.33 -36.40 -25.00
C LEU D 17 53.37 -37.42 -25.58
N ASN D 18 52.99 -38.39 -24.76
CA ASN D 18 52.09 -39.45 -25.18
C ASN D 18 50.73 -39.27 -24.52
N PHE D 19 49.68 -39.13 -25.32
CA PHE D 19 48.37 -38.80 -24.80
C PHE D 19 47.49 -40.03 -24.67
N THR D 20 48.03 -41.04 -23.98
CA THR D 20 47.30 -42.27 -23.73
C THR D 20 46.54 -42.09 -22.41
N PRO D 21 45.33 -42.69 -22.31
CA PRO D 21 44.49 -42.47 -21.13
C PRO D 21 45.11 -42.99 -19.84
N GLU D 22 44.78 -42.36 -18.72
CA GLU D 22 45.31 -42.78 -17.42
C GLU D 22 44.86 -44.19 -17.03
N ASP D 23 43.61 -44.52 -17.30
CA ASP D 23 43.16 -45.89 -17.13
C ASP D 23 43.36 -46.67 -18.42
N PRO D 24 44.32 -47.61 -18.41
CA PRO D 24 44.71 -48.37 -19.61
C PRO D 24 43.52 -49.06 -20.29
N ALA D 25 42.49 -49.41 -19.51
CA ALA D 25 41.27 -49.99 -20.06
C ALA D 25 40.63 -49.09 -21.14
N GLU D 26 40.74 -47.78 -20.94
CA GLU D 26 40.19 -46.81 -21.89
C GLU D 26 40.88 -46.74 -23.24
N GLU D 27 42.06 -47.35 -23.35
CA GLU D 27 42.79 -47.38 -24.63
C GLU D 27 41.92 -48.02 -25.70
N THR D 28 41.08 -48.93 -25.27
CA THR D 28 40.33 -49.77 -26.16
C THR D 28 38.79 -49.71 -26.03
N ILE D 29 38.29 -49.04 -25.01
CA ILE D 29 36.86 -48.74 -24.90
C ILE D 29 36.52 -47.83 -26.09
N PRO D 30 35.51 -48.21 -26.89
CA PRO D 30 35.15 -47.34 -28.02
C PRO D 30 34.85 -45.91 -27.60
N ALA D 31 35.34 -44.96 -28.40
CA ALA D 31 35.20 -43.53 -28.11
C ALA D 31 33.75 -43.13 -27.95
N ASP D 32 32.87 -43.77 -28.70
CA ASP D 32 31.47 -43.40 -28.74
C ASP D 32 30.62 -43.94 -27.59
N GLU D 33 31.24 -44.54 -26.58
CA GLU D 33 30.48 -44.96 -25.40
C GLU D 33 31.18 -44.69 -24.08
N LEU D 34 32.25 -43.90 -24.10
CA LEU D 34 33.11 -43.69 -22.93
C LEU D 34 32.39 -43.34 -21.63
N HIS D 35 31.44 -42.41 -21.69
CA HIS D 35 30.86 -41.86 -20.47
C HIS D 35 29.84 -42.79 -19.82
N GLU D 36 29.49 -43.85 -20.52
CA GLU D 36 28.60 -44.86 -19.95
C GLU D 36 29.35 -45.78 -18.99
N HIS D 37 30.67 -45.59 -18.88
CA HIS D 37 31.51 -46.40 -18.00
C HIS D 37 31.99 -45.71 -16.72
N LEU D 38 31.58 -44.46 -16.48
CA LEU D 38 32.30 -43.68 -15.48
C LEU D 38 31.62 -43.50 -14.11
N GLN D 39 30.31 -43.68 -14.03
CA GLN D 39 29.64 -43.46 -12.74
C GLN D 39 30.09 -44.49 -11.72
N LYS D 40 30.14 -44.06 -10.47
CA LYS D 40 30.40 -44.95 -9.34
C LYS D 40 29.74 -44.44 -8.07
N PRO D 41 28.41 -44.62 -7.94
CA PRO D 41 27.73 -44.18 -6.72
C PRO D 41 28.37 -44.80 -5.48
N SER D 42 28.59 -43.99 -4.45
CA SER D 42 29.37 -44.41 -3.29
C SER D 42 28.73 -45.53 -2.47
N THR D 43 27.41 -45.69 -2.59
CA THR D 43 26.72 -46.74 -1.83
C THR D 43 25.65 -47.41 -2.68
N ALA D 44 25.19 -48.58 -2.22
CA ALA D 44 24.10 -49.30 -2.86
C ALA D 44 22.84 -48.44 -2.91
N ARG D 45 22.61 -47.69 -1.83
CA ARG D 45 21.45 -46.81 -1.71
C ARG D 45 21.43 -45.72 -2.78
N THR D 46 22.51 -44.96 -2.88
CA THR D 46 22.55 -43.87 -3.86
C THR D 46 22.54 -44.39 -5.29
N LYS D 47 23.03 -45.62 -5.48
CA LYS D 47 22.91 -46.28 -6.77
C LYS D 47 21.44 -46.52 -7.09
N ARG D 48 20.73 -47.06 -6.11
CA ARG D 48 19.29 -47.28 -6.22
C ARG D 48 18.55 -45.97 -6.48
N LEU D 49 18.90 -44.95 -5.70
CA LEU D 49 18.26 -43.66 -5.80
C LEU D 49 18.43 -43.04 -7.18
N LYS D 50 19.61 -43.19 -7.78
CA LYS D 50 19.84 -42.68 -9.12
C LYS D 50 19.04 -43.45 -10.17
N GLU D 51 19.07 -44.78 -10.06
CA GLU D 51 18.35 -45.62 -11.02
C GLU D 51 16.86 -45.32 -11.05
N ARG D 52 16.28 -45.02 -9.89
CA ARG D 52 14.86 -44.71 -9.86
C ARG D 52 14.58 -43.21 -9.77
N CYS D 53 15.53 -42.39 -10.22
CA CYS D 53 15.43 -40.94 -10.00
C CYS D 53 14.29 -40.34 -10.82
N ARG D 54 13.48 -39.50 -10.19
CA ARG D 54 12.34 -38.92 -10.88
C ARG D 54 12.75 -37.62 -11.56
N TRP D 55 13.59 -37.73 -12.59
CA TRP D 55 14.01 -36.60 -13.40
C TRP D 55 12.81 -35.83 -13.94
N LYS D 56 12.91 -34.50 -13.98
CA LYS D 56 11.81 -33.70 -14.52
C LYS D 56 12.34 -32.68 -15.52
N HIS D 57 13.20 -33.16 -16.42
CA HIS D 57 13.81 -32.32 -17.44
C HIS D 57 12.78 -31.74 -18.40
N ALA D 58 13.02 -30.51 -18.83
CA ALA D 58 12.21 -29.86 -19.84
C ALA D 58 13.03 -29.36 -21.02
N SER D 59 12.48 -29.50 -22.22
CA SER D 59 13.10 -28.95 -23.42
C SER D 59 12.02 -28.47 -24.37
N ALA D 60 12.34 -27.48 -25.21
CA ALA D 60 11.44 -27.03 -26.26
C ALA D 60 10.08 -26.57 -25.72
N GLY D 61 10.04 -26.21 -24.44
CA GLY D 61 8.81 -25.73 -23.82
C GLY D 61 7.95 -26.80 -23.17
N GLU D 62 8.40 -28.05 -23.18
CA GLU D 62 7.61 -29.17 -22.67
C GLU D 62 8.46 -29.99 -21.71
N PHE D 63 7.83 -30.84 -20.90
CA PHE D 63 8.57 -31.82 -20.10
C PHE D 63 8.86 -33.05 -20.94
N ILE D 64 10.06 -33.62 -20.75
CA ILE D 64 10.47 -34.80 -21.50
C ILE D 64 9.56 -36.01 -21.25
N GLU D 65 9.12 -36.17 -20.00
CA GLU D 65 8.39 -37.36 -19.60
C GLU D 65 6.90 -37.07 -19.40
N LYS D 66 6.05 -37.97 -19.89
CA LYS D 66 4.60 -37.80 -19.78
C LYS D 66 4.12 -37.81 -18.33
N SER D 67 4.91 -38.37 -17.43
CA SER D 67 4.48 -38.55 -16.05
C SER D 67 4.57 -37.25 -15.26
N VAL D 68 5.38 -36.31 -15.73
CA VAL D 68 5.56 -35.05 -15.02
C VAL D 68 4.39 -34.11 -15.32
N THR D 69 3.72 -33.63 -14.27
CA THR D 69 2.49 -32.86 -14.45
C THR D 69 2.28 -31.91 -13.27
N ALA D 70 1.45 -30.89 -13.47
CA ALA D 70 1.31 -29.84 -12.48
C ALA D 70 0.41 -30.26 -11.32
N GLY D 71 0.74 -29.79 -10.13
CA GLY D 71 -0.10 -29.96 -8.97
C GLY D 71 -1.10 -28.82 -8.85
N ILE D 72 -2.12 -28.99 -8.02
CA ILE D 72 -3.11 -27.94 -7.85
C ILE D 72 -3.22 -27.47 -6.39
N GLU D 73 -2.65 -28.23 -5.45
CA GLU D 73 -2.79 -27.90 -4.04
C GLU D 73 -2.31 -26.49 -3.69
N ARG D 74 -1.14 -26.11 -4.18
CA ARG D 74 -0.60 -24.79 -3.83
C ARG D 74 -1.55 -23.71 -4.31
N MET D 75 -2.00 -23.86 -5.56
CA MET D 75 -2.99 -22.95 -6.13
C MET D 75 -4.25 -22.87 -5.28
N ARG D 76 -4.78 -24.03 -4.91
CA ARG D 76 -6.02 -24.11 -4.16
C ARG D 76 -5.93 -23.44 -2.80
N TYR D 77 -4.88 -23.76 -2.03
CA TYR D 77 -4.75 -23.27 -0.67
C TYR D 77 -4.32 -21.80 -0.59
N LEU D 78 -3.47 -21.36 -1.52
CA LEU D 78 -3.15 -19.92 -1.62
C LEU D 78 -4.40 -19.10 -1.88
N THR D 79 -5.26 -19.61 -2.75
CA THR D 79 -6.52 -18.93 -3.10
C THR D 79 -7.44 -18.85 -1.91
N GLU D 80 -7.59 -19.96 -1.18
CA GLU D 80 -8.45 -20.01 -0.02
C GLU D 80 -8.02 -18.99 1.02
N ALA D 81 -6.71 -18.91 1.25
CA ALA D 81 -6.15 -17.97 2.22
C ALA D 81 -6.35 -16.52 1.80
N HIS D 82 -6.17 -16.25 0.51
CA HIS D 82 -6.26 -14.89 0.01
C HIS D 82 -7.66 -14.33 0.16
N LYS D 83 -8.67 -15.16 -0.10
CA LYS D 83 -10.05 -14.75 0.03
C LYS D 83 -10.37 -14.47 1.49
N ALA D 84 -9.83 -15.31 2.37
CA ALA D 84 -10.12 -15.22 3.80
C ALA D 84 -9.41 -14.07 4.48
N SER D 85 -8.31 -13.60 3.88
CA SER D 85 -7.46 -12.60 4.53
C SER D 85 -7.68 -11.16 4.02
N GLU D 86 -8.70 -10.96 3.20
CA GLU D 86 -9.03 -9.64 2.67
C GLU D 86 -9.10 -8.59 3.80
N GLY D 87 -8.57 -7.39 3.54
CA GLY D 87 -8.52 -6.33 4.53
C GLY D 87 -7.28 -6.30 5.42
N LYS D 88 -6.65 -7.45 5.62
CA LYS D 88 -5.49 -7.54 6.49
C LYS D 88 -4.26 -6.95 5.78
N PRO D 89 -3.21 -6.60 6.54
CA PRO D 89 -2.04 -6.00 5.87
C PRO D 89 -1.41 -6.98 4.90
N GLU D 90 -0.89 -6.49 3.79
CA GLU D 90 -0.47 -7.37 2.70
C GLU D 90 0.62 -8.34 3.14
N ALA D 91 1.51 -7.88 4.01
CA ALA D 91 2.62 -8.72 4.45
C ALA D 91 2.08 -9.89 5.25
N ILE D 92 1.08 -9.62 6.07
CA ILE D 92 0.42 -10.64 6.87
C ILE D 92 -0.39 -11.59 6.00
N ARG D 93 -1.10 -11.03 5.01
CA ARG D 93 -1.81 -11.85 4.03
C ARG D 93 -0.88 -12.83 3.34
N ARG D 94 0.34 -12.39 3.03
CA ARG D 94 1.30 -13.26 2.35
C ARG D 94 1.74 -14.38 3.28
N ALA D 95 1.98 -14.03 4.54
CA ALA D 95 2.36 -15.00 5.55
C ALA D 95 1.24 -16.02 5.76
N LEU D 96 0.01 -15.54 5.75
CA LEU D 96 -1.16 -16.40 5.93
C LEU D 96 -1.32 -17.36 4.75
N GLY D 97 -0.99 -16.87 3.55
CA GLY D 97 -1.03 -17.70 2.36
C GLY D 97 -0.06 -18.86 2.44
N LEU D 98 1.20 -18.55 2.75
CA LEU D 98 2.23 -19.56 2.90
C LEU D 98 1.85 -20.56 3.97
N ALA D 99 1.33 -20.05 5.09
CA ALA D 99 0.98 -20.90 6.21
C ALA D 99 -0.11 -21.89 5.83
N ASN D 100 -1.12 -21.42 5.10
CA ASN D 100 -2.22 -22.28 4.68
C ASN D 100 -1.71 -23.37 3.75
N VAL D 101 -0.86 -22.99 2.81
CA VAL D 101 -0.22 -23.95 1.92
C VAL D 101 0.54 -25.00 2.73
N LEU D 102 1.39 -24.56 3.64
CA LEU D 102 2.19 -25.50 4.43
C LEU D 102 1.31 -26.36 5.34
N ASN D 103 0.29 -25.76 5.94
CA ASN D 103 -0.55 -26.48 6.89
C ASN D 103 -1.34 -27.61 6.23
N LYS D 104 -1.77 -27.40 4.99
CA LYS D 104 -2.72 -28.30 4.33
C LYS D 104 -2.09 -29.19 3.26
N SER D 105 -0.85 -28.90 2.88
CA SER D 105 -0.16 -29.65 1.83
C SER D 105 -0.03 -31.13 2.14
N THR D 106 -0.32 -31.97 1.15
CA THR D 106 0.11 -33.36 1.19
C THR D 106 1.63 -33.40 1.21
N LEU D 107 2.21 -34.19 2.10
CA LEU D 107 3.66 -34.34 2.14
C LEU D 107 4.09 -35.69 1.59
N VAL D 108 5.36 -35.79 1.19
CA VAL D 108 5.82 -36.96 0.46
C VAL D 108 7.07 -37.55 1.09
N LEU D 109 7.08 -38.87 1.19
CA LEU D 109 8.25 -39.60 1.63
C LEU D 109 8.49 -40.69 0.60
N GLN D 110 9.73 -40.85 0.16
CA GLN D 110 10.04 -41.86 -0.85
C GLN D 110 10.97 -42.90 -0.26
N GLU D 111 10.98 -44.08 -0.85
CA GLU D 111 11.88 -45.13 -0.40
C GLU D 111 13.34 -44.76 -0.62
N ASP D 112 14.18 -45.24 0.30
CA ASP D 112 15.64 -45.07 0.32
C ASP D 112 16.10 -43.64 0.65
N GLU D 113 15.20 -42.67 0.65
CA GLU D 113 15.55 -41.29 1.02
C GLU D 113 16.14 -41.14 2.43
N PHE D 114 17.13 -40.26 2.58
CA PHE D 114 17.50 -39.79 3.91
C PHE D 114 17.16 -38.31 4.07
N ILE D 115 17.59 -37.49 3.12
CA ILE D 115 17.11 -36.12 3.05
C ILE D 115 15.70 -36.17 2.50
N VAL D 116 14.74 -35.62 3.23
CA VAL D 116 13.35 -35.77 2.87
C VAL D 116 12.70 -34.42 2.60
N GLY D 117 11.62 -34.43 1.85
CA GLY D 117 10.81 -33.25 1.65
C GLY D 117 10.50 -33.02 0.19
N TYR D 118 9.45 -32.23 -0.07
CA TYR D 118 9.04 -31.95 -1.44
C TYR D 118 8.18 -30.70 -1.46
N HIS D 119 7.81 -30.26 -2.66
CA HIS D 119 7.16 -28.96 -2.84
C HIS D 119 5.85 -29.07 -3.61
N ALA D 120 5.34 -30.28 -3.76
CA ALA D 120 4.01 -30.51 -4.32
C ALA D 120 3.44 -31.80 -3.76
N GLU D 121 2.22 -32.13 -4.19
CA GLU D 121 1.40 -33.08 -3.45
C GLU D 121 1.67 -34.53 -3.88
N ASP D 122 2.66 -34.69 -4.75
CA ASP D 122 2.97 -35.97 -5.37
C ASP D 122 4.36 -35.87 -5.97
N PRO D 123 5.17 -36.94 -5.85
CA PRO D 123 6.57 -36.89 -6.29
C PRO D 123 6.76 -36.69 -7.79
N ASN D 124 5.71 -36.90 -8.60
CA ASN D 124 5.80 -36.60 -10.03
C ASN D 124 5.35 -35.19 -10.37
N MET D 125 5.03 -34.39 -9.35
CA MET D 125 4.40 -33.11 -9.61
C MET D 125 5.24 -31.91 -9.19
N PHE D 126 4.71 -30.73 -9.50
CA PHE D 126 5.31 -29.45 -9.17
C PHE D 126 4.19 -28.44 -8.99
N PRO D 127 4.42 -27.37 -8.22
CA PRO D 127 3.34 -26.43 -7.92
C PRO D 127 3.25 -25.31 -8.95
N LEU D 128 2.13 -24.61 -8.98
CA LEU D 128 2.00 -23.46 -9.86
C LEU D 128 1.82 -22.16 -9.07
N TYR D 129 1.83 -21.04 -9.78
CA TYR D 129 1.97 -19.74 -9.15
C TYR D 129 1.02 -18.70 -9.71
N PRO D 130 -0.28 -18.79 -9.38
CA PRO D 130 -1.25 -17.87 -9.95
C PRO D 130 -1.08 -16.42 -9.48
N GLU D 131 -0.25 -16.20 -8.47
CA GLU D 131 -0.08 -14.85 -7.94
C GLU D 131 0.92 -14.07 -8.80
N LEU D 132 1.59 -14.76 -9.70
CA LEU D 132 2.66 -14.14 -10.47
C LEU D 132 2.18 -13.72 -11.86
N SER D 133 2.18 -14.67 -12.78
CA SER D 133 1.80 -14.42 -14.16
C SER D 133 0.54 -15.19 -14.53
N HIS D 134 -0.54 -14.48 -14.84
CA HIS D 134 -1.76 -15.17 -15.25
C HIS D 134 -1.59 -15.85 -16.60
N MET D 135 -0.75 -15.29 -17.47
CA MET D 135 -0.43 -15.92 -18.74
C MET D 135 0.28 -17.26 -18.59
N ALA D 136 1.21 -17.34 -17.66
CA ALA D 136 1.96 -18.57 -17.44
C ALA D 136 1.03 -19.70 -17.00
N VAL D 137 0.07 -19.36 -16.13
CA VAL D 137 -0.89 -20.35 -15.65
C VAL D 137 -1.78 -20.80 -16.79
N GLN D 138 -2.24 -19.84 -17.59
CA GLN D 138 -3.10 -20.13 -18.74
C GLN D 138 -2.40 -21.08 -19.71
N ASP D 139 -1.10 -20.86 -19.92
CA ASP D 139 -0.29 -21.74 -20.75
C ASP D 139 -0.30 -23.17 -20.20
N TYR D 140 -0.19 -23.31 -18.88
CA TYR D 140 -0.28 -24.63 -18.25
C TYR D 140 -1.65 -25.28 -18.45
N LEU D 141 -2.71 -24.47 -18.42
CA LEU D 141 -4.06 -24.98 -18.57
C LEU D 141 -4.30 -25.51 -19.98
N ARG D 142 -3.58 -24.96 -20.94
CA ARG D 142 -3.67 -25.37 -22.33
C ARG D 142 -2.72 -26.52 -22.68
N SER D 143 -1.97 -27.00 -21.70
CA SER D 143 -0.98 -28.05 -21.93
C SER D 143 -1.46 -29.43 -21.52
N ASP D 144 -0.71 -30.46 -21.92
CA ASP D 144 -1.02 -31.83 -21.54
C ASP D 144 -0.78 -32.08 -20.05
N TYR D 145 -0.03 -31.19 -19.42
CA TYR D 145 0.33 -31.36 -18.01
C TYR D 145 -0.36 -30.33 -17.12
N SER D 146 -1.57 -29.95 -17.53
CA SER D 146 -2.40 -29.01 -16.78
C SER D 146 -2.63 -29.51 -15.36
N PRO D 147 -2.73 -28.58 -14.39
CA PRO D 147 -3.25 -29.00 -13.09
C PRO D 147 -4.67 -29.55 -13.22
N GLN D 148 -5.07 -30.42 -12.31
CA GLN D 148 -6.42 -30.98 -12.34
C GLN D 148 -7.08 -30.92 -10.97
N PRO D 149 -8.40 -30.75 -10.93
CA PRO D 149 -9.34 -30.58 -12.06
C PRO D 149 -9.18 -29.26 -12.81
N ALA D 150 -9.21 -29.32 -14.13
CA ALA D 150 -8.98 -28.15 -14.97
C ALA D 150 -9.95 -26.99 -14.71
N ASP D 151 -11.19 -27.31 -14.35
CA ASP D 151 -12.21 -26.27 -14.19
C ASP D 151 -11.92 -25.44 -12.94
N GLU D 152 -11.53 -26.11 -11.86
CA GLU D 152 -11.13 -25.41 -10.64
C GLU D 152 -9.91 -24.54 -10.89
N ALA D 153 -8.92 -25.12 -11.56
CA ALA D 153 -7.68 -24.41 -11.88
C ALA D 153 -7.95 -23.17 -12.71
N ALA D 154 -8.86 -23.30 -13.67
CA ALA D 154 -9.24 -22.17 -14.52
C ALA D 154 -9.91 -21.09 -13.69
N ALA D 155 -10.79 -21.53 -12.79
CA ALA D 155 -11.48 -20.63 -11.87
C ALA D 155 -10.50 -19.91 -10.96
N ILE D 156 -9.50 -20.64 -10.47
CA ILE D 156 -8.44 -20.05 -9.65
C ILE D 156 -7.70 -18.94 -10.41
N ASN D 157 -7.32 -19.20 -11.66
CA ASN D 157 -6.54 -18.23 -12.41
C ASN D 157 -7.33 -16.97 -12.70
N GLU D 158 -8.64 -17.12 -12.89
CA GLU D 158 -9.49 -15.98 -13.15
C GLU D 158 -9.62 -15.14 -11.88
N TYR D 159 -9.62 -15.80 -10.73
CA TYR D 159 -9.66 -15.10 -9.46
C TYR D 159 -8.42 -14.24 -9.27
N TRP D 160 -7.27 -14.82 -9.59
CA TRP D 160 -6.00 -14.14 -9.31
C TRP D 160 -5.62 -13.07 -10.32
N LYS D 161 -6.17 -13.16 -11.53
CA LYS D 161 -5.69 -12.32 -12.64
C LYS D 161 -5.64 -10.83 -12.25
N PRO D 162 -6.73 -10.28 -11.67
CA PRO D 162 -6.64 -8.86 -11.33
C PRO D 162 -5.63 -8.56 -10.22
N HIS D 163 -5.26 -9.59 -9.45
CA HIS D 163 -4.34 -9.44 -8.32
C HIS D 163 -2.90 -9.81 -8.65
N SER D 164 -2.69 -10.35 -9.84
CA SER D 164 -1.40 -10.94 -10.20
C SER D 164 -0.33 -9.87 -10.31
N LEU D 165 0.92 -10.25 -10.08
CA LEU D 165 2.05 -9.34 -10.24
C LEU D 165 2.07 -8.76 -11.65
N GLN D 166 1.80 -9.61 -12.62
CA GLN D 166 1.72 -9.19 -14.02
C GLN D 166 0.71 -8.05 -14.21
N SER D 167 -0.48 -8.22 -13.64
CA SER D 167 -1.52 -7.22 -13.81
C SER D 167 -1.18 -5.91 -13.11
N LYS D 168 -0.44 -6.00 -12.01
CA LYS D 168 -0.01 -4.81 -11.30
C LYS D 168 1.01 -3.96 -12.07
N CYS D 169 1.91 -4.60 -12.81
CA CYS D 169 3.02 -3.87 -13.40
C CYS D 169 2.75 -3.34 -14.81
N GLN D 170 1.99 -4.08 -15.60
CA GLN D 170 1.72 -3.71 -16.99
C GLN D 170 1.18 -2.30 -17.27
N PRO D 171 0.32 -1.74 -16.39
CA PRO D 171 -0.23 -0.41 -16.72
C PRO D 171 0.79 0.74 -16.78
N TYR D 172 2.01 0.50 -16.34
CA TYR D 172 3.01 1.57 -16.29
C TYR D 172 3.94 1.58 -17.50
N PHE D 173 3.56 0.84 -18.54
CA PHE D 173 4.36 0.73 -19.75
C PHE D 173 3.49 0.85 -21.00
N ASP D 174 4.05 1.43 -22.05
CA ASP D 174 3.38 1.46 -23.35
C ASP D 174 3.10 0.03 -23.79
N PRO D 175 1.85 -0.25 -24.15
CA PRO D 175 1.43 -1.59 -24.57
C PRO D 175 2.28 -2.10 -25.72
N ALA D 176 2.70 -1.18 -26.60
CA ALA D 176 3.54 -1.54 -27.73
C ALA D 176 4.89 -2.05 -27.25
N ASP D 177 5.42 -1.43 -26.21
CA ASP D 177 6.70 -1.85 -25.62
C ASP D 177 6.64 -3.25 -25.00
N LEU D 178 5.59 -3.52 -24.23
CA LEU D 178 5.40 -4.85 -23.66
C LEU D 178 5.27 -5.91 -24.73
N GLY D 179 4.49 -5.63 -25.77
CA GLY D 179 4.35 -6.56 -26.88
C GLY D 179 5.69 -6.91 -27.48
N ARG D 180 6.56 -5.91 -27.63
CA ARG D 180 7.89 -6.15 -28.16
C ARG D 180 8.72 -7.04 -27.23
N MET D 181 8.73 -6.74 -25.94
CA MET D 181 9.45 -7.57 -24.98
C MET D 181 8.92 -8.99 -24.90
N TYR D 182 7.60 -9.14 -24.95
CA TYR D 182 6.97 -10.43 -24.69
C TYR D 182 7.30 -11.46 -25.77
N GLN D 183 7.78 -10.97 -26.91
CA GLN D 183 8.17 -11.83 -28.01
C GLN D 183 9.47 -12.59 -27.76
N VAL D 184 10.28 -12.08 -26.84
CA VAL D 184 11.56 -12.70 -26.50
C VAL D 184 12.40 -12.84 -27.77
N SER D 185 12.59 -11.72 -28.45
CA SER D 185 13.42 -11.71 -29.65
C SER D 185 14.55 -10.71 -29.53
N SER D 186 14.24 -9.47 -29.15
CA SER D 186 15.30 -8.49 -28.90
C SER D 186 15.50 -8.29 -27.39
N MET D 187 14.46 -8.58 -26.61
CA MET D 187 14.51 -8.43 -25.16
C MET D 187 13.89 -9.64 -24.48
N GLU D 188 14.47 -10.09 -23.38
CA GLU D 188 13.80 -11.10 -22.57
C GLU D 188 12.55 -10.46 -21.99
N ALA D 189 11.47 -11.24 -21.90
CA ALA D 189 10.25 -10.75 -21.26
C ALA D 189 10.53 -10.39 -19.81
N PRO D 190 9.88 -9.32 -19.31
CA PRO D 190 10.11 -8.95 -17.91
C PRO D 190 9.65 -10.06 -16.98
N SER D 191 10.31 -10.21 -15.84
CA SER D 191 9.92 -11.20 -14.86
C SER D 191 8.48 -11.09 -14.40
N PHE D 192 7.91 -9.89 -14.39
CA PHE D 192 6.53 -9.78 -13.91
C PHE D 192 5.55 -10.45 -14.87
N ALA D 193 5.99 -10.72 -16.10
CA ALA D 193 5.12 -11.30 -17.12
C ALA D 193 5.26 -12.82 -17.22
N SER D 194 6.34 -13.34 -16.66
CA SER D 194 6.63 -14.76 -16.76
C SER D 194 6.59 -15.46 -15.40
N GLY D 195 6.84 -14.69 -14.35
CA GLY D 195 6.97 -15.24 -13.01
C GLY D 195 8.34 -15.79 -12.68
N TYR D 196 9.27 -15.71 -13.64
CA TYR D 196 10.61 -16.27 -13.43
C TYR D 196 11.34 -15.36 -12.46
N ASN D 197 12.30 -15.91 -11.73
CA ASN D 197 12.86 -15.22 -10.58
C ASN D 197 14.09 -15.98 -10.06
N SER D 198 14.78 -15.40 -9.08
CA SER D 198 15.94 -16.03 -8.47
C SER D 198 16.13 -15.49 -7.05
N ILE D 199 16.99 -16.13 -6.28
CA ILE D 199 17.21 -15.71 -4.90
C ILE D 199 18.48 -16.32 -4.33
N VAL D 200 19.10 -15.57 -3.42
CA VAL D 200 20.19 -16.08 -2.61
C VAL D 200 19.72 -16.13 -1.15
N PRO D 201 19.25 -17.31 -0.72
CA PRO D 201 18.74 -17.46 0.65
C PRO D 201 19.85 -17.31 1.69
N PRO D 202 19.56 -16.60 2.78
CA PRO D 202 20.48 -16.54 3.92
C PRO D 202 20.47 -17.84 4.71
N TYR D 203 20.92 -18.93 4.09
CA TYR D 203 20.99 -20.23 4.74
C TYR D 203 21.69 -20.19 6.08
N GLU D 204 22.74 -19.37 6.17
CA GLU D 204 23.60 -19.31 7.34
C GLU D 204 22.79 -19.02 8.60
N THR D 205 21.80 -18.15 8.46
CA THR D 205 20.97 -17.76 9.58
C THR D 205 20.14 -18.94 10.09
N VAL D 206 19.53 -19.70 9.18
CA VAL D 206 18.71 -20.83 9.59
C VAL D 206 19.54 -21.87 10.32
N LEU D 207 20.67 -22.23 9.72
CA LEU D 207 21.52 -23.30 10.26
C LEU D 207 22.10 -22.92 11.61
N GLU D 208 22.58 -21.69 11.74
CA GLU D 208 23.21 -21.25 12.98
C GLU D 208 22.18 -20.99 14.09
N ASP D 209 21.11 -20.28 13.76
CA ASP D 209 20.19 -19.80 14.77
C ASP D 209 18.93 -20.65 14.98
N GLY D 210 18.43 -21.28 13.92
CA GLY D 210 17.13 -21.93 13.98
C GLY D 210 15.98 -20.95 13.96
N LEU D 211 14.78 -21.46 13.65
CA LEU D 211 13.63 -20.59 13.42
C LEU D 211 12.97 -20.15 14.72
N LEU D 212 13.09 -20.97 15.77
CA LEU D 212 12.49 -20.64 17.05
C LEU D 212 13.07 -19.33 17.57
N ALA D 213 14.39 -19.19 17.42
CA ALA D 213 15.08 -17.96 17.80
C ALA D 213 14.63 -16.75 17.00
N ARG D 214 14.33 -16.95 15.72
CA ARG D 214 13.91 -15.85 14.87
C ARG D 214 12.54 -15.37 15.31
N ILE D 215 11.67 -16.34 15.63
CA ILE D 215 10.34 -16.05 16.14
C ILE D 215 10.38 -15.23 17.41
N LYS D 216 11.19 -15.70 18.35
CA LYS D 216 11.33 -15.06 19.66
C LYS D 216 11.86 -13.64 19.49
N LEU D 217 12.76 -13.47 18.51
CA LEU D 217 13.32 -12.18 18.19
C LEU D 217 12.31 -11.19 17.59
N ALA D 218 11.51 -11.67 16.64
CA ALA D 218 10.47 -10.84 16.04
C ALA D 218 9.43 -10.41 17.07
N GLU D 219 9.06 -11.34 17.94
CA GLU D 219 8.09 -11.09 18.99
C GLU D 219 8.58 -9.98 19.92
N LYS D 220 9.88 -10.01 20.18
CA LYS D 220 10.54 -8.99 21.00
C LYS D 220 10.50 -7.63 20.32
N HIS D 221 10.82 -7.60 19.02
CA HIS D 221 10.72 -6.36 18.26
C HIS D 221 9.30 -5.78 18.29
N ILE D 222 8.31 -6.66 18.17
CA ILE D 222 6.91 -6.23 18.17
C ILE D 222 6.52 -5.60 19.50
N ALA D 223 6.85 -6.27 20.59
CA ALA D 223 6.55 -5.77 21.93
C ALA D 223 7.18 -4.41 22.18
N GLU D 224 8.44 -4.27 21.77
CA GLU D 224 9.14 -2.99 21.89
C GLU D 224 8.49 -1.91 21.03
N ALA D 225 8.10 -2.26 19.81
CA ALA D 225 7.45 -1.30 18.93
C ALA D 225 6.10 -0.85 19.49
N GLN D 226 5.33 -1.79 20.02
CA GLN D 226 4.04 -1.44 20.62
C GLN D 226 4.23 -0.58 21.86
N ALA D 227 5.28 -0.87 22.63
CA ALA D 227 5.63 -0.05 23.79
C ALA D 227 6.00 1.37 23.36
N ASP D 228 6.76 1.46 22.27
CA ASP D 228 7.17 2.74 21.72
C ASP D 228 5.96 3.62 21.38
N MET D 229 4.93 2.98 20.84
CA MET D 229 3.76 3.69 20.35
C MET D 229 2.86 4.20 21.47
N SER D 230 2.99 3.63 22.67
CA SER D 230 2.19 4.06 23.79
C SER D 230 2.98 4.94 24.76
N THR D 231 4.18 5.34 24.37
CA THR D 231 5.01 6.18 25.23
C THR D 231 4.69 7.67 25.10
N PHE D 232 4.44 8.32 26.23
CA PHE D 232 4.22 9.77 26.24
C PHE D 232 5.58 10.45 26.25
N PRO D 233 5.77 11.49 25.41
CA PRO D 233 4.83 12.07 24.44
C PRO D 233 4.98 11.48 23.04
N TRP D 234 3.86 11.11 22.44
CA TRP D 234 3.82 10.61 21.07
C TRP D 234 4.44 11.61 20.07
N ASN D 235 5.11 11.07 19.06
CA ASN D 235 5.62 11.87 17.94
C ASN D 235 5.19 11.21 16.63
N GLY D 236 4.22 11.80 15.95
CA GLY D 236 3.67 11.21 14.75
C GLY D 236 4.56 11.16 13.53
N THR D 237 5.67 11.88 13.55
CA THR D 237 6.65 11.79 12.47
C THR D 237 7.59 10.61 12.66
N LYS D 238 7.49 9.95 13.81
CA LYS D 238 8.34 8.79 14.09
C LYS D 238 7.50 7.55 14.36
N GLY D 239 6.44 7.70 15.15
CA GLY D 239 5.77 6.56 15.72
C GLY D 239 5.01 5.73 14.70
N LEU D 240 4.67 6.36 13.58
CA LEU D 240 3.91 5.66 12.54
C LEU D 240 4.79 4.67 11.80
N ASP D 241 6.10 4.86 11.89
CA ASP D 241 7.03 3.93 11.29
C ASP D 241 6.86 2.52 11.85
N ASN D 242 6.28 2.44 13.06
CA ASN D 242 6.11 1.16 13.73
C ASN D 242 5.07 0.28 13.06
N ILE D 243 4.15 0.89 12.33
CA ILE D 243 3.05 0.15 11.71
C ILE D 243 3.58 -0.87 10.72
N ALA D 244 4.36 -0.41 9.77
CA ALA D 244 4.91 -1.30 8.74
C ALA D 244 5.85 -2.32 9.36
N LYS D 245 6.60 -1.89 10.37
CA LYS D 245 7.50 -2.80 11.09
C LYS D 245 6.76 -3.93 11.80
N ILE D 246 5.76 -3.58 12.59
CA ILE D 246 4.94 -4.57 13.28
C ILE D 246 4.29 -5.53 12.29
N ASP D 247 3.76 -5.01 11.19
CA ASP D 247 3.19 -5.86 10.14
C ASP D 247 4.21 -6.89 9.63
N ASN D 248 5.41 -6.45 9.32
CA ASN D 248 6.44 -7.35 8.80
C ASN D 248 6.85 -8.42 9.82
N TRP D 249 7.12 -7.99 11.05
CA TRP D 249 7.48 -8.93 12.12
C TRP D 249 6.38 -9.94 12.44
N LYS D 250 5.14 -9.49 12.55
CA LYS D 250 4.03 -10.41 12.78
C LYS D 250 3.94 -11.42 11.65
N ALA D 251 4.15 -10.95 10.42
CA ALA D 251 4.21 -11.82 9.26
C ALA D 251 5.36 -12.84 9.34
N MET D 252 6.52 -12.39 9.81
CA MET D 252 7.65 -13.31 9.98
C MET D 252 7.31 -14.44 10.95
N VAL D 253 6.64 -14.10 12.04
CA VAL D 253 6.29 -15.08 13.05
C VAL D 253 5.34 -16.13 12.49
N ILE D 254 4.30 -15.66 11.82
CA ILE D 254 3.34 -16.54 11.16
C ILE D 254 4.03 -17.48 10.17
N ALA D 255 4.96 -16.93 9.40
CA ALA D 255 5.65 -17.70 8.38
C ALA D 255 6.57 -18.75 9.00
N CYS D 256 7.37 -18.32 9.96
CA CYS D 256 8.31 -19.21 10.64
C CYS D 256 7.63 -20.33 11.42
N LYS D 257 6.55 -20.01 12.14
CA LYS D 257 5.81 -21.02 12.87
C LYS D 257 5.24 -22.07 11.93
N ALA D 258 4.78 -21.63 10.76
CA ALA D 258 4.22 -22.54 9.78
C ALA D 258 5.29 -23.47 9.21
N VAL D 259 6.49 -22.93 8.98
CA VAL D 259 7.59 -23.72 8.45
C VAL D 259 7.99 -24.81 9.44
N ILE D 260 8.11 -24.44 10.71
CA ILE D 260 8.42 -25.41 11.77
C ILE D 260 7.38 -26.51 11.82
N SER D 261 6.10 -26.13 11.80
CA SER D 261 5.00 -27.08 11.86
C SER D 261 5.04 -28.03 10.68
N TRP D 262 5.37 -27.48 9.52
CA TRP D 262 5.47 -28.24 8.27
C TRP D 262 6.64 -29.21 8.30
N ALA D 263 7.79 -28.77 8.79
CA ALA D 263 8.95 -29.64 8.93
C ALA D 263 8.66 -30.82 9.85
N ARG D 264 8.00 -30.54 10.97
CA ARG D 264 7.73 -31.53 12.01
C ARG D 264 6.67 -32.53 11.55
N ARG D 265 5.75 -32.07 10.70
CA ARG D 265 4.73 -32.94 10.13
C ARG D 265 5.36 -33.88 9.11
N GLN D 266 6.41 -33.40 8.44
CA GLN D 266 7.20 -34.24 7.56
C GLN D 266 7.89 -35.33 8.38
N GLY D 267 8.46 -34.91 9.51
CA GLY D 267 9.07 -35.82 10.46
C GLY D 267 8.10 -36.88 10.92
N ARG D 268 6.86 -36.48 11.17
CA ARG D 268 5.83 -37.38 11.69
C ARG D 268 5.45 -38.43 10.64
N LEU D 269 5.52 -38.06 9.37
CA LEU D 269 5.29 -39.01 8.28
C LEU D 269 6.37 -40.10 8.28
N CYS D 270 7.62 -39.71 8.54
CA CYS D 270 8.71 -40.68 8.70
C CYS D 270 8.44 -41.65 9.85
N LYS D 271 8.01 -41.11 10.98
CA LYS D 271 7.65 -41.92 12.15
C LYS D 271 6.53 -42.91 11.84
N ILE D 272 5.43 -42.41 11.27
CA ILE D 272 4.31 -43.24 10.85
C ILE D 272 4.69 -44.36 9.88
N VAL D 273 5.50 -44.05 8.87
CA VAL D 273 5.93 -45.09 7.93
C VAL D 273 6.81 -46.14 8.61
N ALA D 274 7.72 -45.70 9.49
CA ALA D 274 8.58 -46.60 10.24
C ALA D 274 7.78 -47.58 11.10
N GLU D 275 6.69 -47.09 11.68
CA GLU D 275 5.94 -47.85 12.68
C GLU D 275 4.80 -48.67 12.06
N ASN D 276 4.34 -48.27 10.88
CA ASN D 276 3.15 -48.87 10.28
C ASN D 276 3.30 -49.45 8.88
N PHE D 277 4.35 -49.08 8.16
CA PHE D 277 4.47 -49.45 6.76
C PHE D 277 5.77 -50.17 6.46
N GLU D 278 6.86 -49.71 7.07
CA GLU D 278 8.17 -50.25 6.76
C GLU D 278 8.41 -51.52 7.59
N THR D 279 8.78 -52.60 6.91
CA THR D 279 8.95 -53.90 7.57
C THR D 279 10.39 -54.24 7.95
N ASP D 280 11.35 -53.57 7.34
CA ASP D 280 12.76 -53.81 7.65
C ASP D 280 13.27 -52.96 8.81
N PRO D 281 13.74 -53.61 9.88
CA PRO D 281 14.22 -52.95 11.11
C PRO D 281 15.35 -51.96 10.88
N LYS D 282 16.14 -52.19 9.82
CA LYS D 282 17.23 -51.30 9.45
C LYS D 282 16.68 -49.94 9.00
N ARG D 283 15.76 -49.97 8.05
CA ARG D 283 15.10 -48.77 7.53
C ARG D 283 14.22 -48.09 8.58
N GLN D 284 13.57 -48.89 9.41
CA GLN D 284 12.77 -48.38 10.52
C GLN D 284 13.59 -47.47 11.44
N ALA D 285 14.77 -47.95 11.83
CA ALA D 285 15.67 -47.17 12.66
C ALA D 285 16.09 -45.89 11.96
N GLU D 286 16.42 -45.98 10.68
CA GLU D 286 16.83 -44.81 9.91
C GLU D 286 15.70 -43.79 9.83
N LEU D 287 14.50 -44.28 9.55
CA LEU D 287 13.34 -43.40 9.45
C LEU D 287 13.09 -42.64 10.76
N LEU D 288 13.30 -43.31 11.89
CA LEU D 288 13.14 -42.65 13.19
C LEU D 288 14.25 -41.64 13.41
N GLU D 289 15.44 -41.94 12.89
CA GLU D 289 16.56 -41.00 12.94
C GLU D 289 16.22 -39.74 12.17
N ILE D 290 15.62 -39.91 10.99
CA ILE D 290 15.20 -38.79 10.17
C ILE D 290 14.08 -38.01 10.84
N ALA D 291 13.12 -38.74 11.41
CA ALA D 291 12.00 -38.14 12.13
C ALA D 291 12.47 -37.22 13.26
N ASP D 292 13.49 -37.65 13.98
CA ASP D 292 14.04 -36.84 15.07
C ASP D 292 14.73 -35.58 14.57
N ILE D 293 15.47 -35.70 13.46
CA ILE D 293 16.11 -34.55 12.85
C ILE D 293 15.07 -33.51 12.43
N CYS D 294 14.01 -33.97 11.79
CA CYS D 294 12.94 -33.09 11.34
C CYS D 294 12.19 -32.42 12.49
N GLN D 295 12.14 -33.10 13.63
CA GLN D 295 11.54 -32.54 14.84
C GLN D 295 12.35 -31.37 15.40
N ARG D 296 13.66 -31.53 15.39
CA ARG D 296 14.60 -30.54 15.93
C ARG D 296 14.89 -29.42 14.94
N ILE D 297 14.84 -29.78 13.67
CA ILE D 297 15.37 -28.95 12.59
C ILE D 297 14.27 -28.64 11.59
N PRO D 298 14.09 -27.36 11.22
CA PRO D 298 14.95 -26.20 11.50
C PRO D 298 14.52 -25.35 12.69
N ALA D 299 13.72 -25.91 13.59
CA ALA D 299 13.30 -25.20 14.78
C ALA D 299 14.51 -24.76 15.61
N GLU D 300 15.43 -25.69 15.81
CA GLU D 300 16.63 -25.45 16.61
C GLU D 300 17.86 -25.21 15.72
N PRO D 301 18.93 -24.64 16.30
CA PRO D 301 20.23 -24.61 15.63
C PRO D 301 20.68 -25.99 15.18
N CYS D 302 21.32 -26.08 14.02
CA CYS D 302 21.91 -27.34 13.59
C CYS D 302 23.10 -27.70 14.46
N LYS D 303 23.27 -28.99 14.75
CA LYS D 303 24.41 -29.43 15.54
C LYS D 303 25.38 -30.28 14.73
N GLY D 304 24.87 -31.00 13.72
CA GLY D 304 25.73 -31.81 12.87
C GLY D 304 25.44 -31.69 11.39
N LEU D 305 26.16 -32.47 10.59
CA LEU D 305 26.06 -32.40 9.13
C LEU D 305 24.72 -32.88 8.60
N LYS D 306 24.14 -33.89 9.24
CA LYS D 306 22.83 -34.38 8.83
C LYS D 306 21.76 -33.32 9.10
N ASP D 307 21.86 -32.69 10.27
CA ASP D 307 21.01 -31.55 10.60
C ASP D 307 21.11 -30.49 9.50
N ALA D 308 22.33 -30.05 9.23
CA ALA D 308 22.59 -28.95 8.30
C ALA D 308 22.02 -29.23 6.91
N MET D 309 22.23 -30.45 6.42
CA MET D 309 21.76 -30.80 5.08
C MET D 309 20.25 -30.74 4.97
N GLN D 310 19.57 -31.17 6.03
CA GLN D 310 18.12 -31.21 6.02
C GLN D 310 17.57 -29.79 6.21
N ALA D 311 18.23 -29.02 7.08
CA ALA D 311 17.88 -27.63 7.29
C ALA D 311 17.99 -26.86 5.98
N LYS D 312 19.08 -27.12 5.26
CA LYS D 312 19.35 -26.47 4.00
C LYS D 312 18.31 -26.82 2.95
N PHE D 313 17.92 -28.10 2.89
CA PHE D 313 16.95 -28.53 1.90
C PHE D 313 15.58 -27.91 2.20
N PHE D 314 15.17 -27.91 3.47
CA PHE D 314 13.89 -27.30 3.86
C PHE D 314 13.84 -25.83 3.48
N THR D 315 14.93 -25.12 3.77
CA THR D 315 15.04 -23.70 3.47
C THR D 315 14.96 -23.45 1.97
N PHE D 316 15.66 -24.30 1.21
CA PHE D 316 15.60 -24.28 -0.24
C PHE D 316 14.18 -24.40 -0.77
N LEU D 317 13.42 -25.35 -0.23
CA LEU D 317 12.06 -25.58 -0.71
C LEU D 317 11.17 -24.36 -0.48
N ILE D 318 11.25 -23.77 0.70
CA ILE D 318 10.45 -22.60 1.01
C ILE D 318 10.84 -21.43 0.09
N CYS D 319 12.14 -21.16 0.02
CA CYS D 319 12.66 -20.00 -0.72
C CYS D 319 12.58 -20.11 -2.24
N HIS D 320 12.69 -21.33 -2.77
CA HIS D 320 12.76 -21.52 -4.23
C HIS D 320 11.48 -22.10 -4.86
N ALA D 321 10.60 -22.64 -4.04
CA ALA D 321 9.42 -23.31 -4.59
C ALA D 321 8.09 -22.95 -3.92
N ILE D 322 8.07 -22.85 -2.59
CA ILE D 322 6.79 -22.80 -1.89
C ILE D 322 6.31 -21.38 -1.57
N GLU D 323 7.15 -20.55 -0.96
CA GLU D 323 6.74 -19.19 -0.66
C GLU D 323 6.57 -18.43 -1.98
N ARG D 324 7.52 -18.68 -2.88
CA ARG D 324 7.56 -18.08 -4.20
C ARG D 324 8.40 -18.95 -5.12
N TYR D 325 8.17 -18.88 -6.42
CA TYR D 325 9.10 -19.52 -7.34
C TYR D 325 10.39 -18.74 -7.44
N ALA D 326 11.50 -19.45 -7.34
CA ALA D 326 12.78 -18.88 -7.72
C ALA D 326 13.70 -19.95 -8.30
N SER D 327 14.20 -19.67 -9.49
CA SER D 327 15.24 -20.48 -10.10
C SER D 327 16.48 -20.43 -9.23
N GLY D 328 17.43 -21.33 -9.48
CA GLY D 328 18.68 -21.26 -8.76
C GLY D 328 18.85 -22.20 -7.59
N TYR D 329 20.08 -22.19 -7.08
CA TYR D 329 20.49 -22.97 -5.93
C TYR D 329 21.68 -22.28 -5.30
N ALA D 330 21.70 -20.96 -5.44
CA ALA D 330 22.83 -20.15 -4.99
C ALA D 330 23.10 -20.36 -3.51
N GLN D 331 24.39 -20.51 -3.20
CA GLN D 331 24.90 -20.81 -1.87
C GLN D 331 26.39 -21.10 -1.94
N LYS D 332 27.10 -20.91 -0.83
CA LYS D 332 28.52 -21.20 -0.79
C LYS D 332 28.63 -22.49 0.00
N GLU D 333 28.48 -23.64 -0.67
CA GLU D 333 28.12 -24.85 0.04
C GLU D 333 29.23 -25.40 0.93
N ASP D 334 30.48 -25.27 0.51
CA ASP D 334 31.58 -25.78 1.32
C ASP D 334 31.75 -24.91 2.57
N THR D 335 31.68 -23.60 2.41
CA THR D 335 31.84 -22.68 3.54
C THR D 335 30.64 -22.76 4.49
N LEU D 336 29.45 -22.85 3.91
CA LEU D 336 28.22 -23.05 4.67
C LEU D 336 28.21 -24.31 5.53
N LEU D 337 28.60 -25.44 4.95
CA LEU D 337 28.51 -26.71 5.64
C LEU D 337 29.74 -27.06 6.49
N TRP D 338 30.86 -26.38 6.27
CA TRP D 338 32.10 -26.71 6.96
C TRP D 338 31.98 -26.86 8.49
N PRO D 339 31.32 -25.90 9.17
CA PRO D 339 31.24 -26.05 10.63
C PRO D 339 30.55 -27.33 11.04
N TYR D 340 29.65 -27.81 10.20
CA TYR D 340 28.83 -28.98 10.51
C TYR D 340 29.54 -30.26 10.09
N TYR D 341 30.24 -30.20 8.96
CA TYR D 341 31.15 -31.28 8.56
C TYR D 341 32.16 -31.52 9.68
N LYS D 342 32.74 -30.43 10.17
CA LYS D 342 33.78 -30.48 11.19
C LYS D 342 33.26 -31.14 12.46
N ALA D 343 32.02 -30.80 12.83
CA ALA D 343 31.42 -31.32 14.05
C ALA D 343 31.11 -32.80 13.93
N SER D 344 30.69 -33.21 12.73
CA SER D 344 30.27 -34.59 12.49
C SER D 344 31.43 -35.51 12.13
N VAL D 345 32.29 -35.05 11.23
CA VAL D 345 33.27 -35.92 10.59
C VAL D 345 34.61 -35.84 11.31
N VAL D 346 35.02 -34.63 11.66
CA VAL D 346 36.34 -34.41 12.25
C VAL D 346 36.31 -34.59 13.77
N ASP D 347 35.44 -33.86 14.45
CA ASP D 347 35.39 -33.90 15.90
C ASP D 347 34.49 -35.01 16.43
N LYS D 348 33.58 -35.49 15.58
CA LYS D 348 32.65 -36.57 15.93
C LYS D 348 31.77 -36.20 17.13
N LYS D 349 31.54 -34.90 17.34
CA LYS D 349 30.82 -34.43 18.51
C LYS D 349 29.30 -34.66 18.44
N PHE D 350 28.76 -34.66 17.23
CA PHE D 350 27.34 -34.92 17.06
C PHE D 350 27.13 -35.46 15.66
N GLN D 351 26.21 -36.42 15.53
CA GLN D 351 25.99 -37.14 14.28
C GLN D 351 27.32 -37.59 13.67
N PRO D 352 28.09 -38.40 14.41
CA PRO D 352 29.42 -38.80 13.92
C PRO D 352 29.35 -39.49 12.56
N MET D 353 30.31 -39.18 11.70
CA MET D 353 30.29 -39.62 10.30
C MET D 353 31.70 -39.73 9.73
N SER D 354 31.87 -40.61 8.76
CA SER D 354 33.10 -40.69 7.99
C SER D 354 33.04 -39.69 6.86
N HIS D 355 34.19 -39.37 6.27
CA HIS D 355 34.22 -38.53 5.08
C HIS D 355 33.36 -39.11 3.97
N MET D 356 33.43 -40.42 3.80
CA MET D 356 32.63 -41.07 2.76
C MET D 356 31.14 -41.00 3.08
N ASP D 357 30.79 -40.96 4.36
CA ASP D 357 29.41 -40.74 4.78
C ASP D 357 28.94 -39.37 4.33
N ALA D 358 29.82 -38.38 4.46
CA ALA D 358 29.55 -37.02 3.98
C ALA D 358 29.35 -37.04 2.47
N VAL D 359 30.22 -37.77 1.77
CA VAL D 359 30.13 -37.90 0.33
C VAL D 359 28.78 -38.46 -0.10
N GLU D 360 28.30 -39.47 0.64
CA GLU D 360 27.02 -40.10 0.33
C GLU D 360 25.87 -39.13 0.51
N LEU D 361 25.95 -38.33 1.58
CA LEU D 361 24.91 -37.37 1.91
C LEU D 361 24.79 -36.30 0.83
N VAL D 362 25.93 -35.85 0.31
CA VAL D 362 25.94 -34.90 -0.80
C VAL D 362 25.35 -35.50 -2.07
N GLU D 363 25.66 -36.77 -2.35
CA GLU D 363 25.03 -37.47 -3.48
C GLU D 363 23.51 -37.46 -3.40
N MET D 364 22.98 -37.73 -2.20
CA MET D 364 21.54 -37.75 -2.00
C MET D 364 20.94 -36.37 -2.25
N GLU D 365 21.63 -35.33 -1.78
CA GLU D 365 21.23 -33.96 -2.05
C GLU D 365 21.14 -33.71 -3.56
N ARG D 366 22.16 -34.17 -4.29
CA ARG D 366 22.19 -33.99 -5.73
C ARG D 366 21.02 -34.70 -6.39
N LEU D 367 20.66 -35.87 -5.87
CA LEU D 367 19.54 -36.63 -6.37
C LEU D 367 18.18 -36.00 -6.06
N LYS D 368 18.04 -35.36 -4.89
CA LYS D 368 16.80 -34.69 -4.54
C LYS D 368 16.57 -33.50 -5.46
N ILE D 369 17.65 -32.77 -5.73
CA ILE D 369 17.59 -31.60 -6.60
C ILE D 369 17.26 -32.07 -8.01
N SER D 370 17.82 -33.21 -8.39
CA SER D 370 17.52 -33.83 -9.68
C SER D 370 16.04 -34.18 -9.82
N GLU D 371 15.36 -34.38 -8.69
CA GLU D 371 13.92 -34.63 -8.71
C GLU D 371 13.07 -33.37 -8.56
N HIS D 372 13.70 -32.22 -8.37
CA HIS D 372 12.96 -30.99 -8.14
C HIS D 372 12.42 -30.40 -9.44
N GLY D 373 11.15 -30.68 -9.74
CA GLY D 373 10.52 -30.13 -10.93
C GLY D 373 10.11 -28.68 -10.72
N ALA D 374 10.19 -27.87 -11.76
CA ALA D 374 9.99 -26.44 -11.62
C ALA D 374 8.72 -25.97 -12.33
N GLY D 375 7.84 -25.30 -11.58
CA GLY D 375 6.63 -24.74 -12.15
C GLY D 375 6.84 -23.41 -12.84
N LYS D 376 7.77 -23.39 -13.80
CA LYS D 376 8.11 -22.16 -14.52
C LYS D 376 7.44 -22.11 -15.88
N SER D 377 7.42 -20.93 -16.49
CA SER D 377 6.56 -20.66 -17.64
C SER D 377 7.20 -21.23 -18.90
N ARG D 378 6.48 -21.12 -20.01
CA ARG D 378 6.83 -21.84 -21.23
C ARG D 378 8.23 -21.44 -21.72
N ALA D 379 8.47 -20.14 -21.79
CA ALA D 379 9.79 -19.62 -22.15
C ALA D 379 10.91 -20.31 -21.40
N TYR D 380 10.69 -20.53 -20.11
CA TYR D 380 11.73 -21.05 -19.25
C TYR D 380 11.71 -22.58 -19.19
N ARG D 381 10.77 -23.17 -19.92
CA ARG D 381 10.82 -24.59 -20.24
C ARG D 381 11.46 -24.75 -21.61
N GLU D 382 11.69 -23.63 -22.28
CA GLU D 382 12.37 -23.63 -23.57
C GLU D 382 13.89 -23.51 -23.42
N ILE D 383 14.34 -22.65 -22.51
CA ILE D 383 15.72 -22.17 -22.58
C ILE D 383 16.71 -22.84 -21.62
N PHE D 384 16.29 -23.91 -20.95
CA PHE D 384 17.24 -24.73 -20.21
C PHE D 384 17.15 -26.20 -20.63
N PRO D 385 17.27 -26.49 -21.95
CA PRO D 385 17.00 -27.85 -22.41
C PRO D 385 17.87 -28.90 -21.72
N GLY D 386 17.30 -30.07 -21.45
CA GLY D 386 18.05 -31.14 -20.81
C GLY D 386 18.24 -31.02 -19.31
N SER D 387 17.55 -30.06 -18.69
CA SER D 387 17.62 -29.92 -17.24
C SER D 387 16.25 -29.65 -16.63
N ASN D 388 16.15 -29.75 -15.31
CA ASN D 388 14.92 -29.38 -14.61
C ASN D 388 14.75 -27.88 -14.57
N ASP D 389 15.86 -27.20 -14.34
CA ASP D 389 15.89 -25.79 -14.03
C ASP D 389 17.36 -25.44 -13.83
N LEU D 390 17.66 -24.17 -13.58
CA LEU D 390 19.01 -23.80 -13.19
C LEU D 390 19.25 -24.04 -11.69
N PHE D 391 20.30 -24.78 -11.38
CA PHE D 391 20.71 -24.99 -9.99
C PHE D 391 22.23 -24.84 -9.88
N ILE D 392 22.69 -23.68 -9.43
CA ILE D 392 24.11 -23.37 -9.42
C ILE D 392 24.63 -22.99 -8.03
N LEU D 393 25.51 -23.84 -7.51
CA LEU D 393 26.10 -23.64 -6.19
C LEU D 393 27.57 -23.28 -6.38
N THR D 394 28.16 -22.64 -5.38
CA THR D 394 29.52 -22.15 -5.50
C THR D 394 30.43 -22.70 -4.40
N VAL D 395 31.66 -23.03 -4.77
CA VAL D 395 32.65 -23.51 -3.80
C VAL D 395 34.00 -22.84 -4.07
N GLY D 396 34.96 -23.07 -3.18
CA GLY D 396 36.32 -22.62 -3.36
C GLY D 396 36.52 -21.17 -2.95
N GLY D 397 37.38 -20.47 -3.68
CA GLY D 397 37.60 -19.06 -3.42
C GLY D 397 38.46 -18.79 -2.19
N THR D 398 38.23 -17.64 -1.58
CA THR D 398 39.05 -17.16 -0.47
C THR D 398 38.19 -16.72 0.70
N ASN D 399 38.76 -16.72 1.89
CA ASN D 399 38.05 -16.29 3.08
C ASN D 399 38.28 -14.81 3.36
N ALA D 400 37.78 -14.34 4.50
CA ALA D 400 37.82 -12.92 4.85
C ALA D 400 39.23 -12.34 4.86
N LYS D 401 40.22 -13.18 5.18
CA LYS D 401 41.61 -12.75 5.19
C LYS D 401 42.30 -12.95 3.84
N GLY D 402 41.55 -13.35 2.83
CA GLY D 402 42.14 -13.59 1.52
C GLY D 402 42.91 -14.89 1.39
N GLU D 403 42.77 -15.78 2.38
CA GLU D 403 43.42 -17.10 2.28
C GLU D 403 42.49 -18.14 1.69
N ASP D 404 43.05 -19.31 1.36
CA ASP D 404 42.29 -20.40 0.75
C ASP D 404 41.03 -20.79 1.53
N ALA D 405 39.89 -20.82 0.84
CA ALA D 405 38.64 -21.24 1.47
C ALA D 405 38.32 -22.71 1.22
N CYS D 406 39.11 -23.35 0.37
CA CYS D 406 38.91 -24.77 0.08
C CYS D 406 39.13 -25.63 1.31
N ASN D 407 38.38 -26.72 1.43
CA ASN D 407 38.51 -27.63 2.57
C ASN D 407 37.99 -29.02 2.23
N ASP D 408 37.98 -29.91 3.22
CA ASP D 408 37.57 -31.28 2.98
C ASP D 408 36.08 -31.39 2.65
N MET D 409 35.28 -30.40 3.03
CA MET D 409 33.88 -30.38 2.62
C MET D 409 33.79 -30.06 1.13
N THR D 410 34.62 -29.13 0.65
CA THR D 410 34.72 -28.85 -0.78
C THR D 410 34.97 -30.13 -1.57
N ASP D 411 35.91 -30.93 -1.06
CA ASP D 411 36.35 -32.14 -1.75
C ASP D 411 35.24 -33.18 -1.75
N ALA D 412 34.48 -33.23 -0.65
CA ALA D 412 33.35 -34.14 -0.52
C ALA D 412 32.27 -33.78 -1.55
N ILE D 413 32.06 -32.49 -1.75
CA ILE D 413 31.06 -32.01 -2.69
C ILE D 413 31.49 -32.37 -4.12
N LEU D 414 32.77 -32.16 -4.42
CA LEU D 414 33.29 -32.46 -5.74
C LEU D 414 33.29 -33.96 -6.03
N GLU D 415 33.74 -34.79 -5.08
CA GLU D 415 33.77 -36.23 -5.30
C GLU D 415 32.37 -36.84 -5.53
N ALA D 416 31.40 -36.35 -4.77
CA ALA D 416 30.01 -36.76 -4.92
C ALA D 416 29.51 -36.47 -6.32
N ALA D 417 29.83 -35.29 -6.83
CA ALA D 417 29.50 -34.91 -8.20
C ALA D 417 30.12 -35.89 -9.20
N LYS D 418 31.42 -36.13 -9.07
CA LYS D 418 32.14 -37.06 -9.95
C LYS D 418 31.52 -38.45 -9.91
N ARG D 419 31.15 -38.91 -8.72
CA ARG D 419 30.60 -40.26 -8.56
C ARG D 419 29.19 -40.43 -9.11
N ILE D 420 28.29 -39.52 -8.80
CA ILE D 420 26.87 -39.76 -9.03
C ILE D 420 26.43 -39.33 -10.43
N ARG D 421 27.18 -38.43 -11.03
CA ARG D 421 26.96 -37.98 -12.41
C ARG D 421 25.51 -37.55 -12.67
N THR D 422 25.09 -36.46 -12.03
CA THR D 422 23.81 -35.84 -12.32
C THR D 422 24.09 -34.51 -13.02
N ALA D 423 23.21 -34.12 -13.94
CA ALA D 423 23.41 -32.88 -14.67
C ALA D 423 23.23 -31.67 -13.77
N GLU D 424 22.37 -31.82 -12.76
CA GLU D 424 22.18 -30.77 -11.77
C GLU D 424 22.37 -31.33 -10.37
N PRO D 425 22.78 -30.49 -9.41
CA PRO D 425 23.15 -29.08 -9.53
C PRO D 425 24.51 -28.86 -10.19
N SER D 426 24.67 -27.73 -10.87
CA SER D 426 25.96 -27.35 -11.42
C SER D 426 26.82 -26.68 -10.35
N ILE D 427 28.13 -26.61 -10.59
CA ILE D 427 29.03 -26.08 -9.58
C ILE D 427 29.86 -24.96 -10.19
N VAL D 428 30.06 -23.89 -9.42
CA VAL D 428 31.03 -22.87 -9.75
C VAL D 428 32.21 -22.90 -8.80
N PHE D 429 33.42 -22.89 -9.35
CA PHE D 429 34.61 -22.87 -8.52
C PHE D 429 35.28 -21.52 -8.63
N ARG D 430 35.41 -20.84 -7.50
CA ARG D 430 36.05 -19.54 -7.48
C ARG D 430 37.55 -19.77 -7.41
N TYR D 431 38.28 -19.42 -8.46
CA TYR D 431 39.70 -19.75 -8.51
C TYR D 431 40.61 -18.63 -8.08
N SER D 432 41.53 -18.99 -7.18
CA SER D 432 42.53 -18.10 -6.67
C SER D 432 43.84 -18.88 -6.71
N LYS D 433 44.96 -18.19 -6.84
CA LYS D 433 46.26 -18.84 -6.72
C LYS D 433 46.43 -19.44 -5.32
N LYS D 434 45.59 -19.01 -4.38
CA LYS D 434 45.63 -19.54 -3.02
C LYS D 434 45.14 -20.98 -2.92
N ASN D 435 44.39 -21.45 -3.92
CA ASN D 435 43.63 -22.69 -3.78
C ASN D 435 44.52 -23.92 -3.77
N ARG D 436 44.32 -24.79 -2.79
CA ARG D 436 45.15 -25.98 -2.63
C ARG D 436 45.03 -26.96 -3.80
N GLU D 437 46.16 -27.56 -4.18
CA GLU D 437 46.22 -28.45 -5.34
C GLU D 437 45.34 -29.67 -5.15
N LYS D 438 45.26 -30.15 -3.92
CA LYS D 438 44.46 -31.32 -3.58
C LYS D 438 43.02 -31.13 -4.03
N THR D 439 42.49 -29.93 -3.84
CA THR D 439 41.13 -29.60 -4.26
C THR D 439 41.00 -29.29 -5.75
N LEU D 440 41.98 -28.59 -6.31
CA LEU D 440 42.07 -28.41 -7.77
C LEU D 440 41.99 -29.73 -8.53
N ARG D 441 42.64 -30.76 -8.00
CA ARG D 441 42.66 -32.06 -8.66
C ARG D 441 41.25 -32.65 -8.70
N TRP D 442 40.48 -32.45 -7.64
CA TRP D 442 39.08 -32.88 -7.63
C TRP D 442 38.24 -32.08 -8.62
N VAL D 443 38.52 -30.79 -8.73
CA VAL D 443 37.85 -29.96 -9.72
C VAL D 443 38.09 -30.54 -11.11
N PHE D 444 39.33 -30.91 -11.39
CA PHE D 444 39.70 -31.45 -12.70
C PHE D 444 39.08 -32.82 -12.97
N GLU D 445 38.90 -33.61 -11.91
CA GLU D 445 38.30 -34.93 -12.05
C GLU D 445 36.91 -34.83 -12.60
N CYS D 446 36.16 -33.85 -12.12
CA CYS D 446 34.82 -33.57 -12.64
C CYS D 446 34.89 -33.11 -14.08
N ILE D 447 35.79 -32.17 -14.38
CA ILE D 447 35.88 -31.63 -15.72
C ILE D 447 36.35 -32.66 -16.74
N ARG D 448 37.35 -33.46 -16.38
CA ARG D 448 37.93 -34.41 -17.35
C ARG D 448 36.91 -35.50 -17.67
N ASP D 449 35.96 -35.71 -16.76
CA ASP D 449 34.86 -36.65 -16.96
C ASP D 449 33.71 -36.06 -17.77
N GLY D 450 33.87 -34.84 -18.28
CA GLY D 450 32.91 -34.26 -19.20
C GLY D 450 31.63 -33.73 -18.58
N LEU D 451 31.60 -33.62 -17.26
CA LEU D 451 30.41 -33.11 -16.56
C LEU D 451 30.07 -31.67 -16.94
N GLY D 452 31.09 -30.90 -17.34
CA GLY D 452 30.90 -29.51 -17.72
C GLY D 452 31.10 -28.56 -16.58
N TYR D 453 31.19 -29.09 -15.36
CA TYR D 453 31.40 -28.28 -14.18
C TYR D 453 32.42 -28.97 -13.27
N PRO D 454 33.01 -28.23 -12.30
CA PRO D 454 32.87 -26.80 -12.00
C PRO D 454 33.29 -25.90 -13.14
N SER D 455 32.49 -24.86 -13.39
CA SER D 455 32.94 -23.75 -14.21
C SER D 455 33.93 -22.97 -13.35
N ILE D 456 34.71 -22.09 -13.96
CA ILE D 456 35.73 -21.41 -13.21
C ILE D 456 35.51 -19.91 -13.23
N LYS D 457 35.44 -19.30 -12.06
CA LYS D 457 35.33 -17.86 -11.96
C LYS D 457 36.58 -17.24 -11.33
N HIS D 458 36.92 -16.06 -11.81
CA HIS D 458 38.09 -15.35 -11.34
C HIS D 458 37.79 -14.78 -9.95
N ASP D 459 38.48 -15.26 -8.93
CA ASP D 459 38.11 -14.95 -7.55
C ASP D 459 38.27 -13.47 -7.25
N GLU D 460 39.42 -12.92 -7.64
CA GLU D 460 39.74 -11.52 -7.35
C GLU D 460 38.80 -10.54 -8.09
N ILE D 461 38.49 -10.82 -9.35
CA ILE D 461 37.57 -9.97 -10.11
C ILE D 461 36.23 -9.86 -9.40
N GLY D 462 35.74 -10.99 -8.91
CA GLY D 462 34.43 -11.03 -8.26
C GLY D 462 34.46 -10.30 -6.94
N THR D 463 35.54 -10.49 -6.18
CA THR D 463 35.66 -9.89 -4.87
C THR D 463 35.79 -8.37 -5.00
N GLU D 464 36.58 -7.93 -5.97
CA GLU D 464 36.74 -6.51 -6.25
C GLU D 464 35.39 -5.93 -6.60
N GLN D 465 34.65 -6.67 -7.41
CA GLN D 465 33.33 -6.27 -7.86
C GLN D 465 32.38 -6.01 -6.69
N MET D 466 32.39 -6.92 -5.72
CA MET D 466 31.56 -6.77 -4.53
C MET D 466 31.90 -5.49 -3.76
N LYS D 467 33.18 -5.16 -3.69
CA LYS D 467 33.63 -3.94 -3.03
C LYS D 467 33.13 -2.70 -3.76
N GLU D 468 33.18 -2.74 -5.09
CA GLU D 468 32.77 -1.60 -5.90
C GLU D 468 31.27 -1.34 -5.78
N TYR D 469 30.46 -2.40 -5.84
CA TYR D 469 29.01 -2.24 -5.72
C TYR D 469 28.64 -1.76 -4.31
N ALA D 470 29.41 -2.20 -3.33
CA ALA D 470 29.13 -1.91 -1.92
C ALA D 470 29.10 -0.41 -1.67
N LYS D 471 29.87 0.33 -2.47
CA LYS D 471 29.99 1.78 -2.34
C LYS D 471 28.68 2.48 -2.62
N PHE D 472 27.78 1.82 -3.33
CA PHE D 472 26.52 2.45 -3.71
C PHE D 472 25.36 2.16 -2.76
N SER D 473 25.64 1.44 -1.67
CA SER D 473 24.58 1.04 -0.73
C SER D 473 23.76 2.23 -0.26
N LEU D 474 22.43 2.10 -0.31
CA LEU D 474 21.57 3.24 0.00
C LEU D 474 21.52 3.56 1.49
N ASN D 475 21.85 2.60 2.33
CA ASN D 475 21.91 2.86 3.76
C ASN D 475 23.33 2.69 4.31
N GLY D 476 24.31 2.84 3.42
CA GLY D 476 25.73 2.72 3.76
C GLY D 476 26.13 1.44 4.48
N ASN D 477 25.42 0.36 4.20
CA ASN D 477 25.74 -0.93 4.79
C ASN D 477 25.97 -2.00 3.73
N GLY D 478 26.70 -1.65 2.67
CA GLY D 478 27.09 -2.61 1.66
C GLY D 478 28.12 -3.56 2.25
N ALA D 479 28.58 -4.52 1.45
CA ALA D 479 29.58 -5.47 1.92
C ALA D 479 30.82 -4.75 2.46
N THR D 480 31.27 -5.15 3.65
CA THR D 480 32.59 -4.72 4.12
C THR D 480 33.65 -5.35 3.24
N ASP D 481 34.88 -4.86 3.32
CA ASP D 481 35.98 -5.43 2.54
C ASP D 481 36.16 -6.92 2.80
N GLU D 482 35.99 -7.32 4.06
CA GLU D 482 36.08 -8.72 4.42
C GLU D 482 34.87 -9.51 3.89
N GLU D 483 33.67 -8.94 4.05
CA GLU D 483 32.46 -9.54 3.52
C GLU D 483 32.47 -9.73 1.99
N ALA D 484 33.19 -8.87 1.29
CA ALA D 484 33.28 -8.93 -0.17
C ALA D 484 33.89 -10.23 -0.68
N HIS D 485 34.64 -10.92 0.17
CA HIS D 485 35.14 -12.25 -0.16
C HIS D 485 34.04 -13.31 -0.08
N ASN D 486 32.91 -12.98 0.55
CA ASN D 486 31.84 -13.95 0.69
C ASN D 486 30.88 -13.88 -0.47
N TRP D 487 31.25 -14.44 -1.62
CA TRP D 487 30.34 -14.35 -2.75
C TRP D 487 30.14 -15.65 -3.52
N VAL D 488 29.01 -15.70 -4.22
CA VAL D 488 28.56 -16.86 -4.97
C VAL D 488 27.95 -16.36 -6.26
N ASN D 489 27.78 -17.24 -7.25
CA ASN D 489 27.02 -16.87 -8.41
C ASN D 489 25.54 -17.00 -8.08
N VAL D 490 24.74 -16.03 -8.53
CA VAL D 490 23.32 -16.02 -8.19
C VAL D 490 22.57 -17.08 -8.98
N LEU D 491 22.65 -16.97 -10.30
CA LEU D 491 22.34 -18.09 -11.17
C LEU D 491 23.64 -18.53 -11.84
N CYS D 492 23.64 -18.58 -13.17
CA CYS D 492 24.79 -19.12 -13.88
C CYS D 492 26.10 -18.34 -13.70
N MET D 493 26.04 -17.01 -13.64
CA MET D 493 27.23 -16.24 -13.99
C MET D 493 27.58 -15.03 -13.12
N SER D 494 26.58 -14.41 -12.48
CA SER D 494 26.80 -13.12 -11.82
C SER D 494 27.09 -13.29 -10.33
N PRO D 495 28.20 -12.71 -9.86
CA PRO D 495 28.54 -12.76 -8.43
C PRO D 495 27.52 -12.08 -7.51
N GLY D 496 27.35 -12.62 -6.31
CA GLY D 496 26.55 -11.96 -5.29
C GLY D 496 27.01 -12.39 -3.90
N ILE D 497 26.78 -11.53 -2.90
CA ILE D 497 27.12 -11.87 -1.52
C ILE D 497 26.29 -13.06 -1.04
N HIS D 498 26.91 -13.95 -0.28
CA HIS D 498 26.17 -14.93 0.52
C HIS D 498 26.37 -14.66 2.01
N GLY D 499 25.44 -15.12 2.84
CA GLY D 499 25.61 -15.03 4.28
C GLY D 499 24.28 -14.74 4.96
N ARG D 500 24.36 -14.16 6.15
CA ARG D 500 23.18 -13.99 7.01
C ARG D 500 22.43 -12.70 6.65
N ARG D 501 23.06 -11.89 5.81
CA ARG D 501 22.60 -10.52 5.53
C ARG D 501 23.13 -10.04 4.19
N LYS D 502 22.42 -9.08 3.59
CA LYS D 502 22.85 -8.39 2.37
C LYS D 502 22.83 -9.24 1.11
N THR D 503 22.15 -10.39 1.15
CA THR D 503 22.08 -11.23 -0.05
C THR D 503 21.00 -10.72 -1.00
N GLN D 504 21.14 -11.05 -2.28
CA GLN D 504 20.16 -10.67 -3.29
C GLN D 504 18.87 -11.46 -3.12
N LYS D 505 17.74 -10.76 -3.04
CA LYS D 505 16.49 -11.42 -2.67
C LYS D 505 15.58 -11.71 -3.87
N THR D 506 15.87 -11.09 -5.01
CA THR D 506 14.97 -11.15 -6.17
C THR D 506 15.72 -10.92 -7.48
N ARG D 507 15.21 -11.50 -8.56
CA ARG D 507 15.81 -11.29 -9.88
C ARG D 507 15.57 -9.88 -10.39
N SER D 508 14.63 -9.17 -9.76
CA SER D 508 14.38 -7.76 -10.09
C SER D 508 15.60 -6.87 -9.83
N GLU D 509 16.43 -7.27 -8.87
CA GLU D 509 17.70 -6.59 -8.61
C GLU D 509 18.68 -6.70 -9.77
N GLY D 510 18.72 -7.88 -10.38
CA GLY D 510 19.69 -8.18 -11.41
C GLY D 510 19.37 -9.52 -12.06
N GLY D 511 19.43 -9.56 -13.38
CA GLY D 511 19.06 -10.73 -14.14
C GLY D 511 18.12 -10.31 -15.26
N GLY D 512 17.82 -11.23 -16.17
CA GLY D 512 17.06 -10.84 -17.35
C GLY D 512 18.03 -10.53 -18.47
N SER D 513 17.59 -10.70 -19.71
CA SER D 513 18.53 -10.69 -20.83
C SER D 513 18.14 -9.70 -21.92
N ILE D 514 19.10 -9.41 -22.79
CA ILE D 514 18.89 -8.54 -23.93
C ILE D 514 19.69 -9.14 -25.09
N PHE D 515 19.20 -8.97 -26.31
CA PHE D 515 19.68 -9.78 -27.43
C PHE D 515 20.23 -8.95 -28.59
N PRO D 516 21.53 -8.62 -28.54
CA PRO D 516 22.21 -7.81 -29.57
C PRO D 516 22.00 -8.28 -31.01
N ALA D 517 21.94 -9.60 -31.25
CA ALA D 517 21.83 -10.09 -32.62
C ALA D 517 20.54 -9.60 -33.28
N LYS D 518 19.45 -9.61 -32.53
CA LYS D 518 18.15 -9.20 -33.06
C LYS D 518 18.15 -7.69 -33.22
N LEU D 519 18.73 -7.00 -32.24
CA LEU D 519 18.89 -5.54 -32.30
C LEU D 519 19.69 -5.13 -33.53
N LEU D 520 20.77 -5.86 -33.81
CA LEU D 520 21.53 -5.64 -35.03
C LEU D 520 20.67 -5.83 -36.28
N GLU D 521 19.97 -6.96 -36.38
CA GLU D 521 19.10 -7.21 -37.53
C GLU D 521 18.14 -6.06 -37.80
N ILE D 522 17.43 -5.59 -36.76
CA ILE D 522 16.45 -4.53 -36.98
C ILE D 522 17.10 -3.16 -37.17
N SER D 523 18.34 -3.00 -36.71
CA SER D 523 19.15 -1.81 -37.02
C SER D 523 19.27 -1.56 -38.52
N LEU D 524 19.30 -2.65 -39.29
CA LEU D 524 19.46 -2.59 -40.73
C LEU D 524 18.11 -2.53 -41.45
N ASN D 525 17.04 -2.34 -40.68
CA ASN D 525 15.70 -2.28 -41.26
C ASN D 525 14.83 -1.24 -40.57
N ASP D 526 15.46 -0.17 -40.07
CA ASP D 526 14.77 0.97 -39.47
C ASP D 526 13.90 0.53 -38.29
N GLY D 527 14.41 -0.44 -37.52
CA GLY D 527 13.73 -0.90 -36.32
C GLY D 527 12.62 -1.91 -36.59
N TYR D 528 12.45 -2.33 -37.84
CA TYR D 528 11.36 -3.22 -38.20
C TYR D 528 11.82 -4.67 -38.28
N ASP D 529 11.11 -5.55 -37.60
CA ASP D 529 11.43 -6.97 -37.62
C ASP D 529 10.59 -7.64 -38.71
N TRP D 530 11.18 -7.80 -39.90
CA TRP D 530 10.46 -8.38 -41.03
C TRP D 530 10.49 -9.91 -40.96
N SER D 531 11.47 -10.46 -40.25
CA SER D 531 11.80 -11.88 -40.37
C SER D 531 11.08 -12.78 -39.38
N TYR D 532 10.82 -12.28 -38.17
CA TYR D 532 10.12 -13.09 -37.19
C TYR D 532 8.68 -12.63 -37.00
N ALA D 533 8.50 -11.44 -36.44
CA ALA D 533 7.16 -11.00 -36.02
C ALA D 533 6.41 -10.15 -37.05
N ASP D 534 7.10 -9.66 -38.08
CA ASP D 534 6.53 -8.76 -39.08
C ASP D 534 5.89 -7.55 -38.42
N MET D 535 6.68 -6.78 -37.68
CA MET D 535 6.18 -5.59 -37.00
C MET D 535 7.35 -4.75 -36.50
N GLN D 536 7.04 -3.52 -36.11
CA GLN D 536 8.04 -2.61 -35.57
C GLN D 536 8.47 -3.14 -34.20
N LEU D 537 9.77 -3.35 -34.04
CA LEU D 537 10.31 -4.01 -32.85
C LEU D 537 11.13 -3.03 -32.02
N GLY D 538 11.65 -2.00 -32.68
CA GLY D 538 12.44 -1.00 -32.00
C GLY D 538 12.09 0.39 -32.51
N PRO D 539 12.86 1.40 -32.10
CA PRO D 539 12.68 2.76 -32.62
C PRO D 539 13.05 2.85 -34.09
N LYS D 540 12.48 3.82 -34.81
CA LYS D 540 12.84 4.03 -36.21
C LYS D 540 14.15 4.80 -36.27
N THR D 541 15.25 4.07 -36.27
CA THR D 541 16.59 4.66 -36.13
C THR D 541 17.21 5.05 -37.47
N GLY D 542 16.50 4.80 -38.56
CA GLY D 542 16.95 5.27 -39.86
C GLY D 542 16.86 4.17 -40.90
N ASP D 543 16.35 4.51 -42.09
CA ASP D 543 16.28 3.53 -43.15
C ASP D 543 17.67 3.28 -43.73
N LEU D 544 17.78 2.27 -44.58
CA LEU D 544 19.05 1.88 -45.18
C LEU D 544 19.83 3.00 -45.84
N SER D 545 19.14 3.87 -46.57
CA SER D 545 19.84 4.93 -47.29
C SER D 545 20.47 5.95 -46.35
N SER D 546 19.91 6.07 -45.14
CA SER D 546 20.43 7.03 -44.16
C SER D 546 21.71 6.53 -43.50
N LEU D 547 22.01 5.25 -43.69
CA LEU D 547 23.19 4.64 -43.08
C LEU D 547 24.35 4.74 -44.06
N LYS D 548 24.96 5.91 -44.11
CA LYS D 548 25.87 6.24 -45.20
C LYS D 548 27.31 5.93 -44.83
N SER D 549 27.54 5.68 -43.54
CA SER D 549 28.86 5.28 -43.07
C SER D 549 28.74 4.19 -42.01
N PHE D 550 29.86 3.56 -41.66
CA PHE D 550 29.89 2.56 -40.61
C PHE D 550 29.49 3.15 -39.27
N GLU D 551 29.90 4.40 -39.05
CA GLU D 551 29.51 5.14 -37.86
C GLU D 551 27.99 5.28 -37.76
N ASP D 552 27.31 5.45 -38.88
CA ASP D 552 25.86 5.51 -38.89
C ASP D 552 25.23 4.18 -38.46
N VAL D 553 25.80 3.07 -38.94
CA VAL D 553 25.36 1.74 -38.54
C VAL D 553 25.59 1.51 -37.04
N TRP D 554 26.77 1.93 -36.58
CA TRP D 554 27.14 1.85 -35.17
C TRP D 554 26.16 2.60 -34.27
N GLU D 555 25.79 3.81 -34.68
CA GLU D 555 24.87 4.64 -33.92
C GLU D 555 23.44 4.12 -33.90
N ALA D 556 23.00 3.56 -35.02
CA ALA D 556 21.69 2.94 -35.09
C ALA D 556 21.58 1.80 -34.08
N PHE D 557 22.61 0.97 -33.99
CA PHE D 557 22.58 -0.11 -33.01
C PHE D 557 22.53 0.47 -31.61
N ARG D 558 23.39 1.46 -31.35
CA ARG D 558 23.43 2.13 -30.05
C ARG D 558 22.03 2.56 -29.60
N LYS D 559 21.29 3.20 -30.50
CA LYS D 559 19.96 3.69 -30.16
C LYS D 559 19.00 2.52 -29.93
N GLN D 560 19.12 1.48 -30.75
CA GLN D 560 18.32 0.26 -30.57
C GLN D 560 18.60 -0.34 -29.20
N TYR D 561 19.88 -0.34 -28.83
CA TYR D 561 20.34 -0.94 -27.60
C TYR D 561 19.89 -0.12 -26.39
N GLN D 562 19.98 1.20 -26.53
CA GLN D 562 19.56 2.10 -25.45
C GLN D 562 18.07 1.97 -25.19
N TYR D 563 17.27 1.95 -26.26
CA TYR D 563 15.82 1.78 -26.14
C TYR D 563 15.49 0.48 -25.44
N ALA D 564 16.16 -0.58 -25.85
CA ALA D 564 15.86 -1.90 -25.31
C ALA D 564 16.27 -2.04 -23.85
N ILE D 565 17.50 -1.63 -23.52
CA ILE D 565 18.02 -1.81 -22.19
C ILE D 565 17.29 -0.97 -21.14
N ASN D 566 16.79 0.19 -21.55
CA ASN D 566 16.02 1.04 -20.64
C ASN D 566 14.76 0.32 -20.18
N LEU D 567 14.09 -0.32 -21.13
CA LEU D 567 12.90 -1.11 -20.83
C LEU D 567 13.24 -2.31 -19.95
N CYS D 568 14.35 -2.95 -20.26
CA CYS D 568 14.83 -4.12 -19.52
C CYS D 568 15.00 -3.83 -18.03
N ILE D 569 15.59 -2.69 -17.70
CA ILE D 569 15.83 -2.37 -16.31
C ILE D 569 14.59 -1.75 -15.66
N SER D 570 13.88 -0.91 -16.39
CA SER D 570 12.74 -0.20 -15.79
C SER D 570 11.61 -1.18 -15.43
N THR D 571 11.44 -2.21 -16.25
CA THR D 571 10.43 -3.24 -15.97
C THR D 571 10.78 -4.06 -14.75
N LYS D 572 12.07 -4.26 -14.52
CA LYS D 572 12.54 -4.90 -13.30
C LYS D 572 12.32 -4.06 -12.05
N ASP D 573 12.59 -2.76 -12.15
CA ASP D 573 12.42 -1.87 -11.01
C ASP D 573 10.95 -1.63 -10.67
N VAL D 574 10.08 -1.67 -11.67
CA VAL D 574 8.66 -1.50 -11.41
C VAL D 574 8.19 -2.77 -10.71
N SER D 575 8.71 -3.92 -11.15
CA SER D 575 8.37 -5.19 -10.53
C SER D 575 8.77 -5.16 -9.05
N ARG D 576 9.96 -4.65 -8.80
CA ARG D 576 10.50 -4.50 -7.44
C ARG D 576 9.56 -3.68 -6.56
N TYR D 577 9.07 -2.59 -7.12
CA TYR D 577 8.14 -1.70 -6.44
C TYR D 577 6.91 -2.43 -5.92
N PHE D 578 6.32 -3.26 -6.77
CA PHE D 578 5.12 -4.01 -6.39
C PHE D 578 5.40 -5.31 -5.63
N GLU D 579 6.53 -5.96 -5.88
CA GLU D 579 6.88 -7.16 -5.13
C GLU D 579 6.90 -6.90 -3.63
N GLN D 580 7.54 -5.80 -3.21
CA GLN D 580 7.68 -5.53 -1.79
C GLN D 580 6.36 -5.06 -1.19
N ARG D 581 5.41 -4.68 -2.04
CA ARG D 581 4.12 -4.19 -1.59
C ARG D 581 3.01 -5.23 -1.57
N PHE D 582 3.11 -6.24 -2.43
CA PHE D 582 2.04 -7.23 -2.57
C PHE D 582 2.55 -8.68 -2.64
N LEU D 583 3.85 -8.85 -2.84
CA LEU D 583 4.47 -10.17 -2.87
C LEU D 583 5.50 -10.33 -1.77
N GLN D 584 5.18 -9.82 -0.58
CA GLN D 584 6.11 -9.89 0.53
C GLN D 584 6.59 -11.33 0.72
N MET D 585 7.83 -11.48 1.16
CA MET D 585 8.37 -12.79 1.49
C MET D 585 8.78 -12.81 2.96
N PRO D 586 7.80 -12.95 3.86
CA PRO D 586 8.09 -12.87 5.30
C PRO D 586 9.03 -13.95 5.83
N PHE D 587 9.04 -15.15 5.25
CA PHE D 587 10.02 -16.14 5.68
C PHE D 587 11.45 -15.71 5.36
N VAL D 588 11.68 -15.30 4.11
CA VAL D 588 13.00 -14.84 3.70
C VAL D 588 13.41 -13.62 4.52
N SER D 589 12.44 -12.75 4.79
CA SER D 589 12.68 -11.58 5.61
C SER D 589 13.13 -12.00 7.01
N ALA D 590 12.48 -13.03 7.54
CA ALA D 590 12.75 -13.45 8.91
C ALA D 590 14.16 -13.99 9.10
N ILE D 591 14.73 -14.54 8.04
CA ILE D 591 16.08 -15.12 8.14
C ILE D 591 17.16 -14.20 7.58
N ASP D 592 16.80 -12.98 7.20
CA ASP D 592 17.79 -11.97 6.87
C ASP D 592 17.97 -11.09 8.10
N ASP D 593 19.21 -10.97 8.58
CA ASP D 593 19.49 -10.20 9.79
C ASP D 593 19.09 -8.75 9.63
N GLY D 594 19.24 -8.22 8.42
CA GLY D 594 18.95 -6.82 8.20
C GLY D 594 17.46 -6.57 8.20
N CYS D 595 16.73 -7.42 7.49
CA CYS D 595 15.26 -7.36 7.46
C CYS D 595 14.68 -7.48 8.86
N MET D 596 15.15 -8.47 9.62
CA MET D 596 14.69 -8.67 10.99
C MET D 596 14.94 -7.45 11.85
N GLU D 597 16.15 -6.90 11.76
CA GLU D 597 16.56 -5.76 12.57
C GLU D 597 15.75 -4.51 12.27
N LEU D 598 15.50 -4.30 10.98
CA LEU D 598 14.85 -3.08 10.52
C LEU D 598 13.35 -3.20 10.32
N GLY D 599 12.80 -4.40 10.52
CA GLY D 599 11.38 -4.62 10.33
C GLY D 599 10.95 -4.35 8.90
N MET D 600 11.77 -4.80 7.95
CA MET D 600 11.51 -4.57 6.53
C MET D 600 11.34 -5.86 5.73
N ASP D 601 10.56 -5.79 4.65
CA ASP D 601 10.40 -6.94 3.77
C ASP D 601 11.67 -7.19 2.96
N ALA D 602 11.93 -8.46 2.64
CA ALA D 602 13.09 -8.86 1.84
C ALA D 602 13.25 -8.13 0.50
N CYS D 603 12.14 -7.76 -0.15
CA CYS D 603 12.25 -7.04 -1.42
C CYS D 603 12.38 -5.52 -1.25
N ALA D 604 12.04 -5.01 -0.07
CA ALA D 604 12.09 -3.58 0.15
C ALA D 604 13.52 -3.18 0.50
N LEU D 605 14.09 -3.89 1.48
CA LEU D 605 15.44 -3.59 1.94
C LEU D 605 16.47 -4.09 0.94
N SER D 606 17.39 -3.21 0.54
CA SER D 606 18.45 -3.59 -0.38
C SER D 606 19.77 -2.96 0.06
N GLU D 607 20.54 -3.71 0.85
CA GLU D 607 21.76 -3.18 1.44
C GLU D 607 22.99 -3.31 0.53
N GLN D 608 23.00 -4.33 -0.32
CA GLN D 608 24.10 -4.51 -1.26
C GLN D 608 23.58 -4.47 -2.69
N PRO D 609 23.85 -3.38 -3.42
CA PRO D 609 23.44 -3.29 -4.82
C PRO D 609 24.12 -4.36 -5.66
N ASN D 610 23.47 -4.82 -6.72
CA ASN D 610 24.06 -5.86 -7.55
C ASN D 610 23.44 -5.86 -8.95
N GLY D 611 23.20 -4.66 -9.49
CA GLY D 611 22.48 -4.53 -10.75
C GLY D 611 23.23 -5.13 -11.92
N TRP D 612 22.54 -5.96 -12.70
CA TRP D 612 23.08 -6.46 -13.96
C TRP D 612 21.99 -6.87 -14.95
N HIS D 613 22.35 -6.93 -16.23
CA HIS D 613 21.47 -7.51 -17.24
C HIS D 613 22.32 -8.36 -18.18
N ASN D 614 21.71 -9.34 -18.85
CA ASN D 614 22.47 -10.32 -19.62
C ASN D 614 22.46 -10.09 -21.12
N PRO D 615 23.60 -9.64 -21.67
CA PRO D 615 23.67 -9.66 -23.13
C PRO D 615 23.83 -11.09 -23.63
N ILE D 616 22.92 -11.53 -24.49
CA ILE D 616 22.98 -12.85 -25.09
C ILE D 616 22.86 -12.73 -26.60
N THR D 617 23.68 -13.48 -27.34
CA THR D 617 23.82 -13.40 -28.81
C THR D 617 24.68 -12.19 -29.19
N THR D 618 25.54 -11.77 -28.27
CA THR D 618 26.44 -10.63 -28.50
C THR D 618 27.40 -10.81 -29.66
N ILE D 619 28.05 -11.97 -29.74
CA ILE D 619 29.12 -12.19 -30.71
C ILE D 619 28.60 -12.29 -32.15
N VAL D 620 27.38 -12.79 -32.33
CA VAL D 620 26.74 -12.69 -33.63
C VAL D 620 26.65 -11.24 -34.09
N ALA D 621 26.15 -10.37 -33.21
CA ALA D 621 26.09 -8.95 -33.50
C ALA D 621 27.48 -8.39 -33.82
N ALA D 622 28.46 -8.75 -32.99
CA ALA D 622 29.81 -8.25 -33.12
C ALA D 622 30.49 -8.69 -34.41
N ASN D 623 30.38 -9.97 -34.75
CA ASN D 623 30.93 -10.48 -36.00
C ASN D 623 30.23 -9.85 -37.20
N SER D 624 28.94 -9.58 -37.04
CA SER D 624 28.16 -8.96 -38.10
C SER D 624 28.68 -7.56 -38.38
N LEU D 625 28.96 -6.81 -37.33
CA LEU D 625 29.46 -5.44 -37.47
C LEU D 625 30.84 -5.42 -38.11
N VAL D 626 31.70 -6.34 -37.70
CA VAL D 626 33.04 -6.46 -38.28
C VAL D 626 32.98 -6.69 -39.78
N ALA D 627 32.06 -7.56 -40.19
CA ALA D 627 31.96 -7.94 -41.60
C ALA D 627 31.38 -6.79 -42.43
N ILE D 628 30.42 -6.09 -41.84
CA ILE D 628 29.83 -4.91 -42.49
C ILE D 628 30.90 -3.87 -42.76
N LYS D 629 31.75 -3.60 -41.76
CA LYS D 629 32.79 -2.59 -41.90
C LYS D 629 33.76 -2.92 -43.02
N LYS D 630 34.25 -4.16 -43.01
CA LYS D 630 35.27 -4.59 -43.96
C LYS D 630 34.78 -4.65 -45.40
N LEU D 631 33.61 -5.25 -45.61
CA LEU D 631 33.13 -5.53 -46.95
C LEU D 631 32.23 -4.45 -47.56
N VAL D 632 31.45 -3.77 -46.74
CA VAL D 632 30.56 -2.73 -47.26
C VAL D 632 31.23 -1.35 -47.28
N PHE D 633 31.97 -1.00 -46.23
CA PHE D 633 32.44 0.37 -46.11
C PHE D 633 33.93 0.55 -46.37
N GLU D 634 34.74 -0.42 -45.96
CA GLU D 634 36.18 -0.30 -46.18
C GLU D 634 36.55 -0.68 -47.61
N GLU D 635 36.17 -1.90 -48.01
CA GLU D 635 36.46 -2.40 -49.34
C GLU D 635 35.40 -2.05 -50.39
N LYS D 636 34.21 -1.67 -49.92
CA LYS D 636 33.10 -1.29 -50.79
C LYS D 636 32.82 -2.38 -51.84
N LYS D 637 32.98 -3.64 -51.46
CA LYS D 637 32.68 -4.75 -52.34
C LYS D 637 31.17 -4.92 -52.53
N TYR D 638 30.40 -4.64 -51.48
CA TYR D 638 28.95 -4.67 -51.58
C TYR D 638 28.35 -3.40 -50.99
N THR D 639 27.24 -2.92 -51.57
CA THR D 639 26.48 -1.83 -50.96
C THR D 639 25.55 -2.39 -49.90
N LEU D 640 25.00 -1.51 -49.05
CA LEU D 640 24.12 -1.97 -47.98
C LEU D 640 22.82 -2.51 -48.57
N GLU D 641 22.41 -1.93 -49.70
CA GLU D 641 21.22 -2.37 -50.42
C GLU D 641 21.42 -3.77 -50.97
N GLN D 642 22.67 -4.07 -51.36
CA GLN D 642 23.01 -5.39 -51.87
C GLN D 642 22.98 -6.42 -50.75
N LEU D 643 23.62 -6.09 -49.63
CA LEU D 643 23.53 -6.89 -48.42
C LEU D 643 22.08 -7.12 -47.98
N SER D 644 21.32 -6.05 -47.88
CA SER D 644 19.95 -6.14 -47.39
C SER D 644 19.06 -6.97 -48.30
N GLN D 645 19.30 -6.85 -49.61
CA GLN D 645 18.58 -7.68 -50.58
C GLN D 645 18.95 -9.15 -50.38
N ALA D 646 20.24 -9.40 -50.20
CA ALA D 646 20.73 -10.75 -49.92
C ALA D 646 20.10 -11.30 -48.65
N LEU D 647 20.07 -10.49 -47.59
CA LEU D 647 19.52 -10.95 -46.31
C LEU D 647 18.04 -11.28 -46.47
N LYS D 648 17.30 -10.42 -47.15
CA LYS D 648 15.87 -10.62 -47.28
C LYS D 648 15.56 -11.86 -48.12
N ALA D 649 16.55 -12.30 -48.88
CA ALA D 649 16.45 -13.52 -49.66
C ALA D 649 16.90 -14.78 -48.91
N ASN D 650 17.25 -14.63 -47.63
CA ASN D 650 17.92 -15.70 -46.87
C ASN D 650 19.15 -16.22 -47.63
N TRP D 651 19.84 -15.29 -48.30
CA TRP D 651 21.07 -15.55 -49.06
C TRP D 651 20.84 -16.41 -50.30
N GLU D 652 19.60 -16.77 -50.58
CA GLU D 652 19.32 -17.64 -51.71
C GLU D 652 19.61 -16.91 -53.02
N GLY D 653 20.58 -17.40 -53.77
CA GLY D 653 20.97 -16.77 -55.01
C GLY D 653 22.20 -15.92 -54.76
N PHE D 654 22.62 -15.86 -53.51
CA PHE D 654 23.67 -14.95 -53.09
C PHE D 654 24.71 -15.67 -52.24
N GLU D 655 25.01 -16.92 -52.62
CA GLU D 655 25.89 -17.76 -51.81
C GLU D 655 27.33 -17.24 -51.79
N GLU D 656 27.79 -16.72 -52.92
CA GLU D 656 29.12 -16.10 -52.97
C GLU D 656 29.25 -14.91 -52.03
N MET D 657 28.20 -14.10 -51.94
CA MET D 657 28.19 -13.01 -50.97
C MET D 657 28.25 -13.54 -49.54
N ARG D 658 27.39 -14.50 -49.22
CA ARG D 658 27.36 -15.11 -47.89
C ARG D 658 28.73 -15.61 -47.42
N VAL D 659 29.41 -16.34 -48.30
CA VAL D 659 30.72 -16.91 -48.01
C VAL D 659 31.76 -15.81 -47.75
N ASP D 660 31.65 -14.70 -48.47
CA ASP D 660 32.51 -13.55 -48.23
C ASP D 660 32.34 -13.01 -46.80
N PHE D 661 31.09 -12.76 -46.42
CA PHE D 661 30.78 -12.28 -45.08
C PHE D 661 31.15 -13.29 -44.00
N LYS D 662 30.92 -14.58 -44.28
CA LYS D 662 31.30 -15.65 -43.39
C LYS D 662 32.81 -15.66 -43.11
N ARG D 663 33.61 -15.42 -44.15
CA ARG D 663 35.07 -15.52 -44.02
C ARG D 663 35.71 -14.22 -43.55
N ALA D 664 34.91 -13.16 -43.41
CA ALA D 664 35.39 -11.91 -42.83
C ALA D 664 35.96 -12.22 -41.43
N PRO D 665 36.86 -11.35 -40.91
CA PRO D 665 37.50 -11.64 -39.63
C PRO D 665 36.49 -11.91 -38.50
N LYS D 666 36.82 -12.87 -37.64
CA LYS D 666 35.89 -13.34 -36.60
C LYS D 666 36.52 -13.26 -35.20
N TRP D 667 35.68 -12.99 -34.21
CA TRP D 667 36.08 -13.08 -32.80
C TRP D 667 36.75 -14.42 -32.49
N GLY D 668 37.79 -14.38 -31.66
CA GLY D 668 38.38 -15.59 -31.12
C GLY D 668 39.60 -16.08 -31.88
N ASN D 669 40.10 -15.28 -32.82
CA ASN D 669 41.28 -15.66 -33.58
C ASN D 669 42.53 -14.81 -33.29
N ASP D 670 42.48 -14.05 -32.20
CA ASP D 670 43.48 -13.03 -31.89
C ASP D 670 43.80 -12.17 -33.11
N ASP D 671 42.75 -11.84 -33.87
CA ASP D 671 42.91 -11.05 -35.08
C ASP D 671 42.64 -9.58 -34.74
N ASP D 672 43.63 -8.73 -35.00
CA ASP D 672 43.51 -7.30 -34.71
C ASP D 672 42.28 -6.61 -35.29
N TYR D 673 41.94 -6.89 -36.55
CA TYR D 673 40.87 -6.16 -37.21
C TYR D 673 39.54 -6.43 -36.50
N ALA D 674 39.23 -7.71 -36.32
CA ALA D 674 37.99 -8.11 -35.63
C ALA D 674 38.01 -7.62 -34.19
N ASP D 675 39.10 -7.88 -33.48
CA ASP D 675 39.13 -7.71 -32.03
C ASP D 675 39.12 -6.24 -31.62
N GLY D 676 39.67 -5.37 -32.48
CA GLY D 676 39.70 -3.95 -32.19
C GLY D 676 38.29 -3.38 -32.19
N ILE D 677 37.49 -3.84 -33.15
CA ILE D 677 36.12 -3.38 -33.30
C ILE D 677 35.25 -3.95 -32.19
N ILE D 678 35.43 -5.25 -31.93
CA ILE D 678 34.59 -5.98 -31.00
C ILE D 678 34.88 -5.59 -29.55
N THR D 679 36.15 -5.33 -29.24
CA THR D 679 36.52 -4.84 -27.92
C THR D 679 35.80 -3.53 -27.60
N ARG D 680 35.81 -2.61 -28.56
CA ARG D 680 35.09 -1.35 -28.42
C ARG D 680 33.60 -1.62 -28.22
N PHE D 681 33.08 -2.61 -28.94
CA PHE D 681 31.67 -2.97 -28.90
C PHE D 681 31.25 -3.40 -27.50
N TYR D 682 32.04 -4.28 -26.89
CA TYR D 682 31.79 -4.71 -25.50
C TYR D 682 31.88 -3.55 -24.50
N GLU D 683 32.94 -2.76 -24.62
CA GLU D 683 33.29 -1.78 -23.60
C GLU D 683 32.49 -0.49 -23.72
N GLU D 684 32.30 -0.03 -24.95
CA GLU D 684 31.64 1.26 -25.18
C GLU D 684 30.13 1.13 -25.25
N ILE D 685 29.63 0.10 -25.94
CA ILE D 685 28.18 -0.04 -26.10
C ILE D 685 27.55 -1.01 -25.12
N ILE D 686 27.94 -2.29 -25.18
CA ILE D 686 27.28 -3.31 -24.39
C ILE D 686 27.35 -2.97 -22.91
N GLY D 687 28.55 -2.64 -22.45
CA GLY D 687 28.79 -2.24 -21.08
C GLY D 687 28.62 -0.75 -20.82
N GLY D 688 29.23 0.05 -21.69
CA GLY D 688 29.26 1.50 -21.51
C GLY D 688 27.90 2.14 -21.40
N GLU D 689 26.99 1.75 -22.29
CA GLU D 689 25.64 2.33 -22.29
C GLU D 689 24.80 1.81 -21.13
N MET D 690 24.95 0.52 -20.83
CA MET D 690 24.11 -0.11 -19.81
C MET D 690 24.44 0.53 -18.47
N ARG D 691 25.73 0.79 -18.27
CA ARG D 691 26.26 1.28 -16.99
C ARG D 691 25.75 2.68 -16.65
N LYS D 692 25.21 3.37 -17.66
CA LYS D 692 24.57 4.67 -17.45
C LYS D 692 23.28 4.56 -16.65
N ILE D 693 22.70 3.36 -16.60
CA ILE D 693 21.45 3.16 -15.88
C ILE D 693 21.70 2.83 -14.42
N THR D 694 20.91 3.41 -13.53
CA THR D 694 20.95 3.10 -12.11
C THR D 694 19.67 2.36 -11.72
N ASN D 695 19.80 1.28 -10.97
CA ASN D 695 18.60 0.53 -10.59
C ASN D 695 18.03 0.92 -9.23
N TYR D 696 17.01 0.17 -8.79
CA TYR D 696 16.31 0.41 -7.52
C TYR D 696 17.26 0.58 -6.34
N SER D 697 18.37 -0.15 -6.37
CA SER D 697 19.28 -0.23 -5.24
C SER D 697 20.30 0.91 -5.24
N GLY D 698 20.26 1.73 -6.28
CA GLY D 698 21.12 2.90 -6.35
C GLY D 698 22.52 2.65 -6.88
N GLY D 699 22.75 1.45 -7.40
CA GLY D 699 24.01 1.14 -8.04
C GLY D 699 23.86 1.08 -9.54
N PRO D 700 24.98 0.96 -10.26
CA PRO D 700 24.95 0.82 -11.72
C PRO D 700 24.41 -0.52 -12.20
N VAL D 701 24.07 -0.60 -13.49
CA VAL D 701 23.71 -1.87 -14.10
C VAL D 701 24.80 -2.22 -15.11
N MET D 702 25.44 -3.36 -14.94
CA MET D 702 26.49 -3.76 -15.86
C MET D 702 26.21 -5.12 -16.49
N PRO D 703 26.84 -5.41 -17.63
CA PRO D 703 26.39 -6.61 -18.35
C PRO D 703 27.02 -7.89 -17.82
N THR D 704 26.22 -8.95 -17.75
CA THR D 704 26.77 -10.29 -17.53
C THR D 704 26.56 -11.15 -18.77
N GLY D 705 27.56 -11.21 -19.65
CA GLY D 705 27.39 -11.94 -20.90
C GLY D 705 27.23 -13.43 -20.64
N GLN D 706 26.19 -14.03 -21.21
CA GLN D 706 26.01 -15.48 -21.14
C GLN D 706 25.07 -15.90 -22.26
N ALA D 707 24.34 -17.01 -22.08
CA ALA D 707 23.56 -17.55 -23.18
C ALA D 707 22.48 -18.56 -22.81
N VAL D 708 22.68 -19.32 -21.72
CA VAL D 708 21.90 -20.53 -21.44
C VAL D 708 21.37 -21.18 -22.71
N GLY D 709 20.06 -21.39 -22.83
CA GLY D 709 19.51 -21.93 -24.06
C GLY D 709 18.88 -20.86 -24.93
N LEU D 710 18.97 -19.61 -24.50
CA LEU D 710 18.41 -18.52 -25.27
C LEU D 710 19.13 -18.31 -26.61
N TYR D 711 20.40 -18.71 -26.69
CA TYR D 711 21.16 -18.55 -27.93
C TYR D 711 20.54 -19.44 -29.01
N MET D 712 19.86 -20.50 -28.57
CA MET D 712 19.10 -21.35 -29.48
C MET D 712 17.76 -20.73 -29.84
N GLU D 713 17.00 -20.30 -28.84
CA GLU D 713 15.64 -19.80 -29.08
C GLU D 713 15.63 -18.47 -29.83
N VAL D 714 16.51 -17.56 -29.43
CA VAL D 714 16.60 -16.26 -30.09
C VAL D 714 17.13 -16.44 -31.51
N GLY D 715 18.06 -17.38 -31.66
CA GLY D 715 18.58 -17.71 -32.98
C GLY D 715 17.45 -18.05 -33.93
N SER D 716 16.54 -18.89 -33.45
CA SER D 716 15.39 -19.32 -34.23
C SER D 716 14.40 -18.20 -34.52
N ARG D 717 14.54 -17.09 -33.81
CA ARG D 717 13.66 -15.95 -34.00
C ARG D 717 14.36 -14.80 -34.70
N THR D 718 15.62 -15.03 -35.08
CA THR D 718 16.42 -14.01 -35.73
C THR D 718 16.67 -14.38 -37.19
N GLY D 719 16.51 -13.40 -38.08
CA GLY D 719 16.71 -13.63 -39.50
C GLY D 719 18.19 -13.80 -39.81
N PRO D 720 18.53 -13.94 -41.09
CA PRO D 720 19.93 -14.03 -41.51
C PRO D 720 20.69 -12.76 -41.13
N THR D 721 21.98 -12.90 -40.82
CA THR D 721 22.79 -11.77 -40.35
C THR D 721 24.12 -11.72 -41.09
N PRO D 722 24.75 -10.53 -41.15
CA PRO D 722 26.00 -10.37 -41.92
C PRO D 722 27.21 -11.16 -41.43
N ASP D 723 27.08 -11.95 -40.37
CA ASP D 723 28.16 -12.86 -39.99
C ASP D 723 28.11 -14.15 -40.81
N GLY D 724 27.07 -14.32 -41.62
CA GLY D 724 26.95 -15.50 -42.46
C GLY D 724 25.85 -16.47 -42.09
N ARG D 725 25.20 -16.26 -40.96
CA ARG D 725 24.03 -17.06 -40.59
C ARG D 725 22.91 -17.05 -41.63
N PHE D 726 22.29 -18.21 -41.85
CA PHE D 726 20.96 -18.26 -42.44
C PHE D 726 19.93 -17.94 -41.37
N GLY D 727 18.72 -17.55 -41.79
CA GLY D 727 17.65 -17.29 -40.86
C GLY D 727 17.37 -18.49 -39.97
N GLY D 728 17.18 -18.26 -38.68
CA GLY D 728 16.82 -19.33 -37.77
C GLY D 728 17.95 -20.22 -37.27
N GLU D 729 19.19 -19.93 -37.64
CA GLU D 729 20.31 -20.70 -37.13
C GLU D 729 20.72 -20.19 -35.74
N ALA D 730 21.40 -21.04 -34.97
CA ALA D 730 21.78 -20.69 -33.61
C ALA D 730 22.72 -19.49 -33.56
N ALA D 731 22.64 -18.74 -32.47
CA ALA D 731 23.60 -17.69 -32.17
C ALA D 731 24.84 -18.24 -31.49
N ASP D 732 25.74 -17.35 -31.09
CA ASP D 732 26.93 -17.76 -30.34
C ASP D 732 26.52 -18.32 -28.99
N ASP D 733 27.32 -19.23 -28.47
CA ASP D 733 26.92 -20.04 -27.33
C ASP D 733 27.22 -19.44 -25.96
N GLY D 734 27.86 -18.28 -25.94
CA GLY D 734 28.30 -17.71 -24.68
C GLY D 734 28.11 -16.21 -24.60
N GLY D 735 28.76 -15.61 -23.60
CA GLY D 735 28.83 -14.16 -23.49
C GLY D 735 29.97 -13.60 -24.33
N ILE D 736 30.98 -14.42 -24.56
CA ILE D 736 32.22 -13.97 -25.19
C ILE D 736 32.94 -15.13 -25.88
N SER D 737 32.21 -16.21 -26.12
CA SER D 737 32.74 -17.32 -26.90
C SER D 737 32.82 -16.96 -28.38
N PRO D 738 33.84 -17.47 -29.08
CA PRO D 738 33.82 -17.43 -30.54
C PRO D 738 32.56 -18.12 -31.06
N TYR D 739 32.01 -17.64 -32.17
CA TYR D 739 30.88 -18.32 -32.77
C TYR D 739 31.36 -19.69 -33.20
N MET D 740 30.51 -20.69 -32.99
CA MET D 740 30.87 -22.08 -33.24
C MET D 740 31.49 -22.27 -34.63
N GLY D 741 32.65 -22.91 -34.66
CA GLY D 741 33.33 -23.19 -35.91
C GLY D 741 34.02 -22.01 -36.59
N THR D 742 34.24 -20.92 -35.87
CA THR D 742 34.88 -19.76 -36.49
C THR D 742 36.24 -19.44 -35.87
N ASP D 743 36.58 -20.12 -34.78
CA ASP D 743 37.89 -19.98 -34.16
C ASP D 743 38.87 -20.97 -34.80
N LYS D 744 39.75 -20.47 -35.65
CA LYS D 744 40.63 -21.33 -36.45
C LYS D 744 42.09 -21.29 -36.02
N LYS D 745 42.37 -20.61 -34.90
CA LYS D 745 43.75 -20.40 -34.48
C LYS D 745 44.10 -21.09 -33.17
N GLY D 746 43.26 -22.00 -32.71
CA GLY D 746 43.58 -22.74 -31.50
C GLY D 746 43.13 -22.07 -30.22
N PRO D 747 43.27 -22.80 -29.10
CA PRO D 747 42.75 -22.43 -27.78
C PRO D 747 43.41 -21.19 -27.16
N THR D 748 44.71 -20.98 -27.38
CA THR D 748 45.34 -19.83 -26.74
C THR D 748 45.10 -18.54 -27.53
N ALA D 749 44.86 -18.66 -28.82
CA ALA D 749 44.38 -17.52 -29.61
C ALA D 749 43.06 -17.01 -29.05
N VAL D 750 42.19 -17.95 -28.67
CA VAL D 750 40.91 -17.60 -28.08
C VAL D 750 41.09 -16.81 -26.78
N LEU D 751 41.97 -17.29 -25.91
CA LEU D 751 42.25 -16.61 -24.64
C LEU D 751 42.72 -15.18 -24.88
N ARG D 752 43.55 -15.01 -25.91
CA ARG D 752 44.13 -13.71 -26.22
C ARG D 752 43.06 -12.72 -26.68
N SER D 753 42.17 -13.16 -27.56
CA SER D 753 41.00 -12.35 -27.92
C SER D 753 40.21 -11.95 -26.68
N VAL D 754 39.82 -12.94 -25.90
CA VAL D 754 38.87 -12.75 -24.80
C VAL D 754 39.45 -11.78 -23.76
N SER D 755 40.75 -11.93 -23.50
CA SER D 755 41.43 -11.09 -22.52
C SER D 755 41.40 -9.60 -22.84
N LYS D 756 41.04 -9.25 -24.06
CA LYS D 756 41.07 -7.85 -24.47
C LYS D 756 39.90 -7.05 -23.89
N VAL D 757 38.81 -7.74 -23.55
CA VAL D 757 37.64 -7.09 -22.98
C VAL D 757 37.83 -6.93 -21.48
N GLN D 758 38.08 -5.70 -21.02
CA GLN D 758 38.39 -5.48 -19.62
C GLN D 758 37.54 -4.43 -18.90
N LYS D 759 36.83 -3.60 -19.65
CA LYS D 759 36.11 -2.50 -19.00
C LYS D 759 34.59 -2.67 -19.08
N ASN D 760 33.90 -2.25 -18.03
CA ASN D 760 32.46 -2.07 -18.02
C ASN D 760 31.67 -3.38 -18.05
N GLN D 761 32.31 -4.48 -17.66
CA GLN D 761 31.63 -5.77 -17.60
C GLN D 761 31.39 -6.20 -16.15
N LYS D 762 30.32 -6.95 -15.92
CA LYS D 762 30.13 -7.62 -14.64
C LYS D 762 30.65 -9.05 -14.73
N GLY D 763 30.49 -9.65 -15.90
CA GLY D 763 31.03 -10.96 -16.16
C GLY D 763 30.79 -11.35 -17.61
N ASN D 764 31.43 -12.42 -18.04
CA ASN D 764 31.23 -12.93 -19.39
C ASN D 764 31.51 -14.42 -19.48
N LEU D 765 30.55 -15.16 -20.02
CA LEU D 765 30.62 -16.61 -20.05
C LEU D 765 31.47 -17.04 -21.24
N LEU D 766 32.53 -17.80 -20.99
CA LEU D 766 33.31 -18.39 -22.05
C LEU D 766 33.17 -19.90 -22.09
N ASN D 767 32.61 -20.43 -23.18
CA ASN D 767 32.62 -21.87 -23.41
C ASN D 767 33.83 -22.28 -24.21
N GLN D 768 34.53 -23.31 -23.74
CA GLN D 768 35.58 -23.94 -24.52
C GLN D 768 35.46 -25.45 -24.46
N ARG D 769 35.98 -26.12 -25.48
CA ARG D 769 35.86 -27.57 -25.58
C ARG D 769 37.26 -28.12 -25.82
N LEU D 770 37.68 -29.03 -24.95
CA LEU D 770 39.05 -29.54 -25.01
C LEU D 770 39.10 -31.00 -25.46
N SER D 771 40.13 -31.32 -26.24
CA SER D 771 40.41 -32.67 -26.68
C SER D 771 40.36 -33.70 -25.56
N VAL D 772 39.54 -34.74 -25.76
CA VAL D 772 39.37 -35.82 -24.80
C VAL D 772 40.68 -36.55 -24.48
N PRO D 773 41.45 -36.96 -25.52
CA PRO D 773 42.68 -37.71 -25.21
C PRO D 773 43.66 -36.96 -24.32
N ILE D 774 43.91 -35.69 -24.64
CA ILE D 774 44.81 -34.88 -23.82
C ILE D 774 44.32 -34.77 -22.37
N MET D 775 43.05 -34.43 -22.18
CA MET D 775 42.52 -34.19 -20.84
C MET D 775 42.50 -35.46 -19.99
N ARG D 776 42.21 -36.59 -20.62
CA ARG D 776 42.19 -37.86 -19.91
C ARG D 776 43.55 -38.56 -19.85
N SER D 777 44.59 -37.94 -20.40
CA SER D 777 45.94 -38.49 -20.30
C SER D 777 46.55 -38.12 -18.96
N LYS D 778 47.73 -38.68 -18.66
CA LYS D 778 48.40 -38.35 -17.40
C LYS D 778 48.94 -36.92 -17.39
N HIS D 779 49.00 -36.30 -18.56
CA HIS D 779 49.40 -34.91 -18.68
C HIS D 779 48.23 -33.94 -18.56
N GLY D 780 47.02 -34.46 -18.44
CA GLY D 780 45.84 -33.63 -18.43
C GLY D 780 45.85 -32.56 -17.36
N PHE D 781 46.16 -32.92 -16.13
CA PHE D 781 46.02 -31.99 -15.02
C PHE D 781 47.02 -30.83 -15.15
N GLU D 782 48.26 -31.17 -15.49
CA GLU D 782 49.32 -30.16 -15.64
C GLU D 782 48.97 -29.14 -16.72
N ILE D 783 48.46 -29.62 -17.84
CA ILE D 783 48.10 -28.71 -18.93
C ILE D 783 46.90 -27.85 -18.52
N TRP D 784 45.91 -28.47 -17.88
CA TRP D 784 44.72 -27.74 -17.44
C TRP D 784 45.05 -26.71 -16.36
N ASN D 785 45.87 -27.12 -15.40
CA ASN D 785 46.30 -26.23 -14.33
C ASN D 785 47.09 -25.04 -14.88
N SER D 786 47.89 -25.29 -15.91
CA SER D 786 48.62 -24.22 -16.60
C SER D 786 47.69 -23.30 -17.37
N TYR D 787 46.71 -23.89 -18.06
CA TYR D 787 45.65 -23.13 -18.74
C TYR D 787 44.97 -22.17 -17.76
N ILE D 788 44.55 -22.68 -16.61
CA ILE D 788 43.83 -21.88 -15.62
C ILE D 788 44.71 -20.77 -15.05
N LYS D 789 45.97 -21.10 -14.76
CA LYS D 789 46.92 -20.09 -14.28
C LYS D 789 47.06 -18.96 -15.30
N THR D 790 47.13 -19.31 -16.57
CA THR D 790 47.34 -18.34 -17.63
C THR D 790 46.08 -17.49 -17.81
N TRP D 791 44.94 -18.17 -17.85
CA TRP D 791 43.63 -17.54 -17.94
C TRP D 791 43.43 -16.53 -16.81
N HIS D 792 43.89 -16.90 -15.62
CA HIS D 792 43.83 -16.04 -14.44
C HIS D 792 44.70 -14.80 -14.59
N ASP D 793 45.93 -15.00 -15.05
CA ASP D 793 46.86 -13.89 -15.29
C ASP D 793 46.34 -12.93 -16.35
N LEU D 794 45.60 -13.46 -17.32
CA LEU D 794 45.03 -12.63 -18.37
C LEU D 794 43.81 -11.85 -17.89
N ASN D 795 43.44 -12.06 -16.63
CA ASN D 795 42.31 -11.36 -16.01
C ASN D 795 41.01 -11.62 -16.74
N ILE D 796 40.80 -12.88 -17.11
CA ILE D 796 39.56 -13.28 -17.77
C ILE D 796 38.55 -13.69 -16.70
N ASP D 797 37.29 -13.32 -16.90
CA ASP D 797 36.30 -13.46 -15.83
C ASP D 797 35.91 -14.91 -15.59
N HIS D 798 35.76 -15.68 -16.67
CA HIS D 798 35.14 -17.00 -16.57
C HIS D 798 35.63 -17.94 -17.66
N VAL D 799 35.61 -19.24 -17.36
CA VAL D 799 35.72 -20.26 -18.40
C VAL D 799 35.10 -21.57 -17.90
N GLN D 800 34.52 -22.34 -18.83
CA GLN D 800 33.97 -23.65 -18.51
C GLN D 800 34.18 -24.58 -19.70
N PHE D 801 34.27 -25.87 -19.43
CA PHE D 801 34.78 -26.80 -20.44
C PHE D 801 33.85 -27.97 -20.74
N ASN D 802 33.64 -28.22 -22.03
CA ASN D 802 33.17 -29.51 -22.50
C ASN D 802 34.36 -30.44 -22.77
N VAL D 803 34.22 -31.71 -22.40
CA VAL D 803 35.23 -32.72 -22.69
C VAL D 803 34.49 -33.97 -23.16
N VAL D 804 34.22 -34.02 -24.45
CA VAL D 804 33.32 -35.01 -25.02
C VAL D 804 33.60 -35.18 -26.51
N SER D 805 33.73 -36.43 -26.95
CA SER D 805 33.98 -36.71 -28.35
C SER D 805 32.72 -36.53 -29.19
N THR D 806 32.90 -36.06 -30.42
CA THR D 806 31.80 -35.94 -31.37
C THR D 806 31.19 -37.31 -31.69
N ASP D 807 32.05 -38.31 -31.78
CA ASP D 807 31.62 -39.68 -32.01
C ASP D 807 30.54 -40.09 -31.01
N GLU D 808 30.78 -39.80 -29.74
CA GLU D 808 29.87 -40.21 -28.69
C GLU D 808 28.53 -39.48 -28.76
N MET D 809 28.59 -38.19 -29.05
CA MET D 809 27.38 -37.38 -29.20
C MET D 809 26.54 -37.84 -30.39
N ARG D 810 27.20 -38.14 -31.51
CA ARG D 810 26.49 -38.62 -32.69
C ARG D 810 25.84 -39.97 -32.40
N ALA D 811 26.57 -40.83 -31.70
CA ALA D 811 26.05 -42.11 -31.27
C ALA D 811 24.82 -41.94 -30.38
N ALA D 812 24.86 -40.93 -29.52
CA ALA D 812 23.74 -40.65 -28.63
C ALA D 812 22.54 -40.07 -29.36
N GLN D 813 22.76 -39.45 -30.51
CA GLN D 813 21.67 -39.04 -31.38
C GLN D 813 20.99 -40.23 -32.06
N ARG D 814 21.81 -41.16 -32.56
CA ARG D 814 21.29 -42.35 -33.25
C ARG D 814 20.53 -43.26 -32.31
N GLU D 815 21.05 -43.41 -31.10
CA GLU D 815 20.59 -44.41 -30.14
C GLU D 815 20.54 -43.82 -28.74
N PRO D 816 19.60 -42.89 -28.51
CA PRO D 816 19.55 -42.19 -27.22
C PRO D 816 19.42 -43.12 -26.01
N GLU D 817 18.75 -44.26 -26.20
CA GLU D 817 18.48 -45.16 -25.10
C GLU D 817 19.75 -45.84 -24.57
N LYS D 818 20.82 -45.79 -25.35
CA LYS D 818 22.09 -46.39 -24.95
C LYS D 818 23.07 -45.38 -24.35
N HIS D 819 22.65 -44.13 -24.21
CA HIS D 819 23.54 -43.05 -23.78
C HIS D 819 22.94 -42.16 -22.71
N HIS D 820 22.25 -42.77 -21.76
CA HIS D 820 21.54 -42.05 -20.71
C HIS D 820 22.45 -41.24 -19.79
N ASP D 821 23.69 -41.71 -19.58
CA ASP D 821 24.58 -41.03 -18.65
C ASP D 821 25.52 -40.05 -19.33
N LEU D 822 25.26 -39.73 -20.59
CA LEU D 822 26.07 -38.72 -21.26
C LEU D 822 25.64 -37.33 -20.81
N ILE D 823 26.55 -36.63 -20.14
CA ILE D 823 26.29 -35.26 -19.70
C ILE D 823 27.19 -34.30 -20.48
N VAL D 824 26.64 -33.17 -20.90
CA VAL D 824 27.45 -32.16 -21.57
C VAL D 824 27.18 -30.78 -21.01
N ARG D 825 28.12 -29.87 -21.24
CA ARG D 825 27.93 -28.47 -20.92
C ARG D 825 27.15 -27.78 -22.03
N VAL D 826 26.10 -27.06 -21.66
CA VAL D 826 25.44 -26.16 -22.58
C VAL D 826 26.09 -24.79 -22.37
N SER D 827 25.42 -23.91 -21.63
CA SER D 827 25.98 -22.59 -21.34
C SER D 827 25.58 -22.09 -19.95
N GLY D 828 26.48 -22.25 -18.99
CA GLY D 828 26.21 -21.86 -17.61
C GLY D 828 25.56 -22.96 -16.79
N TYR D 829 25.19 -24.05 -17.45
CA TYR D 829 24.59 -25.20 -16.79
C TYR D 829 24.90 -26.47 -17.60
N SER D 830 24.79 -27.64 -16.99
CA SER D 830 25.00 -28.89 -17.71
C SER D 830 23.68 -29.62 -17.92
N ALA D 831 23.65 -30.51 -18.91
CA ALA D 831 22.41 -31.19 -19.28
C ALA D 831 22.64 -32.66 -19.66
N ARG D 832 21.58 -33.45 -19.58
CA ARG D 832 21.56 -34.80 -20.13
C ARG D 832 21.41 -34.67 -21.65
N PHE D 833 22.45 -35.08 -22.37
CA PHE D 833 22.54 -34.83 -23.82
C PHE D 833 21.33 -35.34 -24.58
N VAL D 834 20.87 -36.55 -24.24
CA VAL D 834 19.75 -37.15 -24.96
C VAL D 834 18.42 -36.45 -24.67
N ASP D 835 18.40 -35.54 -23.69
CA ASP D 835 17.19 -34.77 -23.40
C ASP D 835 17.21 -33.39 -24.06
N ILE D 836 18.27 -33.12 -24.82
CA ILE D 836 18.36 -31.89 -25.58
C ILE D 836 17.79 -32.13 -26.96
N PRO D 837 17.03 -31.15 -27.49
CA PRO D 837 16.55 -31.35 -28.86
C PRO D 837 17.69 -31.40 -29.85
N THR D 838 17.44 -32.00 -31.02
CA THR D 838 18.46 -32.22 -32.02
C THR D 838 19.12 -30.91 -32.43
N TYR D 839 18.31 -29.87 -32.54
CA TYR D 839 18.75 -28.53 -32.93
C TYR D 839 19.85 -28.07 -31.97
N GLY D 840 19.57 -28.19 -30.67
CA GLY D 840 20.51 -27.81 -29.64
C GLY D 840 21.73 -28.72 -29.57
N GLN D 841 21.51 -30.01 -29.78
CA GLN D 841 22.60 -30.98 -29.75
C GLN D 841 23.65 -30.64 -30.79
N ASN D 842 23.19 -30.27 -31.98
CA ASN D 842 24.08 -29.97 -33.09
C ASN D 842 24.94 -28.73 -32.86
N THR D 843 24.41 -27.76 -32.12
CA THR D 843 25.19 -26.57 -31.77
C THR D 843 26.34 -26.91 -30.84
N ILE D 844 26.16 -27.91 -29.99
CA ILE D 844 27.21 -28.33 -29.07
C ILE D 844 28.27 -29.15 -29.79
N ILE D 845 27.84 -30.03 -30.69
CA ILE D 845 28.76 -30.79 -31.52
C ILE D 845 29.62 -29.86 -32.38
N ALA D 846 29.01 -28.75 -32.82
CA ALA D 846 29.71 -27.81 -33.70
C ALA D 846 30.77 -26.98 -32.99
N ARG D 847 30.75 -26.96 -31.65
CA ARG D 847 31.79 -26.25 -30.91
C ARG D 847 33.15 -26.89 -31.15
N GLN D 848 34.15 -26.06 -31.44
CA GLN D 848 35.45 -26.56 -31.82
C GLN D 848 36.14 -27.31 -30.68
N GLU D 849 36.51 -28.57 -30.92
CA GLU D 849 37.27 -29.33 -29.95
C GLU D 849 38.73 -28.90 -30.06
N GLN D 850 39.26 -28.30 -29.00
CA GLN D 850 40.58 -27.67 -29.07
C GLN D 850 41.73 -28.65 -28.78
N ASP D 851 42.72 -28.64 -29.67
CA ASP D 851 43.98 -29.33 -29.43
C ASP D 851 45.05 -28.32 -29.07
N PHE D 852 46.08 -28.76 -28.37
CA PHE D 852 47.16 -27.86 -28.01
C PHE D 852 48.41 -28.14 -28.82
N SER D 853 48.88 -27.12 -29.53
CA SER D 853 50.14 -27.20 -30.24
C SER D 853 51.25 -26.96 -29.23
N ALA D 854 52.49 -27.18 -29.64
CA ALA D 854 53.60 -27.00 -28.72
C ALA D 854 53.75 -25.51 -28.39
N SER D 855 53.40 -24.66 -29.34
CA SER D 855 53.40 -23.21 -29.08
C SER D 855 52.30 -22.83 -28.08
N ASP D 856 51.12 -23.46 -28.20
CA ASP D 856 50.09 -23.32 -27.17
C ASP D 856 50.60 -23.63 -25.78
N LEU D 857 51.28 -24.76 -25.64
CA LEU D 857 51.77 -25.22 -24.35
C LEU D 857 52.84 -24.30 -23.77
N GLU D 858 53.70 -23.78 -24.65
CA GLU D 858 54.71 -22.80 -24.26
C GLU D 858 54.06 -21.50 -23.77
N PHE D 859 53.04 -21.03 -24.49
CA PHE D 859 52.29 -19.84 -24.10
C PHE D 859 51.70 -20.01 -22.70
N LEU D 860 51.22 -21.21 -22.41
CA LEU D 860 50.64 -21.53 -21.11
C LEU D 860 51.71 -21.79 -20.05
N ASN D 861 52.98 -21.76 -20.47
CA ASN D 861 54.11 -22.09 -19.61
C ASN D 861 53.97 -23.47 -18.95
N VAL D 862 53.47 -24.43 -19.71
CA VAL D 862 53.38 -25.82 -19.24
C VAL D 862 54.74 -26.42 -18.93
N GLU D 863 54.84 -27.12 -17.81
CA GLU D 863 56.03 -27.89 -17.46
C GLU D 863 55.67 -29.37 -17.27
N ILE D 864 56.32 -30.24 -18.03
CA ILE D 864 56.10 -31.67 -17.88
C ILE D 864 57.27 -32.36 -17.18
N GLN E 13 0.33 -18.59 -50.48
CA GLN E 13 -0.58 -19.22 -49.52
C GLN E 13 0.14 -20.26 -48.67
N ASN E 14 1.44 -20.40 -48.91
CA ASN E 14 2.28 -21.26 -48.08
C ASN E 14 2.93 -20.46 -46.96
N GLN E 15 2.43 -19.25 -46.74
CA GLN E 15 2.81 -18.44 -45.60
C GLN E 15 1.58 -18.14 -44.75
N PRO E 16 1.76 -17.97 -43.43
CA PRO E 16 0.61 -17.77 -42.53
C PRO E 16 -0.28 -16.62 -42.99
N HIS E 17 -1.58 -16.88 -43.02
CA HIS E 17 -2.56 -15.87 -43.41
C HIS E 17 -3.87 -16.06 -42.65
N THR E 18 -4.57 -14.95 -42.43
CA THR E 18 -5.84 -14.98 -41.72
C THR E 18 -6.89 -15.78 -42.50
N GLU E 19 -7.70 -16.53 -41.76
CA GLU E 19 -8.78 -17.32 -42.33
C GLU E 19 -9.78 -17.62 -41.24
N VAL E 20 -10.70 -16.67 -41.02
CA VAL E 20 -11.60 -16.70 -39.87
C VAL E 20 -12.34 -18.03 -39.75
N GLY E 21 -12.37 -18.58 -38.53
CA GLY E 21 -12.97 -19.87 -38.28
C GLY E 21 -12.49 -20.94 -39.25
N THR E 22 -11.17 -21.12 -39.32
CA THR E 22 -10.62 -22.13 -40.20
C THR E 22 -10.70 -23.52 -39.58
N ALA E 23 -10.89 -24.53 -40.41
CA ALA E 23 -10.90 -25.91 -39.97
C ALA E 23 -9.48 -26.37 -39.64
N ARG E 24 -8.51 -25.58 -40.09
CA ARG E 24 -7.10 -25.92 -39.93
C ARG E 24 -6.30 -24.79 -39.29
N PRO E 25 -6.58 -24.50 -38.01
CA PRO E 25 -5.88 -23.45 -37.25
C PRO E 25 -4.45 -23.85 -36.95
N CYS E 26 -3.56 -22.85 -36.89
CA CYS E 26 -2.19 -23.02 -36.41
C CYS E 26 -2.10 -23.84 -35.12
N ARG E 27 -3.06 -23.62 -34.22
CA ARG E 27 -3.11 -24.27 -32.91
C ARG E 27 -3.00 -25.80 -32.95
N SER E 28 -3.53 -26.41 -34.01
CA SER E 28 -3.53 -27.86 -34.08
C SER E 28 -2.39 -28.40 -34.96
N CYS E 29 -1.61 -27.48 -35.53
CA CYS E 29 -0.55 -27.87 -36.46
C CYS E 29 0.71 -28.36 -35.76
N LYS E 30 1.31 -29.42 -36.29
CA LYS E 30 2.52 -29.97 -35.69
C LYS E 30 3.70 -28.99 -35.77
N TRP E 31 3.64 -28.04 -36.70
CA TRP E 31 4.75 -27.09 -36.86
C TRP E 31 4.67 -25.95 -35.84
N GLN E 32 3.49 -25.77 -35.27
CA GLN E 32 3.28 -24.72 -34.28
C GLN E 32 3.72 -25.14 -32.87
N THR E 33 4.33 -24.22 -32.14
CA THR E 33 4.52 -24.36 -30.71
C THR E 33 4.17 -23.02 -30.09
N PRO E 34 3.56 -23.03 -28.89
CA PRO E 34 3.07 -21.77 -28.33
C PRO E 34 4.17 -20.74 -28.07
N ASP E 35 3.81 -19.47 -28.16
CA ASP E 35 4.65 -18.34 -27.77
C ASP E 35 5.20 -18.50 -26.35
N PRO E 36 6.44 -18.06 -26.12
CA PRO E 36 7.08 -18.27 -24.82
C PRO E 36 6.39 -17.51 -23.66
N THR E 37 5.68 -16.42 -23.97
CA THR E 37 5.07 -15.59 -22.93
C THR E 37 3.54 -15.68 -22.89
N ASP E 38 2.91 -15.54 -24.06
CA ASP E 38 1.45 -15.43 -24.18
C ASP E 38 0.87 -16.59 -25.00
N PRO E 39 0.12 -17.49 -24.34
CA PRO E 39 -0.34 -18.71 -25.02
C PRO E 39 -1.40 -18.45 -26.10
N HIS E 40 -1.86 -17.20 -26.22
CA HIS E 40 -2.71 -16.77 -27.31
C HIS E 40 -1.93 -16.64 -28.61
N ARG E 41 -0.62 -16.48 -28.48
CA ARG E 41 0.28 -16.35 -29.62
C ARG E 41 0.96 -17.68 -29.92
N GLY E 42 1.58 -17.78 -31.09
CA GLY E 42 2.24 -19.01 -31.48
C GLY E 42 3.56 -18.83 -32.21
N GLN E 43 4.27 -19.94 -32.38
CA GLN E 43 5.52 -19.97 -33.15
C GLN E 43 5.43 -20.97 -34.30
N CYS E 44 5.57 -20.49 -35.53
CA CYS E 44 5.62 -21.38 -36.67
C CYS E 44 7.03 -21.85 -36.98
N THR E 45 7.23 -23.16 -36.95
CA THR E 45 8.57 -23.70 -37.14
C THR E 45 8.70 -24.39 -38.50
N ALA E 46 7.77 -24.10 -39.40
CA ALA E 46 7.71 -24.84 -40.66
C ALA E 46 8.88 -24.57 -41.59
N ASN E 47 9.39 -23.34 -41.55
CA ASN E 47 10.48 -22.93 -42.43
C ASN E 47 11.80 -23.50 -41.96
N ARG E 48 12.05 -24.76 -42.29
CA ARG E 48 13.29 -25.41 -41.87
C ARG E 48 14.30 -25.48 -43.01
N HIS E 49 15.49 -24.93 -42.74
CA HIS E 49 16.54 -24.79 -43.74
C HIS E 49 17.39 -26.07 -43.80
N ALA E 50 17.98 -26.32 -44.96
CA ALA E 50 18.85 -27.49 -45.14
C ALA E 50 20.10 -27.48 -44.26
N MET E 51 20.54 -26.31 -43.84
CA MET E 51 21.75 -26.20 -43.03
C MET E 51 21.42 -26.24 -41.54
N GLY E 52 20.17 -26.53 -41.21
CA GLY E 52 19.77 -26.75 -39.84
C GLY E 52 18.95 -25.66 -39.17
N GLY E 53 18.95 -24.46 -39.75
CA GLY E 53 18.14 -23.37 -39.24
C GLY E 53 16.68 -23.73 -39.09
N VAL E 54 16.09 -23.28 -37.99
CA VAL E 54 14.64 -23.33 -37.84
C VAL E 54 14.12 -21.90 -37.80
N TRP E 55 13.71 -21.40 -38.96
CA TRP E 55 13.44 -19.98 -39.14
C TRP E 55 11.99 -19.66 -38.81
N LYS E 56 11.74 -19.38 -37.53
CA LYS E 56 10.39 -19.27 -37.02
C LYS E 56 9.66 -18.04 -37.52
N ARG E 57 8.33 -18.13 -37.51
CA ARG E 57 7.47 -16.98 -37.77
C ARG E 57 6.52 -16.81 -36.60
N TRP E 58 6.36 -15.58 -36.14
CA TRP E 58 5.49 -15.28 -35.02
C TRP E 58 4.03 -15.29 -35.44
N LEU E 59 3.18 -15.92 -34.65
CA LEU E 59 1.76 -16.02 -34.95
C LEU E 59 0.92 -15.18 -33.99
N ARG E 60 0.30 -14.12 -34.51
CA ARG E 60 -0.55 -13.24 -33.71
C ARG E 60 -1.77 -13.93 -33.14
N ASP E 61 -2.28 -14.91 -33.88
CA ASP E 61 -3.49 -15.61 -33.50
C ASP E 61 -3.46 -17.02 -34.08
N VAL E 62 -3.62 -18.01 -33.22
CA VAL E 62 -3.50 -19.40 -33.64
C VAL E 62 -4.86 -20.07 -33.86
N GLU E 63 -5.93 -19.30 -33.70
CA GLU E 63 -7.28 -19.84 -33.93
C GLU E 63 -7.79 -19.51 -35.32
N ASN E 64 -7.30 -18.41 -35.88
CA ASN E 64 -7.84 -17.92 -37.16
C ASN E 64 -6.75 -17.72 -38.21
N THR E 65 -5.63 -18.42 -38.05
CA THR E 65 -4.57 -18.36 -39.04
C THR E 65 -4.25 -19.77 -39.56
N THR E 66 -3.77 -19.86 -40.79
CA THR E 66 -3.45 -21.13 -41.43
C THR E 66 -2.55 -20.89 -42.65
N CYS E 67 -2.02 -21.96 -43.21
CA CYS E 67 -1.41 -21.90 -44.54
C CYS E 67 -1.52 -23.29 -45.15
N SER E 68 -0.99 -23.47 -46.35
CA SER E 68 -1.14 -24.72 -47.08
C SER E 68 -0.30 -25.85 -46.49
N ARG E 69 0.73 -25.51 -45.72
CA ARG E 69 1.60 -26.53 -45.13
C ARG E 69 0.99 -27.16 -43.87
N HIS E 70 -0.21 -26.71 -43.49
CA HIS E 70 -0.86 -27.20 -42.28
C HIS E 70 -0.92 -28.71 -42.23
N GLU E 71 -0.48 -29.28 -41.12
CA GLU E 71 -0.55 -30.72 -40.90
C GLU E 71 -0.87 -30.99 -39.44
N GLU E 72 -2.02 -31.58 -39.18
CA GLU E 72 -2.44 -31.87 -37.81
C GLU E 72 -1.46 -32.84 -37.17
N GLY E 73 -1.21 -32.67 -35.87
CA GLY E 73 -0.24 -33.50 -35.19
C GLY E 73 0.58 -32.76 -34.17
N LYS E 74 1.61 -33.44 -33.66
CA LYS E 74 2.50 -32.88 -32.65
C LYS E 74 3.89 -33.48 -32.78
N LEU E 75 4.90 -32.62 -32.88
CA LEU E 75 6.29 -33.06 -32.97
C LEU E 75 6.79 -33.36 -31.56
N SER E 76 7.74 -34.27 -31.43
CA SER E 76 8.33 -34.49 -30.12
C SER E 76 9.30 -33.36 -29.85
N PHE E 77 9.80 -33.28 -28.61
CA PHE E 77 10.76 -32.23 -28.25
C PHE E 77 11.99 -32.26 -29.14
N ARG E 78 12.38 -33.46 -29.58
CA ARG E 78 13.58 -33.66 -30.37
C ARG E 78 13.58 -32.81 -31.63
N ASP E 79 12.39 -32.57 -32.17
CA ASP E 79 12.28 -31.87 -33.44
C ASP E 79 11.93 -30.39 -33.31
N HIS E 80 11.91 -29.89 -32.08
CA HIS E 80 11.64 -28.47 -31.83
C HIS E 80 12.93 -27.80 -31.37
N VAL E 81 12.89 -26.48 -31.21
CA VAL E 81 14.05 -25.75 -30.69
C VAL E 81 13.97 -25.67 -29.16
N ASN F 11 -5.47 -44.97 5.50
CA ASN F 11 -4.96 -45.15 6.85
C ASN F 11 -4.97 -43.85 7.65
N PHE F 12 -5.51 -43.93 8.87
CA PHE F 12 -5.93 -42.77 9.63
C PHE F 12 -5.09 -42.68 10.91
N PHE F 13 -4.28 -41.64 11.05
CA PHE F 13 -3.46 -41.46 12.25
C PHE F 13 -3.70 -40.11 12.95
N PRO F 14 -4.41 -40.13 14.08
CA PRO F 14 -4.67 -38.92 14.86
C PRO F 14 -3.40 -38.11 15.15
N VAL F 15 -3.48 -36.80 15.00
CA VAL F 15 -2.35 -35.94 15.26
C VAL F 15 -2.07 -35.92 16.76
N PRO F 16 -0.83 -36.20 17.17
CA PRO F 16 -0.41 -36.10 18.58
C PRO F 16 -0.87 -34.78 19.17
N LYS F 17 -1.46 -34.81 20.36
CA LYS F 17 -2.13 -33.64 20.88
C LYS F 17 -1.15 -32.54 21.31
N ASP F 18 0.12 -32.91 21.44
CA ASP F 18 1.17 -31.93 21.73
C ASP F 18 1.91 -31.42 20.48
N ALA F 19 1.42 -31.76 19.30
CA ALA F 19 2.03 -31.30 18.05
C ALA F 19 1.72 -29.83 17.77
N ASP F 20 2.65 -29.16 17.09
CA ASP F 20 2.43 -27.78 16.65
C ASP F 20 1.17 -27.57 15.83
N ASP F 21 0.79 -28.59 15.05
CA ASP F 21 -0.35 -28.45 14.16
C ASP F 21 -1.59 -29.16 14.68
N TYR F 22 -1.58 -29.53 15.96
CA TYR F 22 -2.75 -30.19 16.52
C TYR F 22 -3.98 -29.28 16.56
N GLU F 23 -5.09 -29.81 16.08
CA GLU F 23 -6.40 -29.22 16.27
C GLU F 23 -7.34 -30.39 16.54
N ALA F 24 -8.43 -30.14 17.27
CA ALA F 24 -9.32 -31.23 17.66
C ALA F 24 -9.90 -31.91 16.43
N GLY F 25 -9.82 -33.25 16.42
CA GLY F 25 -10.33 -34.04 15.31
C GLY F 25 -9.37 -34.20 14.14
N LYS F 26 -8.21 -33.57 14.22
CA LYS F 26 -7.25 -33.58 13.11
C LYS F 26 -6.45 -34.89 13.06
N ALA F 27 -6.22 -35.40 11.85
CA ALA F 27 -5.39 -36.59 11.68
C ALA F 27 -4.59 -36.58 10.37
N ASP F 28 -3.50 -37.34 10.33
CA ASP F 28 -2.79 -37.58 9.08
C ASP F 28 -3.39 -38.77 8.36
N CYS F 29 -3.82 -38.57 7.12
CA CYS F 29 -4.20 -39.69 6.28
C CYS F 29 -2.99 -40.11 5.46
N VAL F 30 -2.53 -41.34 5.69
CA VAL F 30 -1.28 -41.79 5.11
C VAL F 30 -1.56 -42.98 4.21
N ARG F 31 -1.07 -42.92 2.98
CA ARG F 31 -1.22 -44.05 2.08
C ARG F 31 0.08 -44.32 1.33
N GLU F 32 0.28 -45.58 1.01
CA GLU F 32 1.45 -46.01 0.26
C GLU F 32 1.08 -46.08 -1.22
N LYS F 33 1.97 -45.60 -2.07
CA LYS F 33 1.79 -45.74 -3.50
C LYS F 33 3.06 -46.30 -4.13
N GLU F 34 2.92 -46.90 -5.31
CA GLU F 34 4.08 -47.36 -6.05
C GLU F 34 3.82 -47.27 -7.56
N ASP F 35 4.79 -46.71 -8.28
CA ASP F 35 4.69 -46.63 -9.73
C ASP F 35 5.96 -47.18 -10.37
N GLU F 36 6.15 -46.91 -11.66
CA GLU F 36 7.30 -47.43 -12.40
C GLU F 36 8.63 -47.08 -11.74
N LYS F 37 8.71 -45.90 -11.15
CA LYS F 37 9.95 -45.44 -10.52
C LYS F 37 10.20 -46.10 -9.17
N GLY F 38 9.19 -46.10 -8.30
CA GLY F 38 9.36 -46.70 -6.99
C GLY F 38 8.25 -46.46 -6.00
N LYS F 39 8.52 -46.80 -4.75
CA LYS F 39 7.54 -46.76 -3.67
C LYS F 39 7.60 -45.40 -2.96
N TYR F 40 6.44 -44.87 -2.56
CA TYR F 40 6.43 -43.67 -1.73
C TYR F 40 5.19 -43.58 -0.85
N TRP F 41 5.21 -42.64 0.09
CA TRP F 41 4.10 -42.41 1.01
C TRP F 41 3.62 -40.97 1.00
N LEU F 42 2.30 -40.79 1.01
CA LEU F 42 1.68 -39.48 1.06
C LEU F 42 0.99 -39.22 2.40
N SER F 43 1.22 -38.04 2.98
CA SER F 43 0.56 -37.69 4.24
C SER F 43 -0.21 -36.38 4.12
N LYS F 44 -1.53 -36.50 4.14
CA LYS F 44 -2.45 -35.36 4.01
C LYS F 44 -3.26 -35.16 5.28
N PRO F 45 -3.32 -33.92 5.78
CA PRO F 45 -4.08 -33.72 7.02
C PRO F 45 -5.58 -33.72 6.75
N ILE F 46 -6.35 -34.40 7.59
CA ILE F 46 -7.80 -34.45 7.45
C ILE F 46 -8.49 -34.25 8.79
N PHE F 47 -9.82 -34.15 8.76
CA PHE F 47 -10.59 -34.12 10.00
C PHE F 47 -11.65 -35.22 10.05
OXT FUM G . -13.56 18.23 16.83
C FUM G . -13.05 19.04 16.02
O FUM G . -12.69 18.70 14.88
C4 FUM G . -12.87 20.44 16.43
C5 FUM G . -13.20 21.38 15.55
C6 FUM G . -13.07 22.83 15.82
O7 FUM G . -12.58 23.58 14.94
O8 FUM G . -13.47 23.28 16.91
C MBN H . -16.35 20.95 17.12
C1 MBN H . -16.46 19.62 17.80
C2 MBN H . -16.08 19.48 19.12
C3 MBN H . -16.17 18.25 19.77
C4 MBN H . -16.66 17.15 19.07
C5 MBN H . -17.04 17.28 17.73
C6 MBN H . -16.94 18.51 17.10
FE1 SF4 I . -33.76 -0.56 31.96
FE2 SF4 I . -31.43 0.37 33.05
FE3 SF4 I . -31.50 -2.06 31.81
FE4 SF4 I . -32.75 -1.73 34.20
S1 SF4 I . -30.52 -1.57 33.81
S2 SF4 I . -33.58 -2.78 32.36
S3 SF4 I . -33.50 0.41 34.01
S4 SF4 I . -31.85 -0.03 30.84
OXT FUM J . 18.87 -14.01 -13.66
C FUM J . 19.49 -14.03 -14.75
O FUM J . 18.98 -13.62 -15.82
C4 FUM J . 20.87 -14.55 -14.77
C5 FUM J . 21.54 -14.67 -13.64
C6 FUM J . 22.92 -15.19 -13.62
O7 FUM J . 23.45 -15.54 -14.69
O8 FUM J . 23.52 -15.27 -12.52
C MBN K . 20.98 -17.42 -16.59
C1 MBN K . 19.66 -17.04 -17.20
C2 MBN K . 18.49 -17.41 -16.56
C3 MBN K . 17.25 -17.07 -17.13
C4 MBN K . 17.20 -16.38 -18.32
C5 MBN K . 18.39 -16.01 -18.96
C6 MBN K . 19.61 -16.35 -18.40
FE1 SF4 L . 1.19 -24.72 -39.37
FE2 SF4 L . 2.84 -22.56 -39.56
FE3 SF4 L . 0.22 -22.22 -38.92
FE4 SF4 L . 0.90 -22.97 -41.45
S1 SF4 L . 1.42 -21.00 -40.43
S2 SF4 L . -0.76 -23.85 -40.17
S3 SF4 L . 2.71 -24.29 -41.03
S4 SF4 L . 1.78 -23.31 -37.69
#